data_3FDU
#
_entry.id   3FDU
#
_cell.length_a   84.584
_cell.length_b   71.731
_cell.length_c   132.885
_cell.angle_alpha   90.000
_cell.angle_beta   91.360
_cell.angle_gamma   90.000
#
_symmetry.space_group_name_H-M   'P 1 21 1'
#
loop_
_entity.id
_entity.type
_entity.pdbx_description
1 polymer 'Putative enoyl-CoA hydratase/isomerase'
2 non-polymer 'SULFATE ION'
3 non-polymer GLYCEROL
4 water water
#
_entity_poly.entity_id   1
_entity_poly.type   'polypeptide(L)'
_entity_poly.pdbx_seq_one_letter_code
;MSLHPHLNANLEGGVLTLAINRPEAKNALYGELYLWIAKALDEADQNKDVRVVVLRGAEHDFTAGNDMKDFMGFVQNPNA
GPAGQVPPFVLLKSAARLSKPLIIAVKGVAIGIGVTILLQADLVFADNTALFQIPFVSLGLSPEGGASQLLVKQAGYHKA
AELLFTAKKFNAETALQAGLVNEIVEDAYATAQATAQHLTALPLASLKQTKALMKHDLDQIIECIDHEAEIFMQRVQSPE
MLEAVQAFMQKRQPDFSQEGHHHHHH
;
_entity_poly.pdbx_strand_id   A,B,C,D,E,F
#
loop_
_chem_comp.id
_chem_comp.type
_chem_comp.name
_chem_comp.formula
GOL non-polymer GLYCEROL 'C3 H8 O3'
SO4 non-polymer 'SULFATE ION' 'O4 S -2'
#
# COMPACT_ATOMS: atom_id res chain seq x y z
N SER A 2 12.54 -41.66 25.52
CA SER A 2 12.39 -42.29 26.85
C SER A 2 11.47 -41.40 27.71
N LEU A 3 10.66 -42.04 28.56
CA LEU A 3 9.77 -41.31 29.48
C LEU A 3 10.55 -40.82 30.74
N HIS A 4 10.34 -39.56 31.12
CA HIS A 4 11.05 -38.99 32.28
C HIS A 4 10.15 -37.98 32.94
N PRO A 5 10.35 -37.75 34.22
CA PRO A 5 9.51 -36.77 34.88
C PRO A 5 9.90 -35.36 34.39
N HIS A 6 9.03 -34.38 34.58
CA HIS A 6 9.31 -32.94 34.38
C HIS A 6 9.37 -32.51 32.94
N LEU A 7 8.92 -33.40 32.05
CA LEU A 7 8.89 -33.07 30.63
C LEU A 7 7.78 -33.88 29.96
N ASN A 8 6.73 -33.20 29.52
CA ASN A 8 5.61 -33.87 28.91
C ASN A 8 5.73 -33.75 27.39
N ALA A 9 5.43 -34.81 26.63
CA ALA A 9 5.54 -34.73 25.18
C ALA A 9 4.22 -35.14 24.60
N ASN A 10 3.76 -34.39 23.61
CA ASN A 10 2.51 -34.68 22.92
C ASN A 10 2.76 -34.47 21.44
N LEU A 11 2.34 -35.42 20.63
CA LEU A 11 2.46 -35.31 19.21
C LEU A 11 1.08 -35.43 18.60
N GLU A 12 0.66 -34.39 17.91
CA GLU A 12 -0.62 -34.43 17.22
C GLU A 12 -0.56 -33.61 15.94
N GLY A 13 -1.05 -34.19 14.84
CA GLY A 13 -1.07 -33.51 13.55
C GLY A 13 0.28 -32.94 13.12
N GLY A 14 1.36 -33.69 13.39
CA GLY A 14 2.74 -33.28 13.03
C GLY A 14 3.37 -32.24 13.98
N VAL A 15 2.60 -31.78 14.96
CA VAL A 15 3.11 -30.84 15.98
C VAL A 15 3.57 -31.52 17.28
N LEU A 16 4.86 -31.44 17.56
CA LEU A 16 5.37 -32.02 18.80
C LEU A 16 5.45 -30.92 19.85
N THR A 17 4.70 -31.04 20.95
CA THR A 17 4.73 -30.00 21.99
C THR A 17 5.53 -30.57 23.13
N LEU A 18 6.62 -29.91 23.48
CA LEU A 18 7.46 -30.31 24.62
C LEU A 18 7.20 -29.32 25.75
N ALA A 19 6.70 -29.80 26.87
CA ALA A 19 6.37 -28.87 27.92
C ALA A 19 7.09 -29.20 29.21
N ILE A 20 7.89 -28.24 29.67
CA ILE A 20 8.61 -28.35 30.93
C ILE A 20 7.61 -28.28 32.08
N ASN A 21 7.71 -29.24 32.98
CA ASN A 21 6.70 -29.38 34.02
C ASN A 21 7.37 -29.66 35.37
N ARG A 22 7.95 -28.64 35.97
CA ARG A 22 8.53 -28.77 37.28
C ARG A 22 8.12 -27.57 38.11
N PRO A 23 6.81 -27.45 38.40
CA PRO A 23 6.28 -26.24 39.09
C PRO A 23 6.84 -26.04 40.47
N GLU A 24 7.16 -27.09 41.20
CA GLU A 24 7.66 -26.85 42.56
C GLU A 24 8.91 -25.98 42.51
N ALA A 25 9.56 -25.91 41.35
CA ALA A 25 10.81 -25.15 41.26
C ALA A 25 10.72 -24.08 40.19
N LYS A 26 9.51 -23.70 39.80
CA LYS A 26 9.29 -22.81 38.64
C LYS A 26 10.17 -23.21 37.45
N ASN A 27 10.21 -24.51 37.19
CA ASN A 27 10.84 -25.02 35.98
C ASN A 27 12.37 -24.77 35.94
N ALA A 28 12.99 -24.58 37.09
CA ALA A 28 14.49 -24.59 37.10
C ALA A 28 15.00 -25.90 36.53
N LEU A 29 16.09 -25.83 35.76
CA LEU A 29 16.59 -27.04 35.07
C LEU A 29 17.82 -27.62 35.77
N TYR A 30 17.82 -28.94 35.97
CA TYR A 30 18.98 -29.65 36.51
C TYR A 30 19.67 -30.46 35.40
N GLY A 31 20.90 -30.90 35.67
CA GLY A 31 21.75 -31.63 34.71
C GLY A 31 21.03 -32.56 33.76
N GLU A 32 20.39 -33.56 34.34
CA GLU A 32 19.76 -34.61 33.53
C GLU A 32 18.51 -34.14 32.74
N LEU A 33 17.81 -33.15 33.24
CA LEU A 33 16.66 -32.61 32.52
C LEU A 33 17.14 -31.86 31.26
N TYR A 34 18.24 -31.09 31.37
CA TYR A 34 18.82 -30.52 30.13
C TYR A 34 19.04 -31.63 29.04
N LEU A 35 19.59 -32.78 29.46
CA LEU A 35 19.86 -33.87 28.51
C LEU A 35 18.61 -34.52 27.97
N TRP A 36 17.61 -34.69 28.84
CA TRP A 36 16.35 -35.25 28.37
C TRP A 36 15.72 -34.33 27.34
N ILE A 37 15.76 -33.01 27.61
CA ILE A 37 15.21 -32.09 26.59
C ILE A 37 16.04 -32.18 25.26
N ALA A 38 17.36 -32.20 25.39
CA ALA A 38 18.24 -32.34 24.20
C ALA A 38 17.94 -33.59 23.42
N LYS A 39 17.76 -34.72 24.11
CA LYS A 39 17.47 -35.96 23.39
C LYS A 39 16.17 -35.92 22.66
N ALA A 40 15.14 -35.35 23.31
CA ALA A 40 13.82 -35.20 22.65
C ALA A 40 13.87 -34.37 21.36
N LEU A 41 14.64 -33.28 21.38
CA LEU A 41 14.88 -32.50 20.15
C LEU A 41 15.57 -33.35 19.05
N ASP A 42 16.60 -34.09 19.46
CA ASP A 42 17.36 -34.93 18.52
C ASP A 42 16.41 -35.98 17.91
N GLU A 43 15.68 -36.68 18.76
CA GLU A 43 14.70 -37.67 18.25
C GLU A 43 13.57 -37.04 17.41
N ALA A 44 13.04 -35.88 17.83
CA ALA A 44 12.04 -35.22 16.99
C ALA A 44 12.56 -34.98 15.58
N ASP A 45 13.82 -34.63 15.43
CA ASP A 45 14.33 -34.26 14.11
C ASP A 45 14.41 -35.51 13.20
N GLN A 46 14.52 -36.69 13.81
CA GLN A 46 14.55 -37.98 13.09
C GLN A 46 13.15 -38.61 12.89
N ASN A 47 12.19 -38.09 13.63
CA ASN A 47 10.84 -38.68 13.64
C ASN A 47 10.02 -38.13 12.48
N LYS A 48 9.66 -39.01 11.54
CA LYS A 48 9.03 -38.55 10.31
C LYS A 48 7.60 -38.09 10.53
N ASP A 49 6.97 -38.48 11.63
CA ASP A 49 5.66 -37.91 11.99
C ASP A 49 5.75 -36.52 12.67
N VAL A 50 6.94 -36.00 12.94
CA VAL A 50 7.05 -34.65 13.52
C VAL A 50 7.46 -33.64 12.41
N ARG A 51 6.70 -32.56 12.25
CA ARG A 51 7.07 -31.51 11.28
C ARG A 51 7.51 -30.20 11.97
N VAL A 52 6.89 -29.89 13.13
CA VAL A 52 7.21 -28.66 13.94
C VAL A 52 7.34 -28.98 15.42
N VAL A 53 8.32 -28.36 16.08
CA VAL A 53 8.45 -28.51 17.51
C VAL A 53 8.05 -27.21 18.25
N VAL A 54 7.27 -27.37 19.32
CA VAL A 54 6.95 -26.24 20.19
C VAL A 54 7.51 -26.64 21.53
N LEU A 55 8.30 -25.76 22.12
CA LEU A 55 8.87 -25.92 23.47
C LEU A 55 8.34 -24.78 24.35
N ARG A 56 7.81 -25.11 25.52
CA ARG A 56 7.32 -24.11 26.43
C ARG A 56 7.26 -24.69 27.82
N GLY A 57 6.89 -23.89 28.79
CA GLY A 57 6.48 -24.47 30.08
C GLY A 57 5.08 -25.09 29.97
N ALA A 58 4.73 -25.92 30.94
CA ALA A 58 3.38 -26.52 31.02
C ALA A 58 2.35 -25.49 31.50
N GLU A 59 2.79 -24.54 32.32
CA GLU A 59 1.84 -23.66 33.01
C GLU A 59 2.25 -22.22 32.98
N HIS A 60 2.42 -21.60 34.15
CA HIS A 60 2.64 -20.13 34.23
C HIS A 60 4.07 -19.60 34.06
N ASP A 61 5.06 -20.48 33.95
CA ASP A 61 6.50 -20.11 33.79
C ASP A 61 7.20 -20.89 32.69
N PHE A 62 8.19 -20.29 32.08
CA PHE A 62 8.99 -21.02 31.11
C PHE A 62 10.14 -21.75 31.81
N THR A 63 11.08 -20.99 32.36
CA THR A 63 12.15 -21.56 33.22
C THR A 63 12.83 -20.53 34.10
N ALA A 64 12.98 -20.94 35.36
CA ALA A 64 13.67 -20.12 36.35
C ALA A 64 15.19 -20.17 36.12
N GLY A 65 15.64 -20.91 35.12
CA GLY A 65 17.11 -20.97 34.88
C GLY A 65 17.78 -22.22 35.49
N ASN A 66 19.10 -22.20 35.59
CA ASN A 66 19.85 -23.34 36.14
C ASN A 66 19.43 -23.57 37.61
N ASP A 67 19.10 -24.80 37.99
CA ASP A 67 18.76 -25.11 39.38
C ASP A 67 19.91 -24.81 40.36
N MET A 68 19.64 -23.95 41.35
CA MET A 68 20.76 -23.41 42.14
C MET A 68 21.33 -24.46 43.10
N LYS A 69 20.48 -25.34 43.61
CA LYS A 69 20.95 -26.41 44.46
C LYS A 69 21.92 -27.32 43.69
N ASP A 70 21.50 -27.76 42.51
CA ASP A 70 22.34 -28.51 41.55
C ASP A 70 23.64 -27.75 41.29
N PHE A 71 23.53 -26.47 40.98
CA PHE A 71 24.69 -25.68 40.64
C PHE A 71 25.74 -25.70 41.76
N MET A 72 25.29 -25.68 43.01
CA MET A 72 26.24 -25.62 44.07
C MET A 72 26.94 -26.97 44.29
N GLY A 73 26.23 -28.05 44.03
CA GLY A 73 26.87 -29.37 44.07
C GLY A 73 27.89 -29.44 42.94
N PHE A 74 27.54 -28.88 41.79
CA PHE A 74 28.42 -28.87 40.62
C PHE A 74 29.72 -28.09 40.84
N VAL A 75 29.61 -26.90 41.42
CA VAL A 75 30.78 -26.06 41.64
C VAL A 75 31.81 -26.83 42.54
N GLN A 76 31.30 -27.59 43.50
CA GLN A 76 32.15 -28.38 44.38
C GLN A 76 32.67 -29.71 43.79
N ASN A 77 32.12 -30.16 42.67
CA ASN A 77 32.51 -31.40 42.04
C ASN A 77 32.38 -31.24 40.54
N PRO A 78 33.13 -30.32 39.93
CA PRO A 78 32.85 -29.98 38.53
C PRO A 78 33.13 -31.10 37.51
N ASN A 79 32.33 -31.17 36.46
CA ASN A 79 32.60 -32.06 35.30
C ASN A 79 34.00 -31.71 34.77
N ALA A 80 34.85 -32.73 34.62
CA ALA A 80 36.25 -32.52 34.21
C ALA A 80 36.47 -32.77 32.74
N GLY A 81 35.44 -33.32 32.08
CA GLY A 81 35.41 -33.47 30.61
C GLY A 81 35.32 -32.22 29.72
N PRO A 82 35.15 -32.43 28.42
CA PRO A 82 35.15 -31.31 27.50
C PRO A 82 34.00 -30.33 27.92
N ALA A 83 34.30 -29.05 28.03
CA ALA A 83 33.34 -28.07 28.54
C ALA A 83 32.08 -28.10 27.70
N GLY A 84 32.22 -28.31 26.37
CA GLY A 84 31.07 -28.35 25.46
C GLY A 84 30.11 -29.53 25.61
N GLN A 85 30.45 -30.50 26.46
CA GLN A 85 29.56 -31.62 26.73
C GLN A 85 28.88 -31.48 28.10
N VAL A 86 29.07 -30.34 28.76
CA VAL A 86 28.33 -30.07 30.02
C VAL A 86 26.83 -29.82 29.65
N PRO A 87 25.85 -30.35 30.43
CA PRO A 87 24.43 -30.48 29.95
C PRO A 87 23.78 -29.26 29.32
N PRO A 88 23.93 -28.06 29.91
CA PRO A 88 23.25 -26.93 29.21
C PRO A 88 23.80 -26.68 27.80
N PHE A 89 25.10 -26.84 27.56
CA PHE A 89 25.62 -26.66 26.17
C PHE A 89 25.14 -27.73 25.21
N VAL A 90 24.93 -28.94 25.73
CA VAL A 90 24.36 -30.05 24.93
C VAL A 90 22.92 -29.68 24.44
N LEU A 91 22.09 -29.18 25.35
CA LEU A 91 20.74 -28.69 24.99
C LEU A 91 20.83 -27.57 23.97
N LEU A 92 21.66 -26.55 24.25
CA LEU A 92 21.74 -25.44 23.33
C LEU A 92 22.18 -25.85 21.93
N LYS A 93 23.19 -26.74 21.82
CA LYS A 93 23.54 -27.26 20.49
C LYS A 93 22.47 -28.13 19.83
N SER A 94 21.80 -28.99 20.60
CA SER A 94 20.70 -29.76 20.04
C SER A 94 19.63 -28.84 19.44
N ALA A 95 19.30 -27.79 20.15
CA ALA A 95 18.36 -26.83 19.68
C ALA A 95 18.88 -26.12 18.43
N ALA A 96 20.13 -25.63 18.46
CA ALA A 96 20.69 -24.97 17.28
C ALA A 96 20.65 -25.85 16.03
N ARG A 97 20.87 -27.16 16.19
CA ARG A 97 20.93 -28.08 15.03
C ARG A 97 19.57 -28.64 14.54
N LEU A 98 18.50 -28.51 15.34
CA LEU A 98 17.16 -28.97 14.89
C LEU A 98 16.85 -28.43 13.47
N SER A 99 16.59 -29.32 12.53
CA SER A 99 16.46 -28.89 11.13
C SER A 99 15.05 -28.37 10.89
N LYS A 100 14.14 -28.71 11.80
CA LYS A 100 12.74 -28.38 11.64
C LYS A 100 12.44 -27.07 12.39
N PRO A 101 11.29 -26.44 12.08
CA PRO A 101 11.05 -25.15 12.75
C PRO A 101 10.88 -25.40 14.28
N LEU A 102 11.49 -24.53 15.09
CA LEU A 102 11.42 -24.58 16.58
C LEU A 102 10.72 -23.30 17.06
N ILE A 103 9.55 -23.45 17.71
CA ILE A 103 8.85 -22.32 18.25
C ILE A 103 8.90 -22.42 19.76
N ILE A 104 9.12 -21.29 20.43
CA ILE A 104 9.09 -21.21 21.89
C ILE A 104 7.99 -20.26 22.35
N ALA A 105 7.30 -20.65 23.40
CA ALA A 105 6.26 -19.77 23.93
C ALA A 105 6.59 -19.46 25.40
N VAL A 106 6.62 -18.18 25.77
CA VAL A 106 7.09 -17.81 27.11
C VAL A 106 5.97 -17.16 27.93
N LYS A 107 5.77 -17.65 29.15
CA LYS A 107 4.96 -17.00 30.20
C LYS A 107 5.85 -16.94 31.44
N GLY A 108 5.64 -15.94 32.26
CA GLY A 108 6.34 -15.83 33.52
C GLY A 108 7.88 -15.78 33.41
N VAL A 109 8.58 -16.45 34.31
CA VAL A 109 10.05 -16.29 34.37
C VAL A 109 10.74 -17.02 33.21
N ALA A 110 11.75 -16.35 32.67
CA ALA A 110 12.61 -16.95 31.63
C ALA A 110 13.98 -16.42 31.89
N ILE A 111 14.79 -17.22 32.59
CA ILE A 111 16.07 -16.72 33.17
C ILE A 111 17.26 -17.52 32.68
N GLY A 112 18.34 -16.86 32.27
CA GLY A 112 19.63 -17.53 31.96
C GLY A 112 19.46 -18.30 30.66
N ILE A 113 19.51 -19.62 30.74
CA ILE A 113 19.13 -20.44 29.61
C ILE A 113 17.69 -20.18 29.07
N GLY A 114 16.78 -19.65 29.91
CA GLY A 114 15.44 -19.26 29.45
C GLY A 114 15.49 -18.13 28.42
N VAL A 115 16.53 -17.30 28.48
CA VAL A 115 16.77 -16.32 27.41
C VAL A 115 17.70 -16.88 26.30
N THR A 116 18.81 -17.56 26.64
CA THR A 116 19.75 -17.95 25.56
C THR A 116 19.19 -19.03 24.61
N ILE A 117 18.29 -19.89 25.10
CA ILE A 117 17.63 -20.84 24.22
C ILE A 117 16.73 -20.15 23.17
N LEU A 118 16.23 -18.95 23.47
CA LEU A 118 15.41 -18.17 22.51
C LEU A 118 16.22 -17.84 21.28
N LEU A 119 17.52 -17.70 21.46
CA LEU A 119 18.42 -17.41 20.33
C LEU A 119 18.67 -18.62 19.44
N GLN A 120 18.26 -19.80 19.89
CA GLN A 120 18.20 -20.95 19.01
C GLN A 120 16.84 -21.20 18.35
N ALA A 121 15.77 -20.54 18.80
CA ALA A 121 14.45 -20.79 18.23
C ALA A 121 14.26 -19.93 16.98
N ASP A 122 13.40 -20.38 16.05
CA ASP A 122 13.02 -19.56 14.90
C ASP A 122 12.02 -18.45 15.20
N LEU A 123 11.04 -18.77 16.06
CA LEU A 123 9.94 -17.84 16.42
C LEU A 123 9.69 -17.98 17.93
N VAL A 124 9.42 -16.84 18.55
CA VAL A 124 9.17 -16.78 19.95
C VAL A 124 7.96 -15.92 20.24
N PHE A 125 7.00 -16.48 21.00
CA PHE A 125 5.83 -15.71 21.41
C PHE A 125 5.83 -15.59 22.94
N ALA A 126 5.46 -14.43 23.44
CA ALA A 126 5.38 -14.25 24.91
C ALA A 126 4.09 -13.51 25.24
N ASP A 127 3.66 -13.61 26.50
CA ASP A 127 2.60 -12.72 26.94
C ASP A 127 3.23 -11.71 27.91
N ASN A 128 2.41 -10.76 28.41
CA ASN A 128 2.94 -9.65 29.19
C ASN A 128 3.39 -10.06 30.57
N THR A 129 3.13 -11.31 30.93
CA THR A 129 3.59 -11.81 32.23
C THR A 129 5.08 -12.24 32.19
N ALA A 130 5.67 -12.26 31.01
CA ALA A 130 7.05 -12.72 30.86
C ALA A 130 8.08 -11.81 31.53
N LEU A 131 8.99 -12.41 32.28
CA LEU A 131 10.02 -11.66 32.96
C LEU A 131 11.35 -12.33 32.66
N PHE A 132 12.21 -11.62 31.98
CA PHE A 132 13.45 -12.20 31.44
C PHE A 132 14.67 -11.70 32.24
N GLN A 133 15.75 -12.51 32.23
CA GLN A 133 17.00 -12.03 32.81
C GLN A 133 18.16 -12.89 32.31
N ILE A 134 19.33 -12.26 32.06
CA ILE A 134 20.59 -12.97 31.83
C ILE A 134 21.50 -12.67 33.01
N PRO A 135 21.45 -13.49 34.02
CA PRO A 135 22.13 -13.20 35.30
C PRO A 135 23.58 -13.62 35.35
N PHE A 136 24.14 -14.13 34.24
CA PHE A 136 25.50 -14.71 34.27
C PHE A 136 26.54 -13.78 34.89
N VAL A 137 26.59 -12.52 34.48
CA VAL A 137 27.61 -11.63 35.09
C VAL A 137 27.49 -11.51 36.63
N SER A 138 26.26 -11.36 37.12
CA SER A 138 26.11 -11.14 38.56
C SER A 138 26.30 -12.43 39.34
N LEU A 139 26.20 -13.57 38.67
CA LEU A 139 26.55 -14.85 39.33
C LEU A 139 28.08 -15.09 39.32
N GLY A 140 28.88 -14.24 38.68
CA GLY A 140 30.35 -14.55 38.51
C GLY A 140 30.69 -15.48 37.34
N LEU A 141 29.74 -15.67 36.44
CA LEU A 141 29.93 -16.46 35.24
C LEU A 141 30.13 -15.61 33.97
N SER A 142 29.66 -16.10 32.83
CA SER A 142 30.03 -15.45 31.55
C SER A 142 29.03 -15.96 30.53
N PRO A 143 29.13 -15.51 29.28
CA PRO A 143 27.99 -15.86 28.37
C PRO A 143 27.85 -17.36 28.08
N GLU A 144 26.62 -17.82 27.77
CA GLU A 144 26.48 -19.15 27.12
C GLU A 144 25.45 -19.13 26.00
N GLY A 145 25.30 -20.25 25.30
CA GLY A 145 24.38 -20.33 24.17
C GLY A 145 24.76 -19.52 22.93
N GLY A 146 26.00 -19.04 22.89
CA GLY A 146 26.44 -18.28 21.74
C GLY A 146 26.00 -16.85 21.81
N ALA A 147 25.49 -16.43 22.98
CA ALA A 147 24.88 -15.13 23.13
C ALA A 147 25.88 -13.99 22.93
N SER A 148 27.16 -14.22 23.25
CA SER A 148 28.16 -13.19 22.97
C SER A 148 28.15 -12.78 21.50
N GLN A 149 27.71 -13.66 20.61
CA GLN A 149 27.61 -13.31 19.20
C GLN A 149 26.17 -13.21 18.70
N LEU A 150 25.33 -14.20 19.04
CA LEU A 150 23.91 -14.20 18.62
C LEU A 150 23.07 -13.06 19.19
N LEU A 151 23.28 -12.70 20.46
CA LEU A 151 22.49 -11.56 21.02
C LEU A 151 22.99 -10.23 20.43
N VAL A 152 24.31 -10.08 20.21
CA VAL A 152 24.79 -8.86 19.55
C VAL A 152 24.16 -8.74 18.15
N LYS A 153 24.08 -9.84 17.43
CA LYS A 153 23.45 -9.81 16.09
C LYS A 153 21.93 -9.54 16.15
N GLN A 154 21.23 -10.18 17.08
CA GLN A 154 19.77 -10.10 17.16
C GLN A 154 19.32 -8.74 17.75
N ALA A 155 20.04 -8.24 18.76
CA ALA A 155 19.61 -7.02 19.47
C ALA A 155 20.41 -5.79 19.12
N GLY A 156 21.55 -5.93 18.45
CA GLY A 156 22.43 -4.77 18.27
C GLY A 156 23.48 -4.79 19.40
N TYR A 157 24.69 -4.29 19.16
CA TYR A 157 25.72 -4.33 20.23
C TYR A 157 25.32 -3.59 21.52
N HIS A 158 24.86 -2.34 21.42
CA HIS A 158 24.55 -1.57 22.64
C HIS A 158 23.52 -2.26 23.54
N LYS A 159 22.43 -2.75 22.96
CA LYS A 159 21.42 -3.39 23.81
C LYS A 159 21.92 -4.71 24.36
N ALA A 160 22.65 -5.46 23.54
CA ALA A 160 23.17 -6.73 24.03
C ALA A 160 24.12 -6.45 25.22
N ALA A 161 24.97 -5.46 25.08
CA ALA A 161 25.89 -5.13 26.20
C ALA A 161 25.09 -4.69 27.44
N GLU A 162 24.02 -3.92 27.27
CA GLU A 162 23.17 -3.54 28.45
C GLU A 162 22.57 -4.74 29.19
N LEU A 163 22.04 -5.71 28.46
CA LEU A 163 21.43 -6.87 29.12
C LEU A 163 22.47 -7.80 29.69
N LEU A 164 23.59 -7.94 28.98
CA LEU A 164 24.65 -8.87 29.48
C LEU A 164 25.44 -8.20 30.61
N PHE A 165 25.86 -6.95 30.44
CA PHE A 165 26.75 -6.36 31.48
C PHE A 165 25.95 -6.11 32.78
N THR A 166 24.73 -5.58 32.68
CA THR A 166 24.02 -5.17 33.90
C THR A 166 23.37 -6.36 34.57
N ALA A 167 23.14 -7.42 33.78
CA ALA A 167 22.43 -8.61 34.29
C ALA A 167 21.02 -8.27 34.80
N LYS A 168 20.43 -7.20 34.31
CA LYS A 168 19.13 -6.78 34.88
C LYS A 168 17.92 -7.62 34.39
N LYS A 169 16.84 -7.60 35.16
CA LYS A 169 15.59 -8.17 34.70
C LYS A 169 14.97 -7.18 33.70
N PHE A 170 14.17 -7.72 32.79
CA PHE A 170 13.57 -6.91 31.73
C PHE A 170 12.24 -7.52 31.27
N ASN A 171 11.34 -6.69 30.72
CA ASN A 171 9.99 -7.15 30.52
C ASN A 171 9.78 -7.58 29.07
N ALA A 172 8.55 -7.94 28.72
CA ALA A 172 8.32 -8.44 27.35
C ALA A 172 8.52 -7.35 26.29
N GLU A 173 8.23 -6.09 26.61
CA GLU A 173 8.40 -5.01 25.65
CA GLU A 173 8.41 -5.03 25.63
C GLU A 173 9.88 -4.79 25.33
N THR A 174 10.73 -4.85 26.35
CA THR A 174 12.19 -4.80 26.14
C THR A 174 12.65 -5.99 25.28
N ALA A 175 12.16 -7.20 25.58
CA ALA A 175 12.58 -8.39 24.85
C ALA A 175 12.10 -8.28 23.42
N LEU A 176 10.93 -7.68 23.22
CA LEU A 176 10.39 -7.48 21.83
C LEU A 176 11.23 -6.45 21.06
N GLN A 177 11.55 -5.31 21.69
CA GLN A 177 12.46 -4.34 21.05
C GLN A 177 13.84 -4.90 20.67
N ALA A 178 14.35 -5.84 21.47
CA ALA A 178 15.66 -6.41 21.28
C ALA A 178 15.61 -7.61 20.29
N GLY A 179 14.40 -7.94 19.83
CA GLY A 179 14.20 -9.00 18.86
C GLY A 179 14.25 -10.44 19.39
N LEU A 180 14.24 -10.60 20.72
CA LEU A 180 14.21 -11.90 21.36
C LEU A 180 12.82 -12.54 21.24
N VAL A 181 11.78 -11.69 21.16
CA VAL A 181 10.41 -12.18 21.07
C VAL A 181 9.85 -11.63 19.73
N ASN A 182 9.11 -12.43 18.98
CA ASN A 182 8.46 -11.97 17.72
C ASN A 182 7.23 -11.10 17.95
N GLU A 183 6.41 -11.48 18.91
CA GLU A 183 5.17 -10.73 19.19
C GLU A 183 4.72 -10.97 20.65
N ILE A 184 4.12 -9.96 21.26
CA ILE A 184 3.46 -10.13 22.57
C ILE A 184 1.97 -10.41 22.28
N VAL A 185 1.47 -11.53 22.76
CA VAL A 185 0.10 -11.92 22.40
C VAL A 185 -0.72 -12.23 23.66
N GLU A 186 -2.05 -12.29 23.51
CA GLU A 186 -2.97 -12.59 24.61
C GLU A 186 -2.82 -14.02 25.13
N ASP A 187 -2.68 -15.01 24.25
CA ASP A 187 -2.54 -16.41 24.64
C ASP A 187 -1.31 -17.03 23.96
N ALA A 188 -0.19 -17.00 24.65
CA ALA A 188 1.08 -17.40 24.09
C ALA A 188 1.04 -18.82 23.59
N TYR A 189 0.40 -19.72 24.36
CA TYR A 189 0.36 -21.11 23.99
C TYR A 189 -0.59 -21.41 22.82
N ALA A 190 -1.76 -20.80 22.77
CA ALA A 190 -2.65 -20.97 21.59
C ALA A 190 -1.97 -20.39 20.35
N THR A 191 -1.32 -19.23 20.48
CA THR A 191 -0.66 -18.65 19.31
C THR A 191 0.44 -19.57 18.78
N ALA A 192 1.22 -20.13 19.70
CA ALA A 192 2.33 -20.98 19.30
C ALA A 192 1.77 -22.23 18.55
N GLN A 193 0.67 -22.75 19.05
CA GLN A 193 0.04 -23.92 18.45
C GLN A 193 -0.57 -23.57 17.08
N ALA A 194 -1.22 -22.41 16.92
CA ALA A 194 -1.80 -22.05 15.59
C ALA A 194 -0.72 -21.82 14.53
N THR A 195 0.38 -21.20 14.98
CA THR A 195 1.52 -21.01 14.11
C THR A 195 2.12 -22.36 13.72
N ALA A 196 2.32 -23.26 14.68
CA ALA A 196 2.86 -24.59 14.36
C ALA A 196 1.95 -25.34 13.33
N GLN A 197 0.64 -25.23 13.47
CA GLN A 197 -0.30 -25.88 12.54
C GLN A 197 -0.18 -25.25 11.16
N HIS A 198 -0.09 -23.92 11.10
CA HIS A 198 0.12 -23.26 9.82
C HIS A 198 1.41 -23.76 9.15
N LEU A 199 2.49 -23.86 9.90
CA LEU A 199 3.73 -24.38 9.33
C LEU A 199 3.60 -25.85 8.88
N THR A 200 2.87 -26.69 9.61
CA THR A 200 2.78 -28.09 9.15
C THR A 200 1.94 -28.18 7.86
N ALA A 201 1.12 -27.20 7.57
CA ALA A 201 0.41 -27.23 6.29
C ALA A 201 1.27 -26.78 5.07
N LEU A 202 2.50 -26.32 5.31
CA LEU A 202 3.41 -25.84 4.24
C LEU A 202 4.38 -26.95 3.93
N PRO A 203 5.08 -26.89 2.78
CA PRO A 203 5.94 -28.01 2.36
C PRO A 203 7.13 -28.18 3.28
N LEU A 204 7.32 -29.41 3.75
CA LEU A 204 8.46 -29.69 4.60
C LEU A 204 9.79 -29.34 3.95
N ALA A 205 9.92 -29.65 2.66
CA ALA A 205 11.20 -29.44 2.00
C ALA A 205 11.57 -27.97 1.87
N SER A 206 10.59 -27.11 1.55
CA SER A 206 10.77 -25.65 1.50
C SER A 206 11.23 -25.10 2.87
N LEU A 207 10.53 -25.54 3.91
CA LEU A 207 10.89 -25.13 5.28
C LEU A 207 12.27 -25.58 5.69
N LYS A 208 12.60 -26.84 5.44
CA LYS A 208 13.90 -27.36 5.76
C LYS A 208 15.00 -26.63 5.00
N GLN A 209 14.79 -26.43 3.71
CA GLN A 209 15.83 -25.79 2.89
C GLN A 209 16.01 -24.28 3.24
N THR A 210 14.91 -23.62 3.56
CA THR A 210 14.97 -22.20 3.87
C THR A 210 15.75 -21.99 5.18
N LYS A 211 15.39 -22.80 6.18
CA LYS A 211 16.10 -22.78 7.46
C LYS A 211 17.60 -23.13 7.31
N ALA A 212 17.93 -24.10 6.46
CA ALA A 212 19.33 -24.51 6.22
C ALA A 212 20.13 -23.35 5.64
N LEU A 213 19.54 -22.61 4.69
CA LEU A 213 20.18 -21.42 4.13
C LEU A 213 20.38 -20.26 5.16
N MET A 214 19.34 -20.02 5.96
CA MET A 214 19.44 -18.97 7.03
C MET A 214 20.53 -19.35 8.04
N LYS A 215 20.69 -20.65 8.25
CA LYS A 215 21.69 -21.14 9.19
C LYS A 215 22.91 -21.74 8.48
N HIS A 216 23.33 -21.06 7.43
CA HIS A 216 24.47 -21.48 6.65
C HIS A 216 25.73 -21.48 7.54
N ASP A 217 25.78 -20.65 8.60
CA ASP A 217 26.97 -20.58 9.50
C ASP A 217 26.84 -21.43 10.76
N LEU A 218 25.99 -22.45 10.73
CA LEU A 218 25.77 -23.33 11.88
C LEU A 218 27.09 -23.79 12.52
N ASP A 219 28.08 -24.16 11.68
CA ASP A 219 29.36 -24.65 12.22
C ASP A 219 30.03 -23.61 13.08
N GLN A 220 30.02 -22.36 12.62
CA GLN A 220 30.56 -21.26 13.44
C GLN A 220 29.77 -20.98 14.73
N ILE A 221 28.44 -21.14 14.67
CA ILE A 221 27.59 -21.00 15.87
C ILE A 221 27.97 -22.10 16.89
N ILE A 222 28.11 -23.33 16.41
CA ILE A 222 28.52 -24.41 17.28
C ILE A 222 29.88 -24.11 17.90
N GLU A 223 30.85 -23.67 17.09
CA GLU A 223 32.16 -23.23 17.58
C GLU A 223 32.09 -22.13 18.65
N CYS A 224 31.19 -21.17 18.46
CA CYS A 224 31.02 -20.09 19.46
C CYS A 224 30.46 -20.66 20.77
N ILE A 225 29.42 -21.49 20.70
CA ILE A 225 28.91 -22.16 21.90
C ILE A 225 30.03 -22.89 22.70
N ASP A 226 30.88 -23.61 21.97
CA ASP A 226 31.95 -24.45 22.59
C ASP A 226 33.03 -23.58 23.21
N HIS A 227 33.39 -22.49 22.57
CA HIS A 227 34.47 -21.67 23.08
C HIS A 227 33.95 -20.86 24.29
N GLU A 228 32.70 -20.42 24.21
CA GLU A 228 32.05 -19.83 25.39
C GLU A 228 32.07 -20.82 26.56
N ALA A 229 31.75 -22.08 26.27
CA ALA A 229 31.63 -23.10 27.30
C ALA A 229 32.96 -23.23 28.02
N GLU A 230 34.05 -23.11 27.30
CA GLU A 230 35.39 -23.21 27.94
C GLU A 230 35.63 -22.07 28.95
N ILE A 231 35.34 -20.86 28.52
CA ILE A 231 35.42 -19.70 29.41
C ILE A 231 34.45 -19.81 30.61
N PHE A 232 33.24 -20.28 30.34
CA PHE A 232 32.20 -20.45 31.37
C PHE A 232 32.70 -21.41 32.48
N MET A 233 33.32 -22.53 32.10
CA MET A 233 33.85 -23.48 33.10
C MET A 233 35.02 -22.96 33.94
N GLN A 234 35.87 -22.11 33.32
CA GLN A 234 36.91 -21.32 34.03
C GLN A 234 36.30 -20.50 35.16
N ARG A 235 35.19 -19.83 34.85
CA ARG A 235 34.42 -19.09 35.88
C ARG A 235 33.77 -19.98 36.87
N VAL A 236 33.11 -21.05 36.43
CA VAL A 236 32.54 -22.02 37.40
C VAL A 236 33.60 -22.59 38.43
N GLN A 237 34.79 -22.87 37.90
CA GLN A 237 35.93 -23.43 38.67
C GLN A 237 36.78 -22.40 39.38
N SER A 238 36.43 -21.14 39.26
CA SER A 238 37.27 -20.13 39.87
C SER A 238 37.32 -20.25 41.42
N PRO A 239 38.46 -19.88 42.02
CA PRO A 239 38.58 -20.03 43.46
C PRO A 239 37.55 -19.17 44.18
N GLU A 240 37.25 -18.00 43.64
CA GLU A 240 36.28 -17.15 44.32
C GLU A 240 34.85 -17.73 44.28
N MET A 241 34.54 -18.52 43.25
CA MET A 241 33.22 -19.15 43.15
C MET A 241 33.08 -20.24 44.23
N LEU A 242 34.09 -21.11 44.31
CA LEU A 242 34.10 -22.13 45.36
C LEU A 242 33.95 -21.57 46.81
N GLU A 243 34.66 -20.50 47.15
CA GLU A 243 34.59 -19.88 48.50
C GLU A 243 33.18 -19.41 48.75
N ALA A 244 32.61 -18.72 47.75
CA ALA A 244 31.25 -18.22 47.89
C ALA A 244 30.22 -19.36 48.05
N VAL A 245 30.39 -20.46 47.31
CA VAL A 245 29.44 -21.54 47.47
C VAL A 245 29.64 -22.21 48.84
N GLN A 246 30.89 -22.38 49.23
CA GLN A 246 31.19 -23.02 50.50
C GLN A 246 30.51 -22.24 51.66
N ALA A 247 30.69 -20.93 51.65
CA ALA A 247 30.03 -20.05 52.62
C ALA A 247 28.53 -20.23 52.60
N PHE A 248 27.93 -20.05 51.43
CA PHE A 248 26.51 -20.18 51.27
C PHE A 248 26.03 -21.51 51.83
N MET A 249 26.76 -22.59 51.57
CA MET A 249 26.33 -23.92 52.03
C MET A 249 26.59 -24.15 53.54
N LEU B 3 49.06 19.69 33.56
CA LEU B 3 47.94 18.90 32.98
C LEU B 3 47.31 19.67 31.83
N HIS B 4 46.01 19.48 31.65
CA HIS B 4 45.30 20.09 30.54
C HIS B 4 43.90 20.40 30.98
N PRO B 5 43.61 21.68 31.20
CA PRO B 5 42.29 22.10 31.69
C PRO B 5 41.12 21.78 30.76
N HIS B 6 41.39 21.33 29.54
CA HIS B 6 40.30 20.97 28.61
C HIS B 6 39.74 19.56 28.86
N LEU B 7 40.38 18.82 29.77
CA LEU B 7 39.95 17.47 30.13
C LEU B 7 40.01 17.28 31.64
N ASN B 8 38.85 17.31 32.29
CA ASN B 8 38.74 16.95 33.67
C ASN B 8 38.73 15.42 33.74
N ALA B 9 39.62 14.88 34.56
CA ALA B 9 39.63 13.44 34.85
C ALA B 9 39.43 13.31 36.34
N ASN B 10 38.70 12.29 36.76
CA ASN B 10 38.40 12.08 38.18
C ASN B 10 38.07 10.61 38.47
N LEU B 11 38.73 10.03 39.48
CA LEU B 11 38.55 8.63 39.83
C LEU B 11 37.92 8.47 41.19
N GLU B 12 36.69 7.93 41.25
CA GLU B 12 36.03 7.68 42.53
C GLU B 12 35.28 6.35 42.56
N GLY B 13 35.48 5.57 43.61
CA GLY B 13 34.86 4.24 43.72
C GLY B 13 35.04 3.33 42.50
N GLY B 14 36.19 3.38 41.85
CA GLY B 14 36.38 2.53 40.69
C GLY B 14 35.95 3.14 39.34
N VAL B 15 35.24 4.25 39.39
CA VAL B 15 34.73 4.89 38.17
C VAL B 15 35.58 6.07 37.77
N LEU B 16 36.20 5.98 36.62
CA LEU B 16 36.94 7.13 36.13
C LEU B 16 36.04 7.95 35.23
N THR B 17 35.84 9.24 35.55
CA THR B 17 34.98 10.12 34.75
C THR B 17 35.86 11.10 33.98
N LEU B 18 35.80 11.04 32.66
CA LEU B 18 36.59 11.93 31.80
C LEU B 18 35.62 12.90 31.20
N ALA B 19 35.83 14.20 31.47
CA ALA B 19 34.90 15.20 31.00
C ALA B 19 35.62 16.28 30.18
N ILE B 20 35.27 16.35 28.90
CA ILE B 20 35.84 17.32 27.97
C ILE B 20 35.32 18.70 28.39
N ASN B 21 36.26 19.64 28.58
CA ASN B 21 35.87 20.89 29.20
C ASN B 21 36.43 22.06 28.39
N ARG B 22 35.76 22.36 27.29
CA ARG B 22 36.20 23.38 26.34
C ARG B 22 34.96 24.14 25.84
N PRO B 23 34.17 24.67 26.77
CA PRO B 23 32.85 25.21 26.45
C PRO B 23 32.86 26.42 25.52
N GLU B 24 34.03 27.04 25.35
CA GLU B 24 34.11 28.23 24.49
C GLU B 24 33.82 27.81 23.07
N ALA B 25 34.23 26.59 22.75
CA ALA B 25 34.14 26.09 21.40
C ALA B 25 33.25 24.86 21.36
N LYS B 26 32.35 24.76 22.33
CA LYS B 26 31.36 23.68 22.38
C LYS B 26 32.01 22.31 22.32
N ASN B 27 33.10 22.18 23.06
CA ASN B 27 33.92 20.96 23.05
C ASN B 27 34.44 20.49 21.69
N ALA B 28 34.58 21.41 20.75
CA ALA B 28 35.24 21.04 19.52
C ALA B 28 36.62 20.52 19.89
N LEU B 29 37.09 19.52 19.16
CA LEU B 29 38.33 18.84 19.50
C LEU B 29 39.47 19.16 18.53
N TYR B 30 40.68 19.29 19.07
CA TYR B 30 41.85 19.56 18.25
C TYR B 30 42.91 18.52 18.56
N GLY B 31 43.85 18.36 17.63
CA GLY B 31 44.92 17.35 17.71
C GLY B 31 45.40 16.88 19.09
N GLU B 32 46.06 17.77 19.85
CA GLU B 32 46.69 17.29 21.07
C GLU B 32 45.65 16.84 22.08
N LEU B 33 44.46 17.40 21.97
CA LEU B 33 43.38 17.02 22.86
C LEU B 33 42.83 15.62 22.54
N TYR B 34 42.63 15.32 21.25
CA TYR B 34 42.35 13.91 20.86
C TYR B 34 43.38 13.03 21.54
N LEU B 35 44.64 13.44 21.48
CA LEU B 35 45.71 12.55 21.93
C LEU B 35 45.71 12.38 23.43
N TRP B 36 45.29 13.38 24.18
CA TRP B 36 45.29 13.26 25.65
C TRP B 36 44.12 12.37 26.13
N ILE B 37 42.99 12.47 25.46
CA ILE B 37 41.83 11.63 25.81
C ILE B 37 42.23 10.18 25.51
N ALA B 38 42.84 9.95 24.34
CA ALA B 38 43.35 8.63 23.98
C ALA B 38 44.31 8.04 25.04
N LYS B 39 45.26 8.87 25.48
CA LYS B 39 46.23 8.45 26.47
C LYS B 39 45.56 8.21 27.79
N ALA B 40 44.61 9.05 28.16
CA ALA B 40 43.87 8.77 29.39
C ALA B 40 43.08 7.44 29.35
N LEU B 41 42.46 7.11 28.21
CA LEU B 41 41.79 5.81 28.09
C LEU B 41 42.81 4.68 28.12
N ASP B 42 43.93 4.85 27.42
CA ASP B 42 44.98 3.82 27.42
C ASP B 42 45.48 3.47 28.83
N GLU B 43 45.66 4.50 29.64
CA GLU B 43 46.20 4.33 30.99
C GLU B 43 45.11 3.87 31.95
N ALA B 44 43.87 4.27 31.68
CA ALA B 44 42.75 3.72 32.46
C ALA B 44 42.75 2.18 32.42
N ASP B 45 42.93 1.62 31.23
CA ASP B 45 42.88 0.17 31.08
C ASP B 45 44.00 -0.46 31.88
N GLN B 46 45.12 0.25 32.03
CA GLN B 46 46.28 -0.35 32.75
C GLN B 46 46.19 -0.11 34.26
N ASN B 47 45.25 0.72 34.69
CA ASN B 47 45.14 1.08 36.09
C ASN B 47 44.11 0.25 36.91
N LYS B 48 44.64 -0.68 37.72
CA LYS B 48 43.82 -1.61 38.50
C LYS B 48 42.82 -0.94 39.39
N ASP B 49 42.97 0.35 39.70
CA ASP B 49 41.99 1.05 40.54
C ASP B 49 40.77 1.45 39.69
N VAL B 50 40.94 1.38 38.38
CA VAL B 50 39.88 1.78 37.46
C VAL B 50 39.13 0.52 37.01
N ARG B 51 37.83 0.52 37.25
CA ARG B 51 36.95 -0.57 36.81
C ARG B 51 36.03 -0.18 35.62
N VAL B 52 35.58 1.08 35.55
CA VAL B 52 34.62 1.53 34.51
C VAL B 52 35.05 2.92 34.09
N VAL B 53 34.98 3.23 32.81
CA VAL B 53 35.18 4.60 32.40
C VAL B 53 33.87 5.22 31.92
N VAL B 54 33.60 6.46 32.35
CA VAL B 54 32.51 7.26 31.77
C VAL B 54 33.13 8.42 31.01
N LEU B 55 32.73 8.61 29.76
CA LEU B 55 33.22 9.71 28.95
C LEU B 55 32.08 10.63 28.61
N ARG B 56 32.29 11.93 28.85
CA ARG B 56 31.25 12.89 28.55
C ARG B 56 31.81 14.30 28.43
N GLY B 57 30.92 15.24 28.18
CA GLY B 57 31.24 16.67 28.23
C GLY B 57 31.11 17.15 29.67
N ALA B 58 31.71 18.28 29.97
CA ALA B 58 31.60 18.82 31.33
C ALA B 58 30.24 19.48 31.61
N GLU B 59 29.58 19.99 30.56
CA GLU B 59 28.43 20.87 30.78
C GLU B 59 27.26 20.57 29.84
N HIS B 60 26.94 21.49 28.92
CA HIS B 60 25.75 21.35 28.10
C HIS B 60 25.93 20.60 26.76
N ASP B 61 27.18 20.25 26.40
CA ASP B 61 27.52 19.69 25.07
C ASP B 61 28.50 18.53 25.16
N PHE B 62 28.38 17.55 24.25
CA PHE B 62 29.37 16.47 24.15
C PHE B 62 30.61 16.88 23.34
N THR B 63 30.49 17.03 22.03
CA THR B 63 31.57 17.56 21.19
C THR B 63 31.01 18.07 19.88
N ALA B 64 31.43 19.27 19.50
CA ALA B 64 31.03 19.86 18.24
C ALA B 64 31.78 19.18 17.11
N GLY B 65 32.64 18.23 17.44
CA GLY B 65 33.49 17.61 16.43
C GLY B 65 34.82 18.32 16.27
N ASN B 66 35.49 18.06 15.14
CA ASN B 66 36.85 18.57 14.86
C ASN B 66 36.88 20.09 14.79
N ASP B 67 37.85 20.68 15.48
CA ASP B 67 38.06 22.14 15.48
C ASP B 67 38.38 22.55 14.04
N MET B 68 37.59 23.45 13.44
CA MET B 68 37.81 23.76 12.02
C MET B 68 39.16 24.47 11.84
N LYS B 69 39.60 25.17 12.88
CA LYS B 69 40.93 25.77 12.92
C LYS B 69 41.98 24.66 13.02
N ASP B 70 41.87 23.82 14.04
CA ASP B 70 42.72 22.64 14.11
C ASP B 70 42.58 21.97 12.75
N PHE B 71 41.35 21.81 12.30
CA PHE B 71 41.06 21.19 11.03
C PHE B 71 41.98 21.73 9.96
N MET B 72 42.15 23.03 9.96
CA MET B 72 42.76 23.65 8.82
C MET B 72 44.25 23.87 8.97
N PRO B 82 51.30 8.26 7.93
CA PRO B 82 50.53 7.05 8.21
C PRO B 82 49.11 7.44 8.67
N ALA B 83 48.11 7.15 7.85
CA ALA B 83 46.76 7.70 8.12
C ALA B 83 46.16 7.26 9.47
N GLY B 84 46.44 6.04 9.87
CA GLY B 84 45.99 5.47 11.16
C GLY B 84 46.49 6.16 12.41
N GLN B 85 47.47 7.05 12.24
CA GLN B 85 48.06 7.80 13.35
C GLN B 85 47.62 9.25 13.39
N VAL B 86 46.77 9.67 12.46
CA VAL B 86 46.16 10.98 12.60
C VAL B 86 45.30 10.98 13.87
N PRO B 87 45.32 12.08 14.63
CA PRO B 87 44.82 12.01 16.01
C PRO B 87 43.40 11.43 16.25
N PRO B 88 42.39 11.93 15.54
CA PRO B 88 41.02 11.38 15.75
C PRO B 88 40.98 9.85 15.69
N PHE B 89 41.74 9.27 14.77
CA PHE B 89 41.74 7.83 14.59
C PHE B 89 42.46 7.16 15.75
N VAL B 90 43.42 7.90 16.33
CA VAL B 90 44.14 7.37 17.48
C VAL B 90 43.17 7.23 18.62
N LEU B 91 42.31 8.23 18.80
CA LEU B 91 41.35 8.17 19.91
C LEU B 91 40.31 7.04 19.68
N LEU B 92 39.86 6.88 18.44
CA LEU B 92 38.84 5.87 18.12
C LEU B 92 39.37 4.50 18.49
N LYS B 93 40.63 4.20 18.11
CA LYS B 93 41.24 2.90 18.39
C LYS B 93 41.45 2.68 19.88
N SER B 94 41.87 3.71 20.62
CA SER B 94 41.99 3.57 22.07
C SER B 94 40.61 3.29 22.67
N ALA B 95 39.59 4.02 22.26
CA ALA B 95 38.22 3.63 22.72
C ALA B 95 37.88 2.15 22.38
N ALA B 96 38.11 1.73 21.14
CA ALA B 96 37.73 0.37 20.72
C ALA B 96 38.47 -0.73 21.51
N ARG B 97 39.70 -0.42 21.89
CA ARG B 97 40.57 -1.33 22.62
C ARG B 97 40.34 -1.43 24.14
N LEU B 98 39.73 -0.42 24.75
CA LEU B 98 39.56 -0.40 26.21
C LEU B 98 38.82 -1.67 26.60
N SER B 99 39.42 -2.47 27.49
CA SER B 99 38.91 -3.81 27.82
C SER B 99 37.81 -3.75 28.89
N LYS B 100 37.70 -2.59 29.54
CA LYS B 100 36.74 -2.36 30.63
C LYS B 100 35.51 -1.66 30.06
N PRO B 101 34.40 -1.69 30.80
CA PRO B 101 33.21 -1.03 30.27
C PRO B 101 33.37 0.47 30.06
N LEU B 102 32.84 0.92 28.94
CA LEU B 102 32.95 2.33 28.59
C LEU B 102 31.54 2.86 28.38
N ILE B 103 31.17 3.81 29.22
CA ILE B 103 29.88 4.46 29.14
C ILE B 103 30.06 5.88 28.59
N ILE B 104 29.26 6.25 27.58
CA ILE B 104 29.20 7.64 27.15
C ILE B 104 27.86 8.31 27.52
N ALA B 105 27.93 9.58 27.93
CA ALA B 105 26.73 10.35 28.26
C ALA B 105 26.66 11.61 27.40
N VAL B 106 25.55 11.76 26.69
CA VAL B 106 25.43 12.82 25.68
C VAL B 106 24.40 13.88 26.04
N LYS B 107 24.85 15.15 25.99
CA LYS B 107 23.97 16.30 26.12
C LYS B 107 24.32 17.21 24.96
N GLY B 108 23.36 18.01 24.47
CA GLY B 108 23.67 19.00 23.42
C GLY B 108 24.31 18.41 22.19
N VAL B 109 25.28 19.12 21.59
CA VAL B 109 25.85 18.63 20.32
C VAL B 109 26.75 17.40 20.44
N ALA B 110 26.59 16.47 19.50
CA ALA B 110 27.48 15.32 19.32
C ALA B 110 27.67 15.15 17.85
N ILE B 111 28.78 15.67 17.32
CA ILE B 111 28.96 15.83 15.88
C ILE B 111 30.20 15.12 15.39
N GLY B 112 30.07 14.37 14.30
CA GLY B 112 31.19 13.73 13.64
C GLY B 112 31.71 12.59 14.49
N ILE B 113 32.92 12.78 15.01
CA ILE B 113 33.49 11.86 15.94
C ILE B 113 32.61 11.77 17.21
N GLY B 114 31.80 12.81 17.46
CA GLY B 114 30.79 12.76 18.50
C GLY B 114 29.76 11.64 18.35
N VAL B 115 29.58 11.15 17.13
CA VAL B 115 28.71 9.97 16.88
C VAL B 115 29.50 8.72 16.73
N THR B 116 30.56 8.78 15.95
CA THR B 116 31.32 7.58 15.65
C THR B 116 32.00 7.04 16.92
N ILE B 117 32.28 7.89 17.90
CA ILE B 117 32.88 7.37 19.15
C ILE B 117 31.81 6.57 19.91
N LEU B 118 30.53 6.85 19.66
CA LEU B 118 29.47 6.07 20.36
C LEU B 118 29.48 4.60 19.97
N LEU B 119 30.00 4.28 18.78
CA LEU B 119 30.06 2.90 18.28
C LEU B 119 31.15 2.09 18.97
N GLN B 120 32.07 2.77 19.67
CA GLN B 120 33.07 2.06 20.50
C GLN B 120 32.62 1.98 21.94
N ALA B 121 31.58 2.73 22.32
CA ALA B 121 31.12 2.69 23.73
C ALA B 121 30.20 1.47 23.94
N ASP B 122 30.17 0.91 25.15
CA ASP B 122 29.28 -0.22 25.36
C ASP B 122 27.85 0.20 25.64
N LEU B 123 27.70 1.34 26.31
CA LEU B 123 26.40 1.85 26.71
C LEU B 123 26.44 3.35 26.51
N VAL B 124 25.35 3.91 25.98
CA VAL B 124 25.27 5.34 25.74
C VAL B 124 23.96 5.84 26.29
N PHE B 125 24.01 6.91 27.09
CA PHE B 125 22.81 7.58 27.58
C PHE B 125 22.74 9.01 27.05
N ALA B 126 21.54 9.46 26.70
CA ALA B 126 21.38 10.83 26.17
C ALA B 126 20.16 11.50 26.81
N ASP B 127 20.12 12.83 26.85
CA ASP B 127 18.82 13.46 27.14
C ASP B 127 18.20 14.04 25.86
N ASN B 128 16.96 14.54 25.95
CA ASN B 128 16.28 15.14 24.80
C ASN B 128 16.92 16.41 24.20
N THR B 129 18.04 16.88 24.73
CA THR B 129 18.65 18.04 24.10
C THR B 129 19.71 17.59 23.08
N ALA B 130 20.00 16.30 23.07
CA ALA B 130 21.13 15.85 22.26
C ALA B 130 20.86 16.16 20.80
N LEU B 131 21.89 16.56 20.08
CA LEU B 131 21.76 16.82 18.64
C LEU B 131 22.94 16.15 17.96
N PHE B 132 22.63 15.18 17.09
CA PHE B 132 23.61 14.28 16.47
C PHE B 132 23.82 14.62 14.99
N GLN B 133 24.97 14.28 14.46
CA GLN B 133 25.20 14.44 13.03
C GLN B 133 26.48 13.76 12.58
N ILE B 134 26.44 13.15 11.41
CA ILE B 134 27.63 12.64 10.77
C ILE B 134 27.80 13.41 9.45
N PRO B 135 28.56 14.51 9.48
CA PRO B 135 28.56 15.45 8.37
C PRO B 135 29.55 15.05 7.29
N PHE B 136 30.28 13.96 7.50
CA PHE B 136 31.39 13.62 6.60
C PHE B 136 31.08 13.67 5.12
N VAL B 137 29.93 13.11 4.69
CA VAL B 137 29.60 13.12 3.25
C VAL B 137 29.46 14.52 2.70
N SER B 138 28.82 15.40 3.47
CA SER B 138 28.66 16.77 3.02
C SER B 138 29.93 17.65 3.16
N LEU B 139 31.00 17.11 3.72
CA LEU B 139 32.26 17.85 3.81
C LEU B 139 33.16 17.40 2.70
N GLY B 140 32.65 16.49 1.87
CA GLY B 140 33.46 15.93 0.79
C GLY B 140 34.38 14.83 1.29
N LEU B 141 34.09 14.30 2.47
CA LEU B 141 34.96 13.33 3.10
C LEU B 141 34.37 11.92 3.00
N SER B 142 34.60 11.10 4.03
CA SER B 142 34.16 9.72 4.00
C SER B 142 34.06 9.22 5.45
N PRO B 143 33.62 7.97 5.68
CA PRO B 143 33.36 7.56 7.07
C PRO B 143 34.60 7.43 7.94
N GLU B 144 34.45 7.54 9.24
CA GLU B 144 35.56 7.33 10.17
C GLU B 144 35.07 6.39 11.27
N GLY B 145 36.01 5.91 12.08
CA GLY B 145 35.68 5.11 13.26
C GLY B 145 35.13 3.73 13.03
N GLY B 146 35.30 3.20 11.83
CA GLY B 146 34.72 1.91 11.48
C GLY B 146 33.21 1.98 11.24
N ALA B 147 32.67 3.20 11.15
CA ALA B 147 31.23 3.39 10.98
C ALA B 147 30.63 2.64 9.78
N SER B 148 31.42 2.42 8.72
CA SER B 148 30.86 1.81 7.52
C SER B 148 30.53 0.30 7.73
N GLN B 149 31.03 -0.27 8.82
CA GLN B 149 30.68 -1.66 9.22
C GLN B 149 29.91 -1.63 10.54
N LEU B 150 30.40 -0.86 11.50
CA LEU B 150 29.77 -0.81 12.84
C LEU B 150 28.37 -0.17 12.82
N LEU B 151 28.16 0.88 12.03
CA LEU B 151 26.87 1.51 12.03
C LEU B 151 25.83 0.62 11.26
N VAL B 152 26.30 -0.05 10.20
CA VAL B 152 25.45 -1.00 9.47
C VAL B 152 25.00 -2.11 10.39
N LYS B 153 25.93 -2.65 11.18
CA LYS B 153 25.57 -3.69 12.12
C LYS B 153 24.63 -3.19 13.22
N GLN B 154 24.92 -2.01 13.77
CA GLN B 154 24.15 -1.52 14.92
C GLN B 154 22.74 -1.00 14.53
N ALA B 155 22.66 -0.23 13.44
CA ALA B 155 21.41 0.38 12.97
C ALA B 155 20.68 -0.42 11.88
N GLY B 156 21.36 -1.40 11.28
CA GLY B 156 20.82 -2.05 10.08
C GLY B 156 21.26 -1.24 8.86
N TYR B 157 21.35 -1.87 7.70
CA TYR B 157 21.91 -1.19 6.53
C TYR B 157 21.11 0.04 6.08
N HIS B 158 19.79 -0.10 5.96
CA HIS B 158 18.95 1.00 5.48
C HIS B 158 19.11 2.29 6.34
N LYS B 159 19.02 2.14 7.65
CA LYS B 159 19.13 3.33 8.51
C LYS B 159 20.56 3.95 8.52
N ALA B 160 21.58 3.09 8.45
CA ALA B 160 23.00 3.52 8.43
C ALA B 160 23.22 4.33 7.17
N ALA B 161 22.66 3.84 6.07
CA ALA B 161 22.76 4.56 4.80
C ALA B 161 22.05 5.89 4.87
N GLU B 162 20.90 5.92 5.51
CA GLU B 162 20.21 7.18 5.69
C GLU B 162 21.09 8.21 6.45
N LEU B 163 21.63 7.81 7.59
CA LEU B 163 22.49 8.70 8.38
C LEU B 163 23.81 9.08 7.70
N LEU B 164 24.50 8.11 7.09
CA LEU B 164 25.74 8.39 6.36
C LEU B 164 25.52 9.20 5.08
N PHE B 165 24.68 8.71 4.17
CA PHE B 165 24.46 9.38 2.87
C PHE B 165 23.96 10.81 3.01
N THR B 166 22.96 11.03 3.88
CA THR B 166 22.27 12.33 3.94
C THR B 166 23.03 13.36 4.78
N ALA B 167 23.87 12.90 5.71
CA ALA B 167 24.60 13.79 6.61
C ALA B 167 23.71 14.67 7.45
N LYS B 168 22.45 14.28 7.58
CA LYS B 168 21.50 15.12 8.32
C LYS B 168 21.71 15.12 9.86
N LYS B 169 21.27 16.20 10.51
CA LYS B 169 21.20 16.23 11.95
C LYS B 169 20.04 15.35 12.38
N PHE B 170 20.10 14.75 13.57
CA PHE B 170 19.00 13.91 14.04
C PHE B 170 18.93 14.00 15.55
N ASN B 171 17.80 13.66 16.12
CA ASN B 171 17.59 13.92 17.55
C ASN B 171 17.75 12.65 18.35
N ALA B 172 17.39 12.69 19.63
CA ALA B 172 17.68 11.58 20.54
C ALA B 172 16.78 10.37 20.23
N GLU B 173 15.55 10.65 19.86
CA GLU B 173 14.63 9.54 19.53
C GLU B 173 15.11 8.79 18.25
N THR B 174 15.68 9.51 17.29
CA THR B 174 16.14 8.85 16.09
C THR B 174 17.38 8.00 16.45
N ALA B 175 18.22 8.54 17.34
CA ALA B 175 19.45 7.84 17.75
C ALA B 175 19.11 6.55 18.53
N LEU B 176 18.11 6.64 19.40
CA LEU B 176 17.61 5.54 20.16
C LEU B 176 17.10 4.41 19.25
N GLN B 177 16.29 4.76 18.24
CA GLN B 177 15.77 3.73 17.33
C GLN B 177 16.88 3.10 16.50
N ALA B 178 17.92 3.85 16.18
CA ALA B 178 19.07 3.28 15.42
C ALA B 178 20.03 2.50 16.31
N GLY B 179 19.79 2.50 17.61
CA GLY B 179 20.64 1.74 18.52
C GLY B 179 21.91 2.48 18.91
N LEU B 180 22.07 3.73 18.47
CA LEU B 180 23.21 4.59 18.93
C LEU B 180 23.18 4.94 20.42
N VAL B 181 21.97 5.02 20.98
CA VAL B 181 21.72 5.40 22.36
C VAL B 181 20.91 4.29 23.02
N ASN B 182 21.25 3.90 24.26
CA ASN B 182 20.53 2.79 24.93
C ASN B 182 19.20 3.23 25.52
N GLU B 183 19.19 4.47 25.98
CA GLU B 183 18.03 5.00 26.70
C GLU B 183 18.07 6.56 26.74
N ILE B 184 16.91 7.21 26.60
CA ILE B 184 16.80 8.68 26.70
C ILE B 184 16.30 8.95 28.12
N VAL B 185 17.04 9.75 28.88
CA VAL B 185 16.72 9.90 30.29
C VAL B 185 16.67 11.40 30.66
N GLU B 186 16.16 11.74 31.82
CA GLU B 186 16.10 13.16 32.27
C GLU B 186 17.46 13.71 32.65
N ASP B 187 18.29 12.91 33.30
CA ASP B 187 19.63 13.40 33.69
C ASP B 187 20.69 12.43 33.20
N ALA B 188 21.24 12.72 32.03
CA ALA B 188 22.21 11.86 31.37
C ALA B 188 23.41 11.52 32.24
N TYR B 189 24.03 12.56 32.82
CA TYR B 189 25.22 12.33 33.66
C TYR B 189 24.95 11.52 34.91
N ALA B 190 23.81 11.77 35.57
CA ALA B 190 23.49 10.99 36.78
C ALA B 190 23.23 9.53 36.40
N THR B 191 22.48 9.31 35.33
CA THR B 191 22.17 7.91 34.90
C THR B 191 23.48 7.17 34.58
N ALA B 192 24.35 7.83 33.83
CA ALA B 192 25.65 7.21 33.52
C ALA B 192 26.42 6.83 34.77
N GLN B 193 26.45 7.74 35.74
CA GLN B 193 27.22 7.50 36.97
C GLN B 193 26.59 6.33 37.73
N ALA B 194 25.26 6.32 37.81
CA ALA B 194 24.58 5.23 38.53
C ALA B 194 24.82 3.84 37.88
N THR B 195 24.76 3.79 36.55
CA THR B 195 25.11 2.56 35.81
C THR B 195 26.56 2.19 36.11
N ALA B 196 27.47 3.16 36.04
CA ALA B 196 28.88 2.89 36.27
C ALA B 196 29.10 2.28 37.65
N GLN B 197 28.45 2.83 38.67
CA GLN B 197 28.54 2.29 40.02
C GLN B 197 27.95 0.89 40.15
N HIS B 198 26.83 0.64 39.47
CA HIS B 198 26.27 -0.73 39.42
C HIS B 198 27.30 -1.69 38.79
N LEU B 199 27.94 -1.30 37.69
CA LEU B 199 28.94 -2.18 37.05
C LEU B 199 30.22 -2.37 37.89
N THR B 200 30.65 -1.31 38.61
CA THR B 200 31.83 -1.50 39.51
C THR B 200 31.54 -2.44 40.67
N ALA B 201 30.28 -2.67 40.97
CA ALA B 201 29.94 -3.63 42.03
C ALA B 201 29.87 -5.11 41.57
N LEU B 202 29.99 -5.37 40.27
CA LEU B 202 29.90 -6.73 39.72
C LEU B 202 31.30 -7.33 39.50
N PRO B 203 31.35 -8.66 39.37
CA PRO B 203 32.67 -9.31 39.33
C PRO B 203 33.49 -8.89 38.11
N LEU B 204 34.73 -8.48 38.37
CA LEU B 204 35.59 -7.95 37.32
C LEU B 204 35.93 -8.93 36.19
N ALA B 205 36.24 -10.17 36.53
CA ALA B 205 36.58 -11.10 35.47
C ALA B 205 35.38 -11.45 34.58
N SER B 206 34.17 -11.42 35.17
CA SER B 206 32.92 -11.68 34.44
C SER B 206 32.70 -10.58 33.40
N LEU B 207 32.88 -9.32 33.79
CA LEU B 207 32.73 -8.20 32.82
C LEU B 207 33.87 -8.23 31.79
N LYS B 208 35.09 -8.53 32.23
CA LYS B 208 36.18 -8.55 31.25
C LYS B 208 35.99 -9.66 30.20
N GLN B 209 35.71 -10.88 30.65
CA GLN B 209 35.59 -11.99 29.70
C GLN B 209 34.33 -11.82 28.80
N THR B 210 33.25 -11.26 29.36
CA THR B 210 32.00 -11.03 28.55
C THR B 210 32.31 -10.00 27.44
N LYS B 211 32.89 -8.85 27.82
CA LYS B 211 33.29 -7.91 26.78
C LYS B 211 34.29 -8.50 25.73
N ALA B 212 35.26 -9.28 26.18
CA ALA B 212 36.23 -9.80 25.23
C ALA B 212 35.54 -10.77 24.25
N LEU B 213 34.60 -11.59 24.74
CA LEU B 213 33.82 -12.46 23.82
C LEU B 213 32.99 -11.67 22.82
N MET B 214 32.34 -10.59 23.30
CA MET B 214 31.49 -9.75 22.43
C MET B 214 32.36 -9.08 21.36
N LYS B 215 33.59 -8.73 21.74
CA LYS B 215 34.54 -8.09 20.82
C LYS B 215 35.62 -9.05 20.32
N HIS B 216 35.21 -10.30 20.06
CA HIS B 216 36.06 -11.34 19.48
C HIS B 216 36.67 -10.87 18.15
N ASP B 217 35.99 -9.98 17.44
CA ASP B 217 36.48 -9.49 16.14
C ASP B 217 37.19 -8.15 16.26
N LEU B 218 37.75 -7.85 17.41
CA LEU B 218 38.45 -6.56 17.60
C LEU B 218 39.57 -6.26 16.55
N ASP B 219 40.38 -7.27 16.22
CA ASP B 219 41.37 -7.09 15.15
C ASP B 219 40.78 -6.53 13.86
N GLN B 220 39.60 -7.03 13.52
CA GLN B 220 38.97 -6.70 12.27
C GLN B 220 38.32 -5.32 12.36
N ILE B 221 37.85 -4.94 13.54
CA ILE B 221 37.43 -3.56 13.78
C ILE B 221 38.64 -2.59 13.62
N ILE B 222 39.77 -2.91 14.22
CA ILE B 222 40.95 -2.05 14.07
C ILE B 222 41.33 -1.91 12.57
N GLU B 223 41.23 -2.99 11.80
CA GLU B 223 41.64 -2.95 10.39
C GLU B 223 40.66 -2.09 9.54
N CYS B 224 39.36 -2.22 9.83
CA CYS B 224 38.37 -1.31 9.26
C CYS B 224 38.62 0.17 9.64
N ILE B 225 38.91 0.46 10.90
CA ILE B 225 39.22 1.86 11.22
C ILE B 225 40.44 2.40 10.43
N ASP B 226 41.48 1.57 10.29
CA ASP B 226 42.72 1.98 9.61
C ASP B 226 42.46 2.09 8.11
N HIS B 227 41.74 1.11 7.56
CA HIS B 227 41.37 1.20 6.14
C HIS B 227 40.58 2.48 5.84
N GLU B 228 39.57 2.78 6.66
CA GLU B 228 38.83 4.01 6.50
C GLU B 228 39.73 5.23 6.60
N ALA B 229 40.66 5.22 7.55
CA ALA B 229 41.59 6.33 7.71
C ALA B 229 42.34 6.64 6.40
N GLU B 230 42.87 5.63 5.73
CA GLU B 230 43.62 5.90 4.49
C GLU B 230 42.75 6.58 3.44
N ILE B 231 41.49 6.16 3.38
CA ILE B 231 40.57 6.69 2.41
C ILE B 231 40.22 8.10 2.78
N PHE B 232 39.99 8.31 4.08
CA PHE B 232 39.62 9.63 4.58
C PHE B 232 40.68 10.69 4.23
N MET B 233 41.93 10.34 4.46
CA MET B 233 43.01 11.29 4.29
C MET B 233 43.22 11.64 2.82
N GLN B 234 42.91 10.72 1.92
CA GLN B 234 42.86 11.08 0.52
C GLN B 234 41.77 12.07 0.20
N ARG B 235 40.57 11.84 0.73
CA ARG B 235 39.48 12.75 0.45
C ARG B 235 39.82 14.12 1.01
N VAL B 236 40.62 14.15 2.07
CA VAL B 236 40.99 15.42 2.69
C VAL B 236 41.70 16.33 1.68
N GLN B 237 42.46 15.73 0.76
CA GLN B 237 43.09 16.49 -0.31
C GLN B 237 42.31 16.43 -1.63
N SER B 238 41.05 16.86 -1.61
CA SER B 238 40.18 16.82 -2.80
C SER B 238 39.35 18.10 -2.98
N PRO B 239 39.05 18.42 -4.25
CA PRO B 239 38.27 19.62 -4.57
C PRO B 239 36.92 19.68 -3.85
N GLU B 240 36.23 18.55 -3.78
CA GLU B 240 35.00 18.44 -2.99
C GLU B 240 35.17 19.06 -1.62
N MET B 241 36.22 18.65 -0.92
CA MET B 241 36.52 19.14 0.42
C MET B 241 36.69 20.66 0.43
N LEU B 242 37.46 21.18 -0.53
CA LEU B 242 37.72 22.61 -0.63
C LEU B 242 36.42 23.39 -0.77
N GLU B 243 35.63 23.04 -1.78
CA GLU B 243 34.31 23.65 -1.98
C GLU B 243 33.47 23.51 -0.74
N LEU C 3 14.49 1.75 -25.29
CA LEU C 3 13.19 1.91 -24.60
C LEU C 3 12.27 0.69 -24.74
N HIS C 4 11.36 0.52 -23.79
CA HIS C 4 10.65 -0.74 -23.64
C HIS C 4 9.29 -0.61 -22.98
N PRO C 5 8.34 -1.40 -23.46
CA PRO C 5 6.98 -1.53 -22.91
C PRO C 5 7.01 -1.64 -21.36
N HIS C 6 6.16 -0.85 -20.70
CA HIS C 6 5.89 -0.97 -19.26
C HIS C 6 6.97 -0.43 -18.32
N LEU C 7 7.99 0.21 -18.89
CA LEU C 7 8.99 0.87 -18.06
C LEU C 7 9.26 2.29 -18.52
N ASN C 8 8.95 3.25 -17.66
CA ASN C 8 9.31 4.64 -17.92
C ASN C 8 10.61 5.04 -17.26
N ALA C 9 11.32 5.94 -17.93
CA ALA C 9 12.58 6.45 -17.41
C ALA C 9 12.63 7.97 -17.61
N ASN C 10 13.13 8.66 -16.59
CA ASN C 10 13.15 10.11 -16.60
C ASN C 10 14.44 10.52 -15.91
N LEU C 11 15.22 11.40 -16.55
CA LEU C 11 16.40 11.97 -15.90
C LEU C 11 16.24 13.49 -15.74
N GLU C 12 16.51 13.98 -14.53
CA GLU C 12 16.48 15.43 -14.28
C GLU C 12 17.33 15.77 -13.06
N GLY C 13 18.23 16.73 -13.20
CA GLY C 13 19.01 17.21 -12.08
C GLY C 13 19.96 16.16 -11.52
N GLY C 14 20.26 15.15 -12.33
CA GLY C 14 21.06 14.04 -11.88
C GLY C 14 20.22 12.91 -11.28
N VAL C 15 18.93 13.13 -11.08
CA VAL C 15 18.05 12.04 -10.61
C VAL C 15 17.44 11.25 -11.78
N LEU C 16 17.77 9.96 -11.90
CA LEU C 16 17.07 9.06 -12.82
C LEU C 16 15.91 8.33 -12.10
N THR C 17 14.68 8.58 -12.51
CA THR C 17 13.53 7.86 -11.98
C THR C 17 13.13 6.79 -12.98
N LEU C 18 13.11 5.53 -12.53
CA LEU C 18 12.58 4.42 -13.30
C LEU C 18 11.23 4.02 -12.67
N ALA C 19 10.18 3.91 -13.48
CA ALA C 19 8.84 3.64 -12.99
C ALA C 19 8.22 2.44 -13.71
N ILE C 20 7.92 1.37 -12.98
CA ILE C 20 7.31 0.20 -13.59
C ILE C 20 5.87 0.61 -13.90
N ASN C 21 5.45 0.35 -15.14
CA ASN C 21 4.22 0.91 -15.65
C ASN C 21 3.33 -0.18 -16.28
N ARG C 22 2.84 -1.08 -15.45
CA ARG C 22 2.01 -2.14 -15.95
C ARG C 22 0.82 -2.32 -15.04
N PRO C 23 0.11 -1.21 -14.79
CA PRO C 23 -0.89 -1.16 -13.73
C PRO C 23 -2.07 -2.12 -13.90
N GLU C 24 -2.45 -2.43 -15.14
CA GLU C 24 -3.57 -3.33 -15.39
C GLU C 24 -3.28 -4.72 -14.82
N ALA C 25 -2.00 -5.00 -14.59
CA ALA C 25 -1.61 -6.27 -14.04
C ALA C 25 -1.06 -6.06 -12.63
N LYS C 26 -1.33 -4.89 -12.06
CA LYS C 26 -0.76 -4.55 -10.74
C LYS C 26 0.78 -4.71 -10.76
N ASN C 27 1.38 -4.36 -11.90
CA ASN C 27 2.84 -4.41 -12.10
C ASN C 27 3.48 -5.77 -11.89
N ALA C 28 2.73 -6.86 -12.10
CA ALA C 28 3.32 -8.19 -12.15
C ALA C 28 4.40 -8.23 -13.22
N LEU C 29 5.56 -8.86 -12.92
CA LEU C 29 6.72 -8.82 -13.79
C LEU C 29 6.86 -10.09 -14.60
N TYR C 30 7.32 -9.98 -15.83
CA TYR C 30 7.61 -11.15 -16.66
C TYR C 30 9.05 -11.06 -17.14
N GLY C 31 9.59 -12.18 -17.60
CA GLY C 31 10.97 -12.30 -18.09
C GLY C 31 11.62 -11.08 -18.71
N GLU C 32 11.10 -10.61 -19.85
CA GLU C 32 11.72 -9.46 -20.53
C GLU C 32 11.76 -8.19 -19.66
N LEU C 33 10.70 -8.00 -18.88
CA LEU C 33 10.59 -6.76 -18.12
C LEU C 33 11.63 -6.72 -17.00
N TYR C 34 11.81 -7.85 -16.30
CA TYR C 34 12.95 -7.99 -15.38
C TYR C 34 14.27 -7.58 -16.05
N LEU C 35 14.50 -8.07 -17.26
CA LEU C 35 15.76 -7.80 -17.95
C LEU C 35 15.86 -6.32 -18.34
N TRP C 36 14.76 -5.68 -18.72
CA TRP C 36 14.87 -4.26 -19.06
C TRP C 36 15.20 -3.35 -17.85
N ILE C 37 14.57 -3.65 -16.71
CA ILE C 37 14.87 -2.89 -15.48
C ILE C 37 16.37 -3.07 -15.13
N ALA C 38 16.86 -4.29 -15.24
CA ALA C 38 18.22 -4.63 -14.80
C ALA C 38 19.22 -3.91 -15.70
N LYS C 39 18.91 -3.87 -16.99
CA LYS C 39 19.78 -3.19 -17.95
C LYS C 39 19.76 -1.68 -17.73
N ALA C 40 18.61 -1.13 -17.44
CA ALA C 40 18.52 0.29 -17.12
C ALA C 40 19.41 0.65 -15.89
N LEU C 41 19.49 -0.24 -14.90
CA LEU C 41 20.34 -0.01 -13.72
C LEU C 41 21.81 -0.10 -14.11
N ASP C 42 22.16 -1.12 -14.88
CA ASP C 42 23.52 -1.22 -15.41
C ASP C 42 23.93 0.05 -16.18
N GLU C 43 23.05 0.61 -17.00
CA GLU C 43 23.39 1.84 -17.78
C GLU C 43 23.47 3.10 -16.94
N ALA C 44 22.52 3.25 -16.01
CA ALA C 44 22.55 4.36 -15.08
C ALA C 44 23.89 4.45 -14.32
N ASP C 45 24.47 3.30 -13.96
CA ASP C 45 25.77 3.31 -13.30
C ASP C 45 26.89 3.83 -14.22
N GLN C 46 26.84 3.49 -15.51
CA GLN C 46 27.77 4.06 -16.51
C GLN C 46 27.42 5.50 -16.95
N ASN C 47 26.26 5.99 -16.57
CA ASN C 47 25.84 7.31 -17.06
C ASN C 47 26.34 8.50 -16.22
N LYS C 48 27.34 9.21 -16.75
CA LYS C 48 27.88 10.39 -16.10
C LYS C 48 26.85 11.41 -15.65
N ASP C 49 25.72 11.52 -16.34
CA ASP C 49 24.70 12.48 -15.90
C ASP C 49 23.74 11.92 -14.84
N VAL C 50 23.91 10.63 -14.51
CA VAL C 50 23.14 10.03 -13.40
C VAL C 50 23.96 10.02 -12.10
N ARG C 51 23.41 10.62 -11.06
CA ARG C 51 24.04 10.61 -9.76
C ARG C 51 23.24 9.76 -8.73
N VAL C 52 21.92 9.73 -8.87
CA VAL C 52 21.07 8.93 -7.96
C VAL C 52 19.96 8.28 -8.76
N VAL C 53 19.57 7.06 -8.39
CA VAL C 53 18.45 6.35 -9.03
C VAL C 53 17.27 6.18 -8.08
N VAL C 54 16.05 6.56 -8.50
CA VAL C 54 14.82 6.18 -7.81
C VAL C 54 14.10 5.11 -8.65
N LEU C 55 13.73 4.01 -8.01
CA LEU C 55 12.92 3.00 -8.67
C LEU C 55 11.59 2.90 -7.93
N ARG C 56 10.51 2.93 -8.70
CA ARG C 56 9.16 2.91 -8.16
C ARG C 56 8.16 2.21 -9.11
N GLY C 57 6.90 2.14 -8.71
CA GLY C 57 5.90 1.42 -9.48
C GLY C 57 4.95 2.41 -10.14
N ALA C 58 3.67 2.08 -10.13
CA ALA C 58 2.66 2.87 -10.84
C ALA C 58 1.99 3.77 -9.82
N GLU C 59 0.86 4.41 -10.17
CA GLU C 59 0.24 5.32 -9.21
C GLU C 59 -0.06 4.67 -7.85
N HIS C 60 -0.50 3.41 -7.86
CA HIS C 60 -1.00 2.80 -6.61
C HIS C 60 -0.25 1.53 -6.14
N ASP C 61 0.56 0.94 -7.00
CA ASP C 61 1.18 -0.34 -6.71
C ASP C 61 2.63 -0.39 -7.14
N PHE C 62 3.43 -1.20 -6.41
CA PHE C 62 4.86 -1.37 -6.70
C PHE C 62 5.01 -2.56 -7.65
N THR C 63 4.78 -3.77 -7.15
CA THR C 63 4.65 -4.93 -8.06
C THR C 63 3.97 -6.11 -7.35
N ALA C 64 3.03 -6.75 -8.06
CA ALA C 64 2.42 -7.98 -7.58
C ALA C 64 3.37 -9.17 -7.68
N GLY C 65 4.61 -8.94 -8.09
CA GLY C 65 5.60 -10.01 -8.12
C GLY C 65 5.60 -10.74 -9.46
N ASN C 66 6.11 -11.97 -9.47
CA ASN C 66 6.27 -12.72 -10.71
C ASN C 66 4.96 -13.08 -11.38
N ASP C 67 4.89 -12.75 -12.66
CA ASP C 67 3.68 -13.01 -13.42
C ASP C 67 3.42 -14.52 -13.48
N MET C 68 2.27 -14.96 -12.99
CA MET C 68 1.96 -16.39 -12.92
C MET C 68 2.04 -17.08 -14.28
N LYS C 69 1.23 -16.61 -15.23
CA LYS C 69 1.37 -17.05 -16.61
C LYS C 69 2.82 -16.94 -17.04
N PRO C 82 21.30 -22.26 -16.58
CA PRO C 82 22.08 -21.54 -15.60
C PRO C 82 21.12 -20.70 -14.74
N ALA C 83 20.98 -21.09 -13.48
CA ALA C 83 19.99 -20.48 -12.59
C ALA C 83 20.29 -19.00 -12.42
N GLY C 84 21.58 -18.66 -12.43
CA GLY C 84 22.03 -17.27 -12.26
C GLY C 84 21.57 -16.33 -13.37
N GLN C 85 21.14 -16.88 -14.49
CA GLN C 85 20.74 -16.04 -15.58
C GLN C 85 19.21 -15.94 -15.72
N VAL C 86 18.44 -16.63 -14.87
CA VAL C 86 16.99 -16.51 -14.89
C VAL C 86 16.67 -15.07 -14.51
N PRO C 87 15.76 -14.40 -15.24
CA PRO C 87 15.68 -12.95 -15.18
C PRO C 87 15.52 -12.26 -13.77
N PRO C 88 14.62 -12.74 -12.90
CA PRO C 88 14.55 -12.01 -11.60
C PRO C 88 15.90 -11.95 -10.87
N PHE C 89 16.70 -13.01 -10.93
CA PHE C 89 18.03 -12.99 -10.31
C PHE C 89 19.00 -12.01 -10.99
N VAL C 90 18.89 -11.85 -12.32
CA VAL C 90 19.68 -10.82 -12.99
C VAL C 90 19.30 -9.43 -12.47
N LEU C 91 18.01 -9.16 -12.30
CA LEU C 91 17.60 -7.86 -11.76
C LEU C 91 18.13 -7.69 -10.33
N LEU C 92 17.93 -8.70 -9.48
CA LEU C 92 18.45 -8.58 -8.09
C LEU C 92 19.97 -8.25 -8.04
N LYS C 93 20.77 -8.90 -8.87
CA LYS C 93 22.21 -8.63 -8.89
C LYS C 93 22.56 -7.26 -9.48
N SER C 94 21.85 -6.82 -10.52
CA SER C 94 22.08 -5.46 -11.07
C SER C 94 21.82 -4.40 -10.01
N ALA C 95 20.71 -4.55 -9.30
CA ALA C 95 20.41 -3.61 -8.24
C ALA C 95 21.55 -3.66 -7.19
N ALA C 96 21.99 -4.85 -6.76
CA ALA C 96 23.04 -4.91 -5.71
C ALA C 96 24.38 -4.25 -6.10
N ARG C 97 24.69 -4.25 -7.40
CA ARG C 97 26.02 -3.79 -7.91
C ARG C 97 26.02 -2.32 -8.14
N LEU C 98 24.84 -1.73 -8.30
CA LEU C 98 24.72 -0.29 -8.58
C LEU C 98 25.53 0.53 -7.61
N SER C 99 26.47 1.34 -8.13
CA SER C 99 27.46 1.98 -7.25
C SER C 99 26.95 3.29 -6.70
N LYS C 100 25.92 3.85 -7.33
CA LYS C 100 25.32 5.07 -6.87
C LYS C 100 24.08 4.78 -5.98
N PRO C 101 23.61 5.81 -5.27
CA PRO C 101 22.51 5.49 -4.35
C PRO C 101 21.27 5.02 -5.10
N LEU C 102 20.62 4.01 -4.54
CA LEU C 102 19.35 3.53 -5.05
C LEU C 102 18.26 3.69 -3.99
N ILE C 103 17.18 4.39 -4.36
CA ILE C 103 16.05 4.66 -3.49
C ILE C 103 14.82 3.97 -4.09
N ILE C 104 14.08 3.23 -3.27
CA ILE C 104 12.84 2.61 -3.78
C ILE C 104 11.63 3.18 -3.04
N ALA C 105 10.55 3.44 -3.78
CA ALA C 105 9.35 4.01 -3.15
C ALA C 105 8.23 2.99 -3.37
N VAL C 106 7.53 2.64 -2.29
CA VAL C 106 6.58 1.52 -2.33
C VAL C 106 5.18 2.02 -2.00
N LYS C 107 4.21 1.69 -2.86
CA LYS C 107 2.78 1.91 -2.61
C LYS C 107 2.04 0.58 -2.90
N GLY C 108 0.92 0.31 -2.26
CA GLY C 108 0.14 -0.90 -2.58
C GLY C 108 0.96 -2.19 -2.59
N VAL C 109 0.71 -3.07 -3.57
CA VAL C 109 1.29 -4.41 -3.43
C VAL C 109 2.79 -4.43 -3.74
N ALA C 110 3.50 -5.29 -2.99
CA ALA C 110 4.93 -5.47 -3.11
C ALA C 110 5.22 -6.92 -2.73
N ILE C 111 5.13 -7.81 -3.71
CA ILE C 111 5.09 -9.24 -3.46
C ILE C 111 6.31 -9.92 -4.05
N GLY C 112 6.97 -10.75 -3.26
CA GLY C 112 8.07 -11.63 -3.74
C GLY C 112 9.28 -10.79 -4.03
N ILE C 113 9.62 -10.70 -5.32
CA ILE C 113 10.58 -9.72 -5.78
C ILE C 113 10.29 -8.34 -5.22
N GLY C 114 9.00 -8.01 -5.03
CA GLY C 114 8.61 -6.70 -4.46
C GLY C 114 9.26 -6.43 -3.09
N VAL C 115 9.56 -7.48 -2.35
CA VAL C 115 10.27 -7.35 -1.06
C VAL C 115 11.78 -7.57 -1.19
N THR C 116 12.21 -8.60 -1.91
CA THR C 116 13.63 -8.95 -1.94
C THR C 116 14.47 -7.86 -2.64
N ILE C 117 13.86 -7.10 -3.55
CA ILE C 117 14.59 -5.98 -4.17
C ILE C 117 14.85 -4.83 -3.17
N LEU C 118 14.03 -4.74 -2.12
CA LEU C 118 14.26 -3.68 -1.11
C LEU C 118 15.59 -3.89 -0.39
N LEU C 119 16.01 -5.14 -0.31
CA LEU C 119 17.26 -5.51 0.39
C LEU C 119 18.52 -5.06 -0.41
N GLN C 120 18.32 -4.74 -1.70
CA GLN C 120 19.44 -4.17 -2.51
C GLN C 120 19.43 -2.65 -2.57
N ALA C 121 18.35 -2.00 -2.13
CA ALA C 121 18.32 -0.54 -2.09
C ALA C 121 18.94 0.04 -0.84
N ASP C 122 19.46 1.27 -0.97
CA ASP C 122 20.04 2.00 0.16
C ASP C 122 19.00 2.63 1.04
N LEU C 123 17.94 3.16 0.42
CA LEU C 123 16.83 3.81 1.14
C LEU C 123 15.45 3.38 0.60
N VAL C 124 14.47 3.17 1.48
CA VAL C 124 13.14 2.72 1.05
C VAL C 124 12.11 3.51 1.80
N PHE C 125 11.16 4.09 1.05
CA PHE C 125 10.07 4.84 1.61
C PHE C 125 8.77 4.15 1.19
N ALA C 126 7.81 4.09 2.10
CA ALA C 126 6.49 3.47 1.82
C ALA C 126 5.37 4.31 2.43
N ASP C 127 4.16 4.21 1.86
CA ASP C 127 2.99 4.68 2.58
C ASP C 127 2.20 3.55 3.24
N ASN C 128 1.18 3.91 4.00
CA ASN C 128 0.40 2.87 4.70
C ASN C 128 -0.52 1.97 3.83
N THR C 129 -0.51 2.15 2.52
CA THR C 129 -1.23 1.20 1.67
C THR C 129 -0.37 0.02 1.32
N ALA C 130 0.89 0.01 1.74
CA ALA C 130 1.78 -1.02 1.20
C ALA C 130 1.34 -2.40 1.71
N LEU C 131 1.39 -3.40 0.83
CA LEU C 131 0.99 -4.77 1.22
C LEU C 131 2.12 -5.70 0.74
N PHE C 132 2.93 -6.21 1.68
CA PHE C 132 4.15 -6.94 1.36
C PHE C 132 3.90 -8.42 1.52
N GLN C 133 4.61 -9.26 0.78
CA GLN C 133 4.57 -10.69 1.10
C GLN C 133 5.82 -11.32 0.55
N ILE C 134 6.35 -12.34 1.25
CA ILE C 134 7.35 -13.21 0.64
C ILE C 134 6.76 -14.62 0.49
N PRO C 135 6.20 -14.93 -0.69
CA PRO C 135 5.33 -16.16 -0.66
C PRO C 135 6.01 -17.47 -0.99
N PHE C 136 7.32 -17.47 -1.21
CA PHE C 136 8.00 -18.61 -1.85
C PHE C 136 7.80 -19.93 -1.11
N VAL C 137 7.88 -19.91 0.21
CA VAL C 137 7.63 -21.14 0.94
C VAL C 137 6.25 -21.71 0.61
N SER C 138 5.24 -20.86 0.47
CA SER C 138 3.91 -21.46 0.24
C SER C 138 3.75 -22.02 -1.18
N LEU C 139 4.75 -21.83 -2.03
CA LEU C 139 4.70 -22.41 -3.36
C LEU C 139 5.60 -23.63 -3.45
N GLY C 140 6.19 -24.04 -2.33
CA GLY C 140 7.17 -25.08 -2.30
C GLY C 140 8.51 -24.66 -2.90
N LEU C 141 8.80 -23.37 -2.96
CA LEU C 141 10.11 -22.89 -3.39
C LEU C 141 11.03 -22.55 -2.21
N SER C 142 11.92 -21.58 -2.36
CA SER C 142 13.00 -21.32 -1.39
C SER C 142 13.38 -19.87 -1.56
N PRO C 143 14.33 -19.38 -0.76
CA PRO C 143 14.52 -17.91 -0.82
C PRO C 143 15.12 -17.40 -2.14
N GLU C 144 14.99 -16.11 -2.38
CA GLU C 144 15.71 -15.48 -3.48
C GLU C 144 16.21 -14.10 -3.02
N GLY C 145 17.09 -13.50 -3.79
CA GLY C 145 17.52 -12.15 -3.45
C GLY C 145 18.65 -12.16 -2.44
N GLY C 146 19.12 -13.33 -2.07
CA GLY C 146 20.08 -13.37 -0.98
C GLY C 146 19.37 -13.09 0.36
N ALA C 147 18.04 -13.14 0.35
CA ALA C 147 17.21 -12.97 1.56
C ALA C 147 17.62 -13.80 2.80
N SER C 148 18.03 -15.04 2.58
CA SER C 148 18.40 -15.91 3.68
C SER C 148 19.54 -15.30 4.55
N GLN C 149 20.28 -14.33 4.02
CA GLN C 149 21.36 -13.63 4.72
C GLN C 149 21.00 -12.14 4.91
N LEU C 150 20.59 -11.46 3.84
CA LEU C 150 20.32 -10.03 3.89
C LEU C 150 19.13 -9.68 4.81
N LEU C 151 18.06 -10.46 4.75
CA LEU C 151 16.93 -10.19 5.65
C LEU C 151 17.31 -10.52 7.11
N VAL C 152 18.12 -11.57 7.31
CA VAL C 152 18.50 -11.91 8.68
C VAL C 152 19.30 -10.71 9.23
N LYS C 153 20.18 -10.16 8.43
CA LYS C 153 21.01 -9.02 8.91
C LYS C 153 20.21 -7.76 9.11
N GLN C 154 19.30 -7.47 8.17
CA GLN C 154 18.50 -6.24 8.22
C GLN C 154 17.36 -6.26 9.30
N ALA C 155 16.69 -7.40 9.46
CA ALA C 155 15.53 -7.52 10.37
C ALA C 155 15.85 -8.30 11.64
N GLY C 156 17.03 -8.96 11.70
CA GLY C 156 17.30 -9.91 12.80
C GLY C 156 16.71 -11.29 12.48
N TYR C 157 17.24 -12.32 13.14
CA TYR C 157 16.89 -13.72 12.77
C TYR C 157 15.43 -14.04 13.03
N HIS C 158 14.89 -13.65 14.20
CA HIS C 158 13.48 -14.01 14.48
C HIS C 158 12.48 -13.45 13.49
N LYS C 159 12.60 -12.17 13.17
CA LYS C 159 11.67 -11.53 12.27
C LYS C 159 11.84 -12.07 10.85
N ALA C 160 13.07 -12.33 10.43
CA ALA C 160 13.29 -12.90 9.07
C ALA C 160 12.65 -14.29 8.96
N ALA C 161 12.81 -15.12 10.00
CA ALA C 161 12.19 -16.43 10.06
C ALA C 161 10.68 -16.31 9.94
N GLU C 162 10.11 -15.35 10.66
CA GLU C 162 8.65 -15.17 10.66
C GLU C 162 8.13 -14.84 9.27
N LEU C 163 8.82 -13.90 8.63
CA LEU C 163 8.38 -13.48 7.31
C LEU C 163 8.62 -14.56 6.29
N LEU C 164 9.77 -15.22 6.34
CA LEU C 164 10.12 -16.28 5.36
C LEU C 164 9.36 -17.60 5.61
N PHE C 165 9.27 -18.05 6.87
CA PHE C 165 8.60 -19.38 7.10
C PHE C 165 7.12 -19.35 6.88
N THR C 166 6.47 -18.28 7.31
CA THR C 166 5.00 -18.29 7.30
C THR C 166 4.46 -17.82 5.94
N ALA C 167 5.31 -17.18 5.12
CA ALA C 167 4.86 -16.52 3.88
C ALA C 167 3.66 -15.59 4.06
N LYS C 168 3.55 -14.93 5.22
CA LYS C 168 2.41 -14.03 5.53
C LYS C 168 2.45 -12.70 4.80
N LYS C 169 1.26 -12.15 4.56
CA LYS C 169 1.16 -10.80 4.03
C LYS C 169 1.31 -9.88 5.20
N PHE C 170 1.99 -8.76 5.02
CA PHE C 170 2.22 -7.86 6.18
C PHE C 170 2.25 -6.40 5.75
N ASN C 171 2.13 -5.51 6.71
CA ASN C 171 1.86 -4.11 6.37
C ASN C 171 3.10 -3.21 6.55
N ALA C 172 2.96 -1.89 6.35
CA ALA C 172 4.10 -0.97 6.42
C ALA C 172 4.75 -0.86 7.82
N GLU C 173 3.94 -0.86 8.87
CA GLU C 173 4.46 -0.89 10.22
C GLU C 173 5.39 -2.12 10.49
N THR C 174 4.97 -3.29 10.07
CA THR C 174 5.82 -4.48 10.22
C THR C 174 7.11 -4.32 9.38
N ALA C 175 6.99 -3.83 8.15
CA ALA C 175 8.20 -3.61 7.28
C ALA C 175 9.16 -2.58 7.93
N LEU C 176 8.58 -1.53 8.54
CA LEU C 176 9.39 -0.48 9.21
C LEU C 176 10.14 -1.11 10.39
N GLN C 177 9.43 -1.85 11.22
CA GLN C 177 10.04 -2.59 12.35
C GLN C 177 11.12 -3.61 11.87
N ALA C 178 10.89 -4.27 10.74
CA ALA C 178 11.89 -5.16 10.16
C ALA C 178 13.09 -4.47 9.48
N GLY C 179 13.11 -3.14 9.42
CA GLY C 179 14.19 -2.39 8.74
C GLY C 179 14.09 -2.41 7.20
N LEU C 180 13.01 -2.96 6.66
CA LEU C 180 12.85 -3.06 5.21
C LEU C 180 12.50 -1.69 4.64
N VAL C 181 11.89 -0.85 5.47
CA VAL C 181 11.44 0.47 5.06
C VAL C 181 12.13 1.52 6.00
N ASN C 182 12.64 2.62 5.45
CA ASN C 182 13.29 3.62 6.32
C ASN C 182 12.31 4.48 7.07
N GLU C 183 11.21 4.84 6.41
CA GLU C 183 10.24 5.78 6.93
C GLU C 183 8.90 5.52 6.26
N ILE C 184 7.85 5.55 7.05
CA ILE C 184 6.50 5.51 6.47
C ILE C 184 6.06 6.96 6.32
N VAL C 185 5.72 7.35 5.08
CA VAL C 185 5.43 8.74 4.77
C VAL C 185 4.04 8.85 4.05
N GLU C 186 3.52 10.07 3.95
CA GLU C 186 2.23 10.24 3.26
C GLU C 186 2.29 10.16 1.75
N ASP C 187 3.37 10.71 1.19
CA ASP C 187 3.53 10.73 -0.24
C ASP C 187 4.91 10.14 -0.50
N ALA C 188 4.96 8.82 -0.68
CA ALA C 188 6.21 8.10 -0.92
C ALA C 188 6.97 8.56 -2.16
N TYR C 189 6.27 8.95 -3.22
CA TYR C 189 7.02 9.41 -4.39
C TYR C 189 7.66 10.80 -4.20
N ALA C 190 6.96 11.73 -3.54
CA ALA C 190 7.55 13.06 -3.22
C ALA C 190 8.76 12.99 -2.24
N THR C 191 8.67 12.11 -1.24
CA THR C 191 9.77 11.94 -0.25
C THR C 191 10.99 11.36 -0.96
N ALA C 192 10.74 10.37 -1.79
CA ALA C 192 11.84 9.75 -2.54
C ALA C 192 12.51 10.75 -3.47
N GLN C 193 11.72 11.57 -4.14
CA GLN C 193 12.28 12.61 -5.00
C GLN C 193 13.06 13.68 -4.20
N ALA C 194 12.59 14.07 -3.02
CA ALA C 194 13.24 15.16 -2.27
C ALA C 194 14.55 14.64 -1.72
N THR C 195 14.52 13.43 -1.18
CA THR C 195 15.72 12.77 -0.78
C THR C 195 16.71 12.63 -1.90
N ALA C 196 16.27 12.25 -3.09
CA ALA C 196 17.20 12.09 -4.20
C ALA C 196 17.84 13.43 -4.61
N GLN C 197 17.10 14.51 -4.40
CA GLN C 197 17.58 15.84 -4.80
C GLN C 197 18.60 16.32 -3.81
N HIS C 198 18.39 16.00 -2.55
CA HIS C 198 19.38 16.27 -1.51
C HIS C 198 20.67 15.53 -1.80
N LEU C 199 20.57 14.25 -2.16
CA LEU C 199 21.76 13.46 -2.48
C LEU C 199 22.49 13.89 -3.78
N THR C 200 21.77 14.30 -4.83
CA THR C 200 22.46 14.82 -6.03
C THR C 200 23.24 16.10 -5.75
N ALA C 201 22.84 16.89 -4.75
CA ALA C 201 23.60 18.11 -4.37
C ALA C 201 24.89 17.80 -3.61
N LEU C 202 25.08 16.55 -3.20
CA LEU C 202 26.23 16.21 -2.38
C LEU C 202 27.32 15.56 -3.25
N PRO C 203 28.55 15.50 -2.72
CA PRO C 203 29.66 15.04 -3.55
C PRO C 203 29.51 13.59 -3.97
N LEU C 204 29.47 13.35 -5.28
CA LEU C 204 29.27 11.99 -5.78
C LEU C 204 30.43 11.12 -5.33
N ALA C 205 31.63 11.68 -5.28
CA ALA C 205 32.78 10.92 -4.87
C ALA C 205 32.62 10.43 -3.42
N SER C 206 32.06 11.26 -2.55
CA SER C 206 31.86 10.84 -1.16
C SER C 206 30.80 9.73 -1.06
N LEU C 207 29.68 9.89 -1.78
CA LEU C 207 28.62 8.90 -1.75
C LEU C 207 29.11 7.57 -2.28
N LYS C 208 29.82 7.63 -3.41
CA LYS C 208 30.34 6.43 -4.05
C LYS C 208 31.26 5.67 -3.08
N GLN C 209 32.24 6.38 -2.54
CA GLN C 209 33.20 5.75 -1.66
C GLN C 209 32.59 5.28 -0.32
N THR C 210 31.64 6.02 0.23
CA THR C 210 30.93 5.59 1.45
C THR C 210 30.15 4.30 1.20
N LYS C 211 29.44 4.22 0.09
CA LYS C 211 28.66 3.02 -0.25
C LYS C 211 29.55 1.82 -0.52
N ALA C 212 30.66 2.06 -1.21
CA ALA C 212 31.57 0.94 -1.50
C ALA C 212 32.14 0.35 -0.19
N LEU C 213 32.42 1.20 0.79
CA LEU C 213 32.87 0.69 2.11
C LEU C 213 31.75 -0.08 2.82
N MET C 214 30.54 0.49 2.84
CA MET C 214 29.36 -0.19 3.40
C MET C 214 29.10 -1.54 2.74
N LYS C 215 29.31 -1.62 1.43
CA LYS C 215 29.20 -2.90 0.71
C LYS C 215 30.53 -3.55 0.31
N HIS C 216 31.47 -3.54 1.25
CA HIS C 216 32.76 -4.19 1.08
C HIS C 216 32.62 -5.66 0.75
N ASP C 217 31.55 -6.28 1.23
CA ASP C 217 31.32 -7.69 0.96
C ASP C 217 30.40 -7.97 -0.23
N LEU C 218 30.38 -7.05 -1.19
CA LEU C 218 29.52 -7.21 -2.38
C LEU C 218 29.66 -8.56 -3.11
N ASP C 219 30.87 -9.10 -3.19
CA ASP C 219 31.03 -10.38 -3.89
C ASP C 219 30.37 -11.53 -3.12
N GLN C 220 30.46 -11.50 -1.80
CA GLN C 220 29.67 -12.43 -0.99
C GLN C 220 28.14 -12.29 -1.16
N ILE C 221 27.63 -11.07 -1.21
CA ILE C 221 26.19 -10.84 -1.50
C ILE C 221 25.81 -11.50 -2.86
N ILE C 222 26.60 -11.24 -3.89
CA ILE C 222 26.27 -11.77 -5.23
C ILE C 222 26.32 -13.31 -5.21
N GLU C 223 27.32 -13.86 -4.52
CA GLU C 223 27.47 -15.32 -4.40
C GLU C 223 26.25 -15.95 -3.71
N CYS C 224 25.69 -15.23 -2.72
CA CYS C 224 24.52 -15.75 -1.98
C CYS C 224 23.32 -15.73 -2.89
N ILE C 225 23.17 -14.66 -3.65
CA ILE C 225 22.07 -14.59 -4.63
C ILE C 225 22.12 -15.77 -5.64
N ASP C 226 23.31 -16.04 -6.17
CA ASP C 226 23.52 -17.15 -7.12
C ASP C 226 23.36 -18.53 -6.48
N HIS C 227 23.84 -18.69 -5.25
CA HIS C 227 23.61 -19.93 -4.53
C HIS C 227 22.11 -20.19 -4.28
N GLU C 228 21.39 -19.19 -3.74
CA GLU C 228 19.94 -19.33 -3.60
C GLU C 228 19.29 -19.67 -4.96
N ALA C 229 19.69 -18.96 -6.02
CA ALA C 229 19.17 -19.21 -7.38
C ALA C 229 19.26 -20.70 -7.77
N GLU C 230 20.41 -21.34 -7.56
CA GLU C 230 20.51 -22.75 -8.01
C GLU C 230 19.57 -23.67 -7.26
N ILE C 231 19.46 -23.45 -5.95
CA ILE C 231 18.49 -24.16 -5.15
C ILE C 231 17.06 -23.87 -5.57
N PHE C 232 16.75 -22.61 -5.74
CA PHE C 232 15.41 -22.21 -6.15
C PHE C 232 14.99 -22.97 -7.44
N MET C 233 15.87 -22.96 -8.43
CA MET C 233 15.50 -23.56 -9.74
C MET C 233 15.29 -25.07 -9.66
N GLN C 234 15.97 -25.76 -8.75
CA GLN C 234 15.63 -27.15 -8.48
C GLN C 234 14.20 -27.31 -7.92
N ARG C 235 13.87 -26.51 -6.91
CA ARG C 235 12.58 -26.60 -6.28
C ARG C 235 11.53 -26.40 -7.34
N VAL C 236 11.81 -25.54 -8.31
CA VAL C 236 10.85 -25.25 -9.36
C VAL C 236 10.39 -26.53 -10.09
N GLN C 237 11.14 -27.62 -9.97
CA GLN C 237 10.72 -28.88 -10.56
C GLN C 237 10.24 -29.87 -9.53
N SER C 238 9.97 -29.40 -8.32
CA SER C 238 9.58 -30.28 -7.23
C SER C 238 8.10 -30.66 -7.34
N PRO C 239 7.72 -31.79 -6.72
CA PRO C 239 6.32 -32.19 -6.60
C PRO C 239 5.52 -31.13 -5.84
N GLU C 240 6.10 -30.64 -4.73
CA GLU C 240 5.50 -29.53 -3.98
C GLU C 240 5.15 -28.38 -4.92
N MET C 241 6.10 -27.98 -5.75
CA MET C 241 5.80 -26.99 -6.80
C MET C 241 5.19 -27.74 -7.97
N LEU D 3 -31.41 -28.74 4.49
CA LEU D 3 -32.47 -27.80 5.00
C LEU D 3 -32.04 -27.10 6.29
N HIS D 4 -32.10 -25.77 6.28
CA HIS D 4 -31.68 -24.99 7.46
C HIS D 4 -32.83 -24.10 7.83
N PRO D 5 -33.15 -23.96 9.12
CA PRO D 5 -34.27 -23.04 9.41
C PRO D 5 -34.00 -21.57 9.00
N HIS D 6 -32.73 -21.17 8.96
CA HIS D 6 -32.47 -19.73 8.70
C HIS D 6 -32.52 -19.39 7.22
N LEU D 7 -32.69 -20.38 6.34
CA LEU D 7 -32.82 -20.12 4.89
C LEU D 7 -33.96 -20.92 4.31
N ASN D 8 -35.08 -20.29 3.91
CA ASN D 8 -36.15 -21.03 3.23
C ASN D 8 -35.86 -20.98 1.77
N ALA D 9 -36.09 -22.09 1.10
CA ALA D 9 -36.12 -22.11 -0.35
C ALA D 9 -37.50 -22.59 -0.79
N ASN D 10 -37.90 -22.09 -1.96
CA ASN D 10 -39.16 -22.45 -2.61
C ASN D 10 -38.95 -22.37 -4.14
N LEU D 11 -39.30 -23.43 -4.89
CA LEU D 11 -39.21 -23.38 -6.34
C LEU D 11 -40.54 -23.63 -7.01
N GLU D 12 -41.06 -22.64 -7.72
CA GLU D 12 -42.35 -22.74 -8.39
C GLU D 12 -42.33 -22.04 -9.73
N GLY D 13 -42.68 -22.79 -10.78
CA GLY D 13 -42.81 -22.22 -12.10
C GLY D 13 -41.51 -21.56 -12.55
N GLY D 14 -40.38 -22.14 -12.14
CA GLY D 14 -39.08 -21.67 -12.61
C GLY D 14 -38.47 -20.58 -11.73
N VAL D 15 -39.23 -20.08 -10.77
CA VAL D 15 -38.68 -19.09 -9.85
C VAL D 15 -38.16 -19.75 -8.57
N LEU D 16 -36.85 -19.66 -8.30
CA LEU D 16 -36.38 -19.95 -6.94
C LEU D 16 -36.43 -18.73 -6.03
N THR D 17 -37.17 -18.82 -4.91
CA THR D 17 -37.15 -17.78 -3.90
C THR D 17 -36.33 -18.24 -2.71
N LEU D 18 -35.32 -17.44 -2.34
CA LEU D 18 -34.44 -17.74 -1.21
C LEU D 18 -34.72 -16.69 -0.14
N ALA D 19 -35.23 -17.08 1.03
CA ALA D 19 -35.60 -16.09 2.04
C ALA D 19 -34.77 -16.28 3.28
N ILE D 20 -34.06 -15.23 3.67
CA ILE D 20 -33.22 -15.29 4.83
C ILE D 20 -34.21 -15.22 5.98
N ASN D 21 -34.17 -16.22 6.86
CA ASN D 21 -35.11 -16.30 7.99
C ASN D 21 -34.40 -16.34 9.35
N ARG D 22 -33.90 -15.19 9.81
CA ARG D 22 -33.23 -15.15 11.11
C ARG D 22 -33.58 -13.87 11.91
N PRO D 23 -34.86 -13.69 12.23
CA PRO D 23 -35.35 -12.43 12.81
C PRO D 23 -34.76 -12.14 14.21
N GLU D 24 -34.24 -13.18 14.85
CA GLU D 24 -33.64 -13.03 16.18
C GLU D 24 -32.31 -12.24 16.14
N ALA D 25 -31.75 -12.07 14.94
CA ALA D 25 -30.55 -11.25 14.81
C ALA D 25 -30.74 -10.24 13.68
N LYS D 26 -32.00 -9.98 13.36
CA LYS D 26 -32.36 -9.11 12.24
C LYS D 26 -31.62 -9.48 10.97
N ASN D 27 -31.47 -10.79 10.76
CA ASN D 27 -30.90 -11.37 9.57
C ASN D 27 -29.41 -11.06 9.44
N ALA D 28 -28.75 -10.73 10.55
CA ALA D 28 -27.29 -10.69 10.57
C ALA D 28 -26.77 -12.00 10.00
N LEU D 29 -25.68 -11.93 9.22
CA LEU D 29 -25.15 -13.11 8.53
C LEU D 29 -23.88 -13.62 9.21
N TYR D 30 -23.82 -14.93 9.43
CA TYR D 30 -22.68 -15.60 10.01
C TYR D 30 -22.06 -16.60 8.99
N GLY D 31 -20.81 -16.99 9.24
CA GLY D 31 -20.02 -17.83 8.34
C GLY D 31 -20.77 -18.90 7.56
N GLU D 32 -21.40 -19.83 8.29
CA GLU D 32 -22.17 -20.90 7.62
C GLU D 32 -23.32 -20.43 6.74
N LEU D 33 -24.04 -19.44 7.22
CA LEU D 33 -25.19 -18.99 6.48
C LEU D 33 -24.71 -18.31 5.17
N TYR D 34 -23.61 -17.56 5.21
CA TYR D 34 -23.00 -17.10 3.94
C TYR D 34 -22.83 -18.24 2.94
N LEU D 35 -22.23 -19.34 3.41
CA LEU D 35 -21.97 -20.50 2.54
C LEU D 35 -23.22 -21.25 2.06
N TRP D 36 -24.25 -21.38 2.89
CA TRP D 36 -25.51 -22.01 2.41
C TRP D 36 -26.20 -21.17 1.32
N ILE D 37 -26.19 -19.85 1.47
CA ILE D 37 -26.72 -19.01 0.38
C ILE D 37 -25.85 -19.16 -0.87
N ALA D 38 -24.53 -19.08 -0.72
CA ALA D 38 -23.67 -19.18 -1.92
C ALA D 38 -23.95 -20.50 -2.63
N LYS D 39 -24.02 -21.58 -1.83
CA LYS D 39 -24.24 -22.92 -2.38
C LYS D 39 -25.57 -23.01 -3.12
N ALA D 40 -26.60 -22.41 -2.55
CA ALA D 40 -27.92 -22.36 -3.17
C ALA D 40 -27.93 -21.64 -4.53
N LEU D 41 -27.31 -20.45 -4.59
CA LEU D 41 -27.05 -19.76 -5.87
C LEU D 41 -26.29 -20.60 -6.90
N ASP D 42 -25.15 -21.21 -6.51
CA ASP D 42 -24.39 -22.10 -7.42
C ASP D 42 -25.24 -23.27 -7.97
N GLU D 43 -26.01 -23.93 -7.11
CA GLU D 43 -26.85 -25.06 -7.53
C GLU D 43 -28.01 -24.59 -8.44
N ALA D 44 -28.57 -23.42 -8.15
CA ALA D 44 -29.68 -22.91 -8.94
C ALA D 44 -29.20 -22.69 -10.37
N ASP D 45 -27.97 -22.20 -10.51
CA ASP D 45 -27.43 -21.97 -11.84
C ASP D 45 -27.30 -23.25 -12.67
N GLN D 46 -26.91 -24.36 -12.04
CA GLN D 46 -26.86 -25.67 -12.71
C GLN D 46 -28.21 -26.43 -12.77
N ASN D 47 -29.20 -25.97 -12.03
CA ASN D 47 -30.53 -26.62 -12.01
C ASN D 47 -31.44 -26.29 -13.22
N LYS D 48 -31.73 -27.29 -14.04
CA LYS D 48 -32.48 -27.04 -15.27
C LYS D 48 -33.84 -26.44 -15.02
N ASP D 49 -34.37 -26.68 -13.84
CA ASP D 49 -35.75 -26.28 -13.58
C ASP D 49 -35.90 -24.86 -13.01
N VAL D 50 -34.75 -24.22 -12.73
CA VAL D 50 -34.71 -22.84 -12.24
C VAL D 50 -34.39 -21.87 -13.36
N ARG D 51 -35.24 -20.85 -13.53
CA ARG D 51 -35.05 -19.80 -14.53
C ARG D 51 -34.63 -18.43 -13.96
N VAL D 52 -35.18 -18.09 -12.80
CA VAL D 52 -34.93 -16.79 -12.15
C VAL D 52 -34.78 -17.03 -10.66
N VAL D 53 -33.95 -16.23 -9.99
CA VAL D 53 -33.77 -16.33 -8.52
C VAL D 53 -34.21 -15.01 -7.86
N VAL D 54 -35.00 -15.13 -6.81
CA VAL D 54 -35.27 -13.95 -5.97
C VAL D 54 -34.61 -14.15 -4.63
N LEU D 55 -33.83 -13.19 -4.17
CA LEU D 55 -33.22 -13.26 -2.86
C LEU D 55 -33.83 -12.15 -1.99
N ARG D 56 -34.26 -12.52 -0.78
CA ARG D 56 -34.88 -11.56 0.11
C ARG D 56 -34.85 -11.99 1.56
N GLY D 57 -35.31 -11.11 2.44
CA GLY D 57 -35.60 -11.49 3.81
C GLY D 57 -36.93 -12.23 3.86
N ALA D 58 -37.14 -13.03 4.89
CA ALA D 58 -38.47 -13.69 5.05
C ALA D 58 -39.57 -12.72 5.50
N GLU D 59 -39.22 -11.65 6.23
CA GLU D 59 -40.21 -10.61 6.57
C GLU D 59 -39.79 -9.14 6.43
N HIS D 60 -39.57 -8.47 7.56
CA HIS D 60 -39.40 -7.01 7.61
C HIS D 60 -37.97 -6.48 7.38
N ASP D 61 -37.00 -7.37 7.35
CA ASP D 61 -35.58 -6.97 7.20
C ASP D 61 -34.91 -7.79 6.13
N PHE D 62 -33.98 -7.16 5.41
CA PHE D 62 -33.18 -7.88 4.44
C PHE D 62 -31.99 -8.47 5.19
N THR D 63 -31.09 -7.60 5.69
CA THR D 63 -29.94 -8.07 6.46
C THR D 63 -29.26 -6.97 7.28
N ALA D 64 -29.08 -7.22 8.57
CA ALA D 64 -28.37 -6.28 9.43
C ALA D 64 -26.88 -6.30 9.17
N GLY D 65 -26.44 -7.14 8.23
CA GLY D 65 -25.04 -7.22 7.87
C GLY D 65 -24.32 -8.37 8.54
N ASN D 66 -22.99 -8.28 8.62
CA ASN D 66 -22.16 -9.29 9.24
C ASN D 66 -22.39 -9.46 10.74
N ASP D 67 -22.61 -10.70 11.17
CA ASP D 67 -22.84 -11.02 12.57
C ASP D 67 -21.60 -10.71 13.41
N MET D 68 -21.79 -9.83 14.39
CA MET D 68 -20.70 -9.42 15.29
C MET D 68 -20.15 -10.59 16.12
N LYS D 69 -21.03 -11.26 16.86
CA LYS D 69 -20.62 -12.45 17.60
C LYS D 69 -19.72 -13.33 16.71
N ASP D 70 -20.29 -13.87 15.64
CA ASP D 70 -19.57 -14.75 14.74
C ASP D 70 -18.33 -14.05 14.18
N PHE D 71 -18.37 -12.72 14.16
CA PHE D 71 -17.18 -11.93 13.84
C PHE D 71 -16.26 -11.87 15.05
N GLY D 81 -6.93 -18.98 6.11
CA GLY D 81 -6.67 -19.31 4.70
C GLY D 81 -6.73 -18.07 3.82
N PRO D 82 -6.99 -18.27 2.52
CA PRO D 82 -7.04 -17.17 1.54
C PRO D 82 -8.19 -16.18 1.78
N ALA D 83 -7.89 -14.89 1.69
CA ALA D 83 -8.89 -13.85 1.95
C ALA D 83 -10.12 -14.06 1.03
N GLY D 84 -9.88 -14.56 -0.16
CA GLY D 84 -10.94 -14.82 -1.17
C GLY D 84 -11.88 -15.99 -0.86
N GLN D 85 -11.55 -16.79 0.15
CA GLN D 85 -12.39 -17.89 0.62
C GLN D 85 -13.07 -17.56 1.93
N VAL D 86 -12.88 -16.36 2.44
CA VAL D 86 -13.59 -15.97 3.66
C VAL D 86 -15.06 -15.84 3.26
N PRO D 87 -15.98 -16.41 4.06
CA PRO D 87 -17.37 -16.60 3.58
C PRO D 87 -18.13 -15.44 2.89
N PRO D 88 -18.09 -14.19 3.41
CA PRO D 88 -18.87 -13.20 2.65
C PRO D 88 -18.38 -13.00 1.20
N PHE D 89 -17.08 -13.19 0.94
CA PHE D 89 -16.55 -13.02 -0.42
C PHE D 89 -16.95 -14.18 -1.35
N VAL D 90 -17.08 -15.36 -0.77
CA VAL D 90 -17.68 -16.51 -1.47
C VAL D 90 -19.14 -16.22 -1.89
N LEU D 91 -19.93 -15.66 -1.00
CA LEU D 91 -21.30 -15.29 -1.32
C LEU D 91 -21.32 -14.21 -2.41
N LEU D 92 -20.52 -13.17 -2.23
CA LEU D 92 -20.50 -12.09 -3.21
C LEU D 92 -20.11 -12.61 -4.60
N LYS D 93 -19.09 -13.46 -4.68
CA LYS D 93 -18.72 -14.07 -5.95
C LYS D 93 -19.72 -15.04 -6.56
N SER D 94 -20.35 -15.91 -5.75
CA SER D 94 -21.45 -16.73 -6.26
C SER D 94 -22.57 -15.89 -6.89
N ALA D 95 -22.97 -14.80 -6.24
CA ALA D 95 -23.99 -13.93 -6.77
C ALA D 95 -23.52 -13.34 -8.09
N ALA D 96 -22.27 -12.87 -8.13
CA ALA D 96 -21.75 -12.23 -9.34
C ALA D 96 -21.72 -13.19 -10.53
N ARG D 97 -21.42 -14.47 -10.29
CA ARG D 97 -21.32 -15.49 -11.34
C ARG D 97 -22.67 -16.10 -11.76
N LEU D 98 -23.74 -15.89 -11.00
CA LEU D 98 -25.03 -16.47 -11.38
C LEU D 98 -25.36 -16.03 -12.81
N SER D 99 -25.48 -16.98 -13.75
CA SER D 99 -25.75 -16.59 -15.16
C SER D 99 -27.24 -16.27 -15.44
N LYS D 100 -28.12 -16.65 -14.51
CA LYS D 100 -29.56 -16.42 -14.63
C LYS D 100 -29.88 -15.10 -13.91
N PRO D 101 -31.01 -14.47 -14.25
CA PRO D 101 -31.41 -13.20 -13.62
C PRO D 101 -31.57 -13.32 -12.11
N LEU D 102 -31.00 -12.34 -11.39
CA LEU D 102 -31.05 -12.32 -9.94
C LEU D 102 -31.81 -11.07 -9.51
N ILE D 103 -32.89 -11.27 -8.76
CA ILE D 103 -33.68 -10.15 -8.26
C ILE D 103 -33.61 -10.11 -6.75
N ILE D 104 -33.38 -8.93 -6.19
CA ILE D 104 -33.40 -8.75 -4.76
C ILE D 104 -34.54 -7.80 -4.32
N ALA D 105 -35.25 -8.18 -3.25
CA ALA D 105 -36.29 -7.33 -2.66
C ALA D 105 -35.90 -6.94 -1.22
N VAL D 106 -35.84 -5.64 -0.94
CA VAL D 106 -35.38 -5.12 0.31
C VAL D 106 -36.55 -4.49 1.10
N LYS D 107 -36.70 -4.87 2.37
CA LYS D 107 -37.45 -4.10 3.39
C LYS D 107 -36.58 -3.98 4.61
N GLY D 108 -36.78 -2.94 5.42
CA GLY D 108 -35.94 -2.73 6.62
C GLY D 108 -34.42 -2.62 6.41
N VAL D 109 -33.66 -3.15 7.36
CA VAL D 109 -32.24 -2.90 7.37
C VAL D 109 -31.58 -3.63 6.20
N ALA D 110 -30.56 -2.99 5.64
CA ALA D 110 -29.68 -3.63 4.64
C ALA D 110 -28.35 -2.93 4.84
N ILE D 111 -27.43 -3.63 5.49
CA ILE D 111 -26.24 -3.00 6.00
C ILE D 111 -24.98 -3.72 5.54
N GLY D 112 -24.01 -2.93 5.07
CA GLY D 112 -22.75 -3.47 4.61
C GLY D 112 -22.97 -4.40 3.44
N ILE D 113 -22.89 -5.72 3.68
CA ILE D 113 -23.11 -6.63 2.58
C ILE D 113 -24.54 -6.54 2.08
N GLY D 114 -25.46 -6.10 2.94
CA GLY D 114 -26.86 -5.88 2.48
C GLY D 114 -26.92 -4.80 1.38
N VAL D 115 -25.89 -3.97 1.28
CA VAL D 115 -25.84 -2.99 0.16
C VAL D 115 -24.98 -3.53 -0.99
N THR D 116 -23.82 -4.08 -0.68
CA THR D 116 -22.89 -4.46 -1.75
C THR D 116 -23.44 -5.64 -2.58
N ILE D 117 -24.26 -6.50 -1.97
CA ILE D 117 -24.82 -7.59 -2.73
C ILE D 117 -25.81 -7.06 -3.79
N LEU D 118 -26.37 -5.87 -3.54
CA LEU D 118 -27.32 -5.25 -4.49
C LEU D 118 -26.65 -4.97 -5.83
N LEU D 119 -25.34 -4.75 -5.78
CA LEU D 119 -24.53 -4.49 -6.95
C LEU D 119 -24.23 -5.74 -7.76
N GLN D 120 -24.48 -6.92 -7.17
CA GLN D 120 -24.46 -8.18 -7.94
C GLN D 120 -25.84 -8.56 -8.50
N ALA D 121 -26.90 -7.98 -7.95
CA ALA D 121 -28.22 -8.30 -8.48
C ALA D 121 -28.51 -7.57 -9.77
N ASP D 122 -29.34 -8.17 -10.62
CA ASP D 122 -29.72 -7.54 -11.89
C ASP D 122 -30.82 -6.48 -11.72
N LEU D 123 -31.75 -6.73 -10.78
CA LEU D 123 -32.87 -5.84 -10.43
C LEU D 123 -33.11 -5.80 -8.93
N VAL D 124 -33.41 -4.63 -8.39
CA VAL D 124 -33.60 -4.45 -6.95
C VAL D 124 -34.87 -3.62 -6.75
N PHE D 125 -35.68 -4.06 -5.77
CA PHE D 125 -36.97 -3.41 -5.44
C PHE D 125 -36.95 -3.23 -3.96
N ALA D 126 -37.37 -2.05 -3.51
CA ALA D 126 -37.42 -1.73 -2.08
C ALA D 126 -38.74 -1.07 -1.72
N ASP D 127 -39.11 -1.08 -0.43
CA ASP D 127 -40.14 -0.15 0.03
C ASP D 127 -39.56 0.95 0.86
N ASN D 128 -40.43 1.86 1.28
CA ASN D 128 -39.96 3.05 1.98
C ASN D 128 -39.55 2.70 3.40
N THR D 129 -39.65 1.42 3.77
CA THR D 129 -39.12 1.07 5.11
C THR D 129 -37.59 0.86 5.10
N ALA D 130 -37.01 0.72 3.92
CA ALA D 130 -35.58 0.36 3.77
C ALA D 130 -34.60 1.33 4.44
N LEU D 131 -33.65 0.81 5.19
CA LEU D 131 -32.59 1.65 5.77
C LEU D 131 -31.28 1.07 5.27
N PHE D 132 -30.47 1.85 4.55
CA PHE D 132 -29.23 1.35 3.95
C PHE D 132 -28.06 1.99 4.66
N GLN D 133 -26.92 1.31 4.71
CA GLN D 133 -25.67 1.92 5.21
C GLN D 133 -24.49 1.07 4.74
N ILE D 134 -23.40 1.74 4.38
CA ILE D 134 -22.12 1.04 4.13
C ILE D 134 -21.17 1.50 5.22
N PRO D 135 -21.10 0.76 6.34
CA PRO D 135 -20.38 1.26 7.53
C PRO D 135 -18.89 1.00 7.56
N PHE D 136 -18.34 0.35 6.52
CA PHE D 136 -16.95 -0.10 6.52
C PHE D 136 -15.89 0.91 6.99
N VAL D 137 -15.90 2.13 6.43
CA VAL D 137 -14.86 3.13 6.78
C VAL D 137 -14.84 3.44 8.29
N SER D 138 -15.99 3.60 8.91
CA SER D 138 -15.98 3.88 10.36
C SER D 138 -15.57 2.70 11.22
N LEU D 139 -15.40 1.54 10.61
CA LEU D 139 -14.89 0.38 11.32
C LEU D 139 -13.40 0.30 11.09
N GLY D 140 -12.86 1.20 10.28
CA GLY D 140 -11.41 1.20 10.01
C GLY D 140 -11.10 0.14 8.97
N LEU D 141 -12.11 -0.20 8.17
CA LEU D 141 -11.92 -1.23 7.15
C LEU D 141 -11.72 -0.59 5.76
N SER D 142 -12.23 -1.23 4.72
CA SER D 142 -12.10 -0.76 3.34
C SER D 142 -13.25 -1.43 2.57
N PRO D 143 -13.40 -1.12 1.27
CA PRO D 143 -14.53 -1.67 0.48
C PRO D 143 -14.58 -3.20 0.34
N GLU D 144 -15.78 -3.72 0.16
CA GLU D 144 -15.95 -5.13 -0.14
C GLU D 144 -16.97 -5.28 -1.28
N GLY D 145 -17.07 -6.48 -1.83
CA GLY D 145 -18.08 -6.76 -2.86
C GLY D 145 -17.87 -6.08 -4.20
N GLY D 146 -16.65 -5.60 -4.44
CA GLY D 146 -16.33 -4.96 -5.71
C GLY D 146 -16.94 -3.57 -5.77
N ALA D 147 -17.41 -3.07 -4.64
CA ALA D 147 -18.10 -1.78 -4.56
C ALA D 147 -17.19 -0.58 -4.96
N SER D 148 -15.88 -0.68 -4.69
CA SER D 148 -14.96 0.39 -5.08
C SER D 148 -15.04 0.70 -6.58
N GLN D 149 -15.49 -0.28 -7.36
CA GLN D 149 -15.65 -0.12 -8.82
C GLN D 149 -17.13 -0.11 -9.21
N LEU D 150 -17.87 -1.12 -8.76
CA LEU D 150 -19.28 -1.26 -9.16
C LEU D 150 -20.14 -0.09 -8.66
N LEU D 151 -19.88 0.40 -7.46
CA LEU D 151 -20.64 1.56 -6.95
C LEU D 151 -20.29 2.87 -7.67
N VAL D 152 -19.02 3.06 -8.00
CA VAL D 152 -18.60 4.21 -8.79
C VAL D 152 -19.34 4.18 -10.16
N LYS D 153 -19.43 3.01 -10.80
CA LYS D 153 -20.12 2.93 -12.08
C LYS D 153 -21.64 3.13 -11.95
N GLN D 154 -22.23 2.56 -10.92
CA GLN D 154 -23.68 2.57 -10.79
C GLN D 154 -24.22 3.95 -10.33
N ALA D 155 -23.58 4.55 -9.34
CA ALA D 155 -24.05 5.80 -8.80
C ALA D 155 -23.27 7.06 -9.32
N GLY D 156 -22.16 6.83 -10.03
CA GLY D 156 -21.24 7.94 -10.39
C GLY D 156 -20.27 8.22 -9.25
N TYR D 157 -19.12 8.83 -9.57
CA TYR D 157 -18.04 8.96 -8.61
C TYR D 157 -18.41 9.76 -7.36
N HIS D 158 -18.95 10.96 -7.53
CA HIS D 158 -19.22 11.80 -6.37
C HIS D 158 -20.18 11.15 -5.33
N LYS D 159 -21.26 10.57 -5.81
CA LYS D 159 -22.25 9.93 -4.95
C LYS D 159 -21.71 8.68 -4.28
N ALA D 160 -20.98 7.86 -5.04
CA ALA D 160 -20.20 6.73 -4.43
C ALA D 160 -19.26 7.21 -3.30
N ALA D 161 -18.46 8.24 -3.58
CA ALA D 161 -17.54 8.78 -2.58
C ALA D 161 -18.37 9.21 -1.37
N GLU D 162 -19.49 9.86 -1.62
CA GLU D 162 -20.37 10.35 -0.53
C GLU D 162 -20.84 9.20 0.39
N LEU D 163 -21.29 8.12 -0.22
CA LEU D 163 -21.82 7.00 0.57
C LEU D 163 -20.70 6.20 1.25
N LEU D 164 -19.58 6.04 0.56
CA LEU D 164 -18.48 5.24 1.11
C LEU D 164 -17.65 5.99 2.17
N PHE D 165 -17.36 7.27 1.88
CA PHE D 165 -16.52 8.09 2.78
C PHE D 165 -17.21 8.36 4.12
N THR D 166 -18.47 8.78 4.07
CA THR D 166 -19.15 9.22 5.29
C THR D 166 -19.70 8.05 6.08
N ALA D 167 -19.86 6.90 5.41
CA ALA D 167 -20.53 5.71 6.01
C ALA D 167 -21.87 6.06 6.64
N LYS D 168 -22.58 7.04 6.08
CA LYS D 168 -23.90 7.46 6.57
C LYS D 168 -25.03 6.46 6.26
N LYS D 169 -26.07 6.45 7.11
CA LYS D 169 -27.29 5.76 6.80
C LYS D 169 -28.02 6.53 5.75
N PHE D 170 -28.78 5.85 4.92
CA PHE D 170 -29.56 6.54 3.91
C PHE D 170 -30.80 5.77 3.58
N ASN D 171 -31.77 6.45 2.99
CA ASN D 171 -33.08 5.83 2.69
C ASN D 171 -33.31 5.30 1.29
N ALA D 172 -34.53 4.86 1.03
CA ALA D 172 -34.85 4.27 -0.24
C ALA D 172 -34.73 5.32 -1.33
N GLU D 173 -35.13 6.55 -1.02
CA GLU D 173 -35.10 7.59 -2.05
C GLU D 173 -33.64 7.83 -2.50
N THR D 174 -32.72 7.94 -1.54
CA THR D 174 -31.32 8.10 -1.84
C THR D 174 -30.72 6.91 -2.65
N ALA D 175 -31.07 5.69 -2.25
CA ALA D 175 -30.69 4.45 -2.98
C ALA D 175 -31.16 4.47 -4.41
N LEU D 176 -32.42 4.88 -4.61
CA LEU D 176 -33.01 4.95 -5.94
C LEU D 176 -32.26 5.97 -6.81
N GLN D 177 -32.08 7.18 -6.30
CA GLN D 177 -31.29 8.21 -7.01
C GLN D 177 -29.88 7.69 -7.37
N ALA D 178 -29.24 6.95 -6.46
CA ALA D 178 -27.91 6.36 -6.71
C ALA D 178 -27.95 5.13 -7.63
N GLY D 179 -29.13 4.68 -8.06
CA GLY D 179 -29.23 3.49 -8.90
C GLY D 179 -29.08 2.12 -8.22
N LEU D 180 -29.07 2.11 -6.89
CA LEU D 180 -28.91 0.88 -6.12
C LEU D 180 -30.21 0.07 -6.14
N VAL D 181 -31.32 0.79 -6.31
CA VAL D 181 -32.66 0.25 -6.29
C VAL D 181 -33.28 0.67 -7.62
N ASN D 182 -33.96 -0.25 -8.30
CA ASN D 182 -34.70 0.04 -9.55
C ASN D 182 -36.03 0.85 -9.43
N GLU D 183 -36.77 0.61 -8.35
CA GLU D 183 -38.06 1.24 -8.19
C GLU D 183 -38.48 1.08 -6.72
N ILE D 184 -39.08 2.12 -6.14
CA ILE D 184 -39.65 2.04 -4.78
C ILE D 184 -41.15 1.72 -4.87
N VAL D 185 -41.62 0.68 -4.16
CA VAL D 185 -42.97 0.18 -4.42
C VAL D 185 -43.69 -0.16 -3.12
N GLU D 186 -44.99 -0.42 -3.22
CA GLU D 186 -45.79 -0.72 -2.03
C GLU D 186 -45.42 -2.05 -1.41
N ASP D 187 -45.30 -3.05 -2.27
CA ASP D 187 -45.11 -4.43 -1.82
C ASP D 187 -43.86 -4.98 -2.51
N ALA D 188 -42.72 -4.85 -1.85
CA ALA D 188 -41.46 -5.23 -2.48
C ALA D 188 -41.45 -6.73 -2.85
N TYR D 189 -41.94 -7.56 -1.93
CA TYR D 189 -42.00 -8.99 -2.18
C TYR D 189 -42.93 -9.44 -3.35
N ALA D 190 -44.13 -8.90 -3.43
CA ALA D 190 -45.00 -9.18 -4.58
C ALA D 190 -44.43 -8.64 -5.89
N THR D 191 -43.80 -7.47 -5.85
CA THR D 191 -43.23 -6.95 -7.10
C THR D 191 -42.08 -7.85 -7.55
N ALA D 192 -41.19 -8.23 -6.64
CA ALA D 192 -40.11 -9.14 -7.04
C ALA D 192 -40.69 -10.38 -7.76
N GLN D 193 -41.66 -11.01 -7.12
CA GLN D 193 -42.31 -12.21 -7.64
C GLN D 193 -42.99 -11.98 -8.99
N ALA D 194 -43.74 -10.88 -9.14
CA ALA D 194 -44.38 -10.63 -10.46
C ALA D 194 -43.33 -10.46 -11.53
N THR D 195 -42.23 -9.77 -11.21
CA THR D 195 -41.21 -9.53 -12.24
C THR D 195 -40.58 -10.87 -12.56
N ALA D 196 -40.32 -11.65 -11.52
CA ALA D 196 -39.75 -13.00 -11.67
C ALA D 196 -40.60 -13.86 -12.61
N GLN D 197 -41.91 -13.89 -12.37
CA GLN D 197 -42.81 -14.65 -13.26
C GLN D 197 -42.76 -14.13 -14.69
N HIS D 198 -42.65 -12.82 -14.87
CA HIS D 198 -42.51 -12.26 -16.23
C HIS D 198 -41.25 -12.78 -16.91
N LEU D 199 -40.11 -12.71 -16.22
CA LEU D 199 -38.86 -13.23 -16.82
C LEU D 199 -38.91 -14.74 -17.14
N THR D 200 -39.59 -15.54 -16.30
CA THR D 200 -39.65 -16.99 -16.62
C THR D 200 -40.39 -17.21 -17.90
N ALA D 201 -41.33 -16.33 -18.22
CA ALA D 201 -42.11 -16.50 -19.44
C ALA D 201 -41.28 -16.24 -20.71
N LEU D 202 -40.14 -15.56 -20.58
CA LEU D 202 -39.32 -15.28 -21.76
C LEU D 202 -38.30 -16.39 -21.99
N PRO D 203 -37.75 -16.45 -23.21
CA PRO D 203 -36.77 -17.48 -23.55
C PRO D 203 -35.50 -17.38 -22.73
N LEU D 204 -35.11 -18.49 -22.12
CA LEU D 204 -33.96 -18.51 -21.24
C LEU D 204 -32.63 -18.27 -21.95
N ALA D 205 -32.51 -18.74 -23.19
CA ALA D 205 -31.24 -18.57 -23.88
C ALA D 205 -30.97 -17.11 -24.24
N SER D 206 -32.03 -16.33 -24.45
CA SER D 206 -31.87 -14.87 -24.67
C SER D 206 -31.42 -14.14 -23.42
N LEU D 207 -32.05 -14.48 -22.28
CA LEU D 207 -31.73 -13.82 -21.04
C LEU D 207 -30.30 -14.15 -20.66
N LYS D 208 -29.96 -15.42 -20.82
CA LYS D 208 -28.63 -15.89 -20.48
C LYS D 208 -27.59 -15.17 -21.36
N GLN D 209 -27.84 -15.14 -22.66
CA GLN D 209 -26.91 -14.53 -23.60
C GLN D 209 -26.80 -13.03 -23.40
N THR D 210 -27.91 -12.39 -23.01
CA THR D 210 -27.94 -10.96 -22.82
C THR D 210 -27.17 -10.59 -21.54
N LYS D 211 -27.34 -11.37 -20.49
CA LYS D 211 -26.65 -11.07 -19.24
C LYS D 211 -25.15 -11.25 -19.41
N ALA D 212 -24.76 -12.27 -20.20
CA ALA D 212 -23.35 -12.58 -20.38
C ALA D 212 -22.61 -11.46 -21.12
N LEU D 213 -23.25 -10.91 -22.14
CA LEU D 213 -22.73 -9.73 -22.84
C LEU D 213 -22.62 -8.49 -21.95
N MET D 214 -23.64 -8.24 -21.15
CA MET D 214 -23.60 -7.13 -20.20
C MET D 214 -22.49 -7.35 -19.17
N LYS D 215 -22.23 -8.61 -18.81
CA LYS D 215 -21.16 -8.89 -17.85
C LYS D 215 -19.93 -9.52 -18.51
N HIS D 216 -19.56 -9.01 -19.69
CA HIS D 216 -18.35 -9.46 -20.40
C HIS D 216 -17.08 -9.26 -19.55
N ASP D 217 -17.12 -8.33 -18.59
CA ASP D 217 -15.97 -8.10 -17.74
C ASP D 217 -16.06 -8.89 -16.41
N LEU D 218 -16.77 -10.02 -16.41
CA LEU D 218 -16.96 -10.74 -15.15
C LEU D 218 -15.62 -11.07 -14.49
N ASP D 219 -14.63 -11.51 -15.27
CA ASP D 219 -13.33 -11.85 -14.70
C ASP D 219 -12.67 -10.69 -13.94
N GLN D 220 -12.72 -9.48 -14.51
CA GLN D 220 -12.29 -8.26 -13.81
C GLN D 220 -13.09 -7.94 -12.52
N ILE D 221 -14.39 -8.18 -12.55
CA ILE D 221 -15.22 -7.99 -11.35
C ILE D 221 -14.76 -8.95 -10.23
N ILE D 222 -14.51 -10.21 -10.60
CA ILE D 222 -14.05 -11.20 -9.61
C ILE D 222 -12.67 -10.82 -9.10
N GLU D 223 -11.78 -10.36 -9.99
CA GLU D 223 -10.46 -9.88 -9.57
C GLU D 223 -10.62 -8.74 -8.59
N CYS D 224 -11.52 -7.79 -8.85
CA CYS D 224 -11.70 -6.65 -7.92
C CYS D 224 -12.18 -7.11 -6.53
N ILE D 225 -13.16 -8.01 -6.52
CA ILE D 225 -13.64 -8.57 -5.28
C ILE D 225 -12.52 -9.24 -4.46
N ASP D 226 -11.65 -10.04 -5.09
CA ASP D 226 -10.54 -10.71 -4.39
C ASP D 226 -9.44 -9.71 -3.95
N HIS D 227 -9.17 -8.71 -4.79
CA HIS D 227 -8.16 -7.69 -4.41
C HIS D 227 -8.63 -6.90 -3.20
N GLU D 228 -9.87 -6.42 -3.23
CA GLU D 228 -10.47 -5.80 -2.06
C GLU D 228 -10.39 -6.72 -0.83
N ALA D 229 -10.61 -8.02 -1.05
CA ALA D 229 -10.67 -8.98 0.05
C ALA D 229 -9.30 -9.03 0.77
N GLU D 230 -8.21 -9.05 0.00
CA GLU D 230 -6.92 -9.12 0.65
C GLU D 230 -6.64 -7.87 1.50
N ILE D 231 -6.97 -6.71 0.97
CA ILE D 231 -6.88 -5.46 1.70
C ILE D 231 -7.78 -5.43 2.92
N PHE D 232 -9.04 -5.85 2.76
CA PHE D 232 -10.00 -5.91 3.86
C PHE D 232 -9.45 -6.77 4.99
N MET D 233 -8.95 -7.95 4.65
CA MET D 233 -8.47 -8.89 5.67
C MET D 233 -7.17 -8.43 6.37
N GLN D 234 -6.39 -7.56 5.73
CA GLN D 234 -5.24 -6.95 6.41
C GLN D 234 -5.70 -6.11 7.60
N ARG D 235 -6.90 -5.54 7.52
CA ARG D 235 -7.52 -4.84 8.65
C ARG D 235 -8.24 -5.81 9.61
N VAL D 236 -9.13 -6.63 9.09
CA VAL D 236 -9.85 -7.64 9.87
C VAL D 236 -8.95 -8.84 10.19
N HIS E 6 -3.08 36.10 -3.05
CA HIS E 6 -4.29 35.64 -3.77
C HIS E 6 -4.71 34.22 -3.37
N LEU E 7 -4.08 33.67 -2.34
CA LEU E 7 -4.48 32.37 -1.81
C LEU E 7 -4.44 32.38 -0.28
N ASN E 8 -5.61 32.27 0.34
CA ASN E 8 -5.72 32.13 1.79
C ASN E 8 -5.61 30.67 2.21
N ALA E 9 -4.79 30.40 3.21
CA ALA E 9 -4.62 29.03 3.70
C ALA E 9 -4.76 29.00 5.20
N ASN E 10 -5.55 28.05 5.68
CA ASN E 10 -5.87 27.92 7.07
C ASN E 10 -6.02 26.44 7.44
N LEU E 11 -5.28 25.99 8.45
CA LEU E 11 -5.46 24.63 9.00
C LEU E 11 -5.96 24.62 10.43
N GLU E 12 -7.06 23.92 10.68
CA GLU E 12 -7.65 23.83 12.01
C GLU E 12 -8.30 22.45 12.22
N GLY E 13 -7.95 21.76 13.30
CA GLY E 13 -8.53 20.42 13.58
C GLY E 13 -8.41 19.39 12.45
N GLY E 14 -7.25 19.37 11.79
CA GLY E 14 -7.02 18.44 10.64
C GLY E 14 -7.58 18.87 9.29
N VAL E 15 -8.39 19.94 9.27
CA VAL E 15 -8.95 20.48 8.03
C VAL E 15 -8.13 21.64 7.48
N LEU E 16 -7.51 21.46 6.31
CA LEU E 16 -6.85 22.56 5.60
C LEU E 16 -7.80 23.21 4.59
N THR E 17 -8.10 24.49 4.79
CA THR E 17 -8.96 25.24 3.88
C THR E 17 -8.11 26.16 3.02
N LEU E 18 -8.31 26.09 1.71
CA LEU E 18 -7.55 26.87 0.76
C LEU E 18 -8.56 27.71 0.03
N ALA E 19 -8.42 29.03 0.09
CA ALA E 19 -9.50 29.93 -0.33
C ALA E 19 -9.00 30.93 -1.39
N ILE E 20 -9.45 30.75 -2.63
CA ILE E 20 -9.01 31.61 -3.73
C ILE E 20 -9.51 33.05 -3.53
N ASN E 21 -8.58 33.99 -3.50
CA ASN E 21 -8.90 35.36 -3.04
C ASN E 21 -8.39 36.41 -4.02
N ARG E 22 -9.14 36.64 -5.09
CA ARG E 22 -8.78 37.63 -6.13
C ARG E 22 -10.04 38.27 -6.70
N PRO E 23 -10.87 38.82 -5.83
CA PRO E 23 -12.18 39.37 -6.20
C PRO E 23 -12.07 40.47 -7.26
N GLU E 24 -10.89 41.08 -7.39
CA GLU E 24 -10.73 42.15 -8.37
C GLU E 24 -10.88 41.59 -9.79
N ALA E 25 -10.68 40.28 -9.93
CA ALA E 25 -10.81 39.66 -11.25
C ALA E 25 -11.72 38.43 -11.17
N LYS E 26 -12.50 38.36 -10.09
CA LYS E 26 -13.46 37.28 -9.90
C LYS E 26 -12.78 35.91 -9.82
N ASN E 27 -11.69 35.87 -9.07
CA ASN E 27 -10.88 34.66 -8.92
C ASN E 27 -10.39 34.00 -10.22
N ALA E 28 -10.31 34.76 -11.32
CA ALA E 28 -9.68 34.23 -12.54
C ALA E 28 -8.26 33.81 -12.18
N LEU E 29 -7.84 32.64 -12.67
CA LEU E 29 -6.56 32.06 -12.34
C LEU E 29 -5.50 32.39 -13.37
N TYR E 30 -4.29 32.62 -12.90
CA TYR E 30 -3.18 32.87 -13.80
C TYR E 30 -2.00 31.99 -13.43
N GLY E 31 -1.12 31.76 -14.40
CA GLY E 31 0.14 31.00 -14.25
C GLY E 31 0.67 30.77 -12.85
N GLU E 32 1.32 31.77 -12.26
CA GLU E 32 1.86 31.60 -10.90
C GLU E 32 0.86 31.06 -9.87
N LEU E 33 -0.35 31.62 -9.86
CA LEU E 33 -1.36 31.19 -8.90
C LEU E 33 -1.82 29.70 -9.05
N TYR E 34 -1.88 29.17 -10.29
CA TYR E 34 -2.07 27.74 -10.53
C TYR E 34 -1.02 26.94 -9.75
N LEU E 35 0.24 27.34 -9.89
CA LEU E 35 1.32 26.63 -9.24
C LEU E 35 1.30 26.79 -7.71
N TRP E 36 0.96 27.96 -7.18
CA TRP E 36 0.82 28.09 -5.73
C TRP E 36 -0.26 27.14 -5.20
N ILE E 37 -1.35 26.99 -5.93
CA ILE E 37 -2.39 26.07 -5.45
C ILE E 37 -1.96 24.59 -5.55
N ALA E 38 -1.29 24.21 -6.64
CA ALA E 38 -0.81 22.84 -6.80
C ALA E 38 0.22 22.54 -5.72
N LYS E 39 1.08 23.52 -5.44
CA LYS E 39 2.09 23.30 -4.42
C LYS E 39 1.42 23.14 -3.06
N ALA E 40 0.41 23.94 -2.77
CA ALA E 40 -0.30 23.78 -1.52
C ALA E 40 -0.94 22.39 -1.38
N LEU E 41 -1.56 21.91 -2.45
CA LEU E 41 -2.15 20.56 -2.44
C LEU E 41 -1.10 19.51 -2.19
N ASP E 42 0.01 19.60 -2.96
CA ASP E 42 1.12 18.66 -2.85
C ASP E 42 1.66 18.64 -1.41
N GLU E 43 1.82 19.82 -0.83
CA GLU E 43 2.32 19.92 0.54
C GLU E 43 1.31 19.45 1.55
N ALA E 44 0.04 19.65 1.25
CA ALA E 44 -1.01 19.16 2.10
C ALA E 44 -1.01 17.63 2.15
N ASP E 45 -0.73 16.98 1.03
CA ASP E 45 -0.71 15.52 1.05
C ASP E 45 0.40 15.05 1.98
N GLN E 46 1.50 15.79 2.03
CA GLN E 46 2.70 15.38 2.77
C GLN E 46 2.71 15.82 4.22
N ASN E 47 1.67 16.56 4.63
CA ASN E 47 1.60 17.12 5.99
C ASN E 47 0.80 16.24 6.93
N LYS E 48 1.46 15.66 7.94
CA LYS E 48 0.82 14.65 8.78
C LYS E 48 -0.34 15.27 9.53
N ASP E 49 -0.30 16.57 9.72
CA ASP E 49 -1.35 17.25 10.43
C ASP E 49 -2.57 17.48 9.53
N VAL E 50 -2.40 17.39 8.21
CA VAL E 50 -3.55 17.63 7.34
C VAL E 50 -4.33 16.36 7.04
N ARG E 51 -5.62 16.40 7.34
CA ARG E 51 -6.52 15.22 7.19
C ARG E 51 -7.54 15.38 6.04
N VAL E 52 -8.11 16.57 5.91
CA VAL E 52 -9.01 16.85 4.79
C VAL E 52 -8.61 18.17 4.19
N VAL E 53 -8.67 18.24 2.86
CA VAL E 53 -8.57 19.52 2.17
C VAL E 53 -9.93 20.05 1.67
N VAL E 54 -10.23 21.31 1.98
CA VAL E 54 -11.40 22.00 1.40
C VAL E 54 -10.86 23.12 0.53
N LEU E 55 -11.19 23.09 -0.76
CA LEU E 55 -10.83 24.15 -1.71
C LEU E 55 -12.06 24.97 -2.09
N ARG E 56 -11.92 26.29 -2.11
CA ARG E 56 -13.04 27.18 -2.40
C ARG E 56 -12.60 28.62 -2.66
N GLY E 57 -13.53 29.45 -3.09
CA GLY E 57 -13.29 30.89 -3.18
C GLY E 57 -13.33 31.54 -1.80
N ALA E 58 -12.86 32.76 -1.70
CA ALA E 58 -12.91 33.43 -0.40
C ALA E 58 -14.31 34.03 -0.16
N GLU E 59 -14.95 34.52 -1.20
CA GLU E 59 -16.22 35.20 -1.00
C GLU E 59 -17.31 34.67 -1.91
N HIS E 60 -17.82 35.51 -2.81
CA HIS E 60 -18.97 35.15 -3.63
C HIS E 60 -18.70 34.23 -4.83
N ASP E 61 -17.44 34.03 -5.20
CA ASP E 61 -17.13 33.30 -6.43
C ASP E 61 -16.12 32.19 -6.20
N PHE E 62 -16.22 31.13 -6.99
CA PHE E 62 -15.20 30.08 -7.00
C PHE E 62 -14.11 30.51 -7.94
N THR E 63 -14.36 30.46 -9.24
CA THR E 63 -13.37 30.95 -10.18
C THR E 63 -13.97 31.32 -11.53
N ALA E 64 -13.59 32.49 -12.04
CA ALA E 64 -14.08 32.90 -13.36
C ALA E 64 -13.26 32.23 -14.45
N GLY E 65 -12.35 31.33 -14.08
CA GLY E 65 -11.60 30.56 -15.08
C GLY E 65 -10.24 31.19 -15.38
N ASN E 66 -9.63 30.73 -16.48
CA ASN E 66 -8.29 31.16 -16.88
C ASN E 66 -8.31 32.63 -17.30
N ASP E 67 -7.39 33.40 -16.76
CA ASP E 67 -7.22 34.83 -17.09
C ASP E 67 -6.91 34.97 -18.59
N MET E 68 -7.63 35.81 -19.33
CA MET E 68 -7.35 35.88 -20.78
C MET E 68 -5.92 36.34 -21.09
N LYS E 69 -5.33 37.05 -20.14
CA LYS E 69 -3.97 37.52 -20.30
C LYS E 69 -2.99 36.34 -20.36
N ASP E 70 -3.37 35.19 -19.78
CA ASP E 70 -2.63 33.94 -20.01
C ASP E 70 -2.82 33.40 -21.42
N PHE E 71 -4.06 33.31 -21.88
CA PHE E 71 -4.24 32.85 -23.24
C PHE E 71 -3.47 33.80 -24.17
N MET E 72 -3.43 35.07 -23.82
CA MET E 72 -2.70 36.02 -24.67
C MET E 72 -1.20 35.71 -24.70
N GLY E 73 -0.63 35.47 -23.53
CA GLY E 73 0.75 35.00 -23.41
C GLY E 73 1.13 33.88 -24.37
N PHE E 74 0.35 32.81 -24.43
CA PHE E 74 0.76 31.66 -25.24
C PHE E 74 0.75 32.01 -26.72
N VAL E 75 -0.18 32.87 -27.12
CA VAL E 75 -0.19 33.35 -28.48
C VAL E 75 1.13 34.09 -28.80
N GLN E 76 1.58 34.94 -27.88
CA GLN E 76 2.85 35.64 -28.02
C GLN E 76 3.95 34.94 -27.24
N PRO E 82 6.85 21.15 -22.60
CA PRO E 82 5.90 20.02 -22.64
C PRO E 82 4.52 20.48 -22.18
N ALA E 83 3.49 20.13 -22.96
CA ALA E 83 2.11 20.56 -22.67
C ALA E 83 1.70 20.22 -21.23
N GLY E 84 2.03 19.00 -20.80
CA GLY E 84 1.64 18.49 -19.47
C GLY E 84 2.13 19.33 -18.31
N GLN E 85 3.09 20.20 -18.58
CA GLN E 85 3.68 21.01 -17.50
C GLN E 85 3.18 22.43 -17.50
N VAL E 86 2.29 22.76 -18.43
CA VAL E 86 1.69 24.09 -18.41
C VAL E 86 0.83 24.17 -17.16
N PRO E 87 0.89 25.31 -16.45
CA PRO E 87 0.36 25.37 -15.09
C PRO E 87 -1.05 24.80 -14.83
N PRO E 88 -2.05 25.10 -15.67
CA PRO E 88 -3.39 24.53 -15.27
C PRO E 88 -3.35 23.01 -15.18
N PHE E 89 -2.56 22.40 -16.04
CA PHE E 89 -2.41 20.92 -16.04
C PHE E 89 -1.63 20.40 -14.82
N VAL E 90 -0.66 21.18 -14.36
CA VAL E 90 0.07 20.84 -13.14
C VAL E 90 -0.91 20.80 -11.97
N LEU E 91 -1.77 21.82 -11.87
CA LEU E 91 -2.77 21.87 -10.81
C LEU E 91 -3.82 20.71 -10.85
N LEU E 92 -4.33 20.41 -12.03
CA LEU E 92 -5.31 19.34 -12.20
C LEU E 92 -4.74 18.00 -11.76
N LYS E 93 -3.48 17.73 -12.15
CA LYS E 93 -2.78 16.53 -11.70
C LYS E 93 -2.51 16.45 -10.19
N SER E 94 -2.16 17.58 -9.57
CA SER E 94 -1.98 17.62 -8.13
C SER E 94 -3.27 17.30 -7.44
N ALA E 95 -4.38 17.87 -7.93
CA ALA E 95 -5.66 17.53 -7.34
C ALA E 95 -6.04 16.05 -7.57
N ALA E 96 -5.86 15.55 -8.81
CA ALA E 96 -6.16 14.14 -9.12
C ALA E 96 -5.40 13.20 -8.19
N ARG E 97 -4.18 13.57 -7.84
CA ARG E 97 -3.28 12.69 -7.10
C ARG E 97 -3.34 12.82 -5.57
N LEU E 98 -3.97 13.87 -5.07
CA LEU E 98 -4.11 14.01 -3.62
C LEU E 98 -4.73 12.74 -3.03
N SER E 99 -4.03 12.09 -2.09
CA SER E 99 -4.49 10.81 -1.52
C SER E 99 -5.59 10.99 -0.49
N LYS E 100 -5.67 12.22 0.05
CA LYS E 100 -6.64 12.60 1.08
C LYS E 100 -7.97 13.05 0.48
N PRO E 101 -9.03 13.08 1.29
CA PRO E 101 -10.25 13.62 0.71
C PRO E 101 -10.07 15.10 0.34
N LEU E 102 -10.72 15.47 -0.78
CA LEU E 102 -10.77 16.81 -1.32
C LEU E 102 -12.23 17.21 -1.51
N ILE E 103 -12.64 18.24 -0.77
CA ILE E 103 -13.99 18.78 -0.83
C ILE E 103 -13.89 20.14 -1.51
N ILE E 104 -14.78 20.39 -2.48
CA ILE E 104 -14.86 21.72 -3.08
C ILE E 104 -16.25 22.33 -2.82
N ALA E 105 -16.28 23.62 -2.49
CA ALA E 105 -17.49 24.39 -2.23
C ALA E 105 -17.57 25.54 -3.21
N VAL E 106 -18.67 25.60 -3.92
CA VAL E 106 -18.84 26.58 -4.98
C VAL E 106 -19.92 27.61 -4.67
N LYS E 107 -19.56 28.90 -4.76
CA LYS E 107 -20.58 29.96 -4.88
C LYS E 107 -20.27 30.78 -6.11
N GLY E 108 -21.28 31.36 -6.72
CA GLY E 108 -21.00 32.25 -7.82
C GLY E 108 -20.34 31.53 -8.98
N VAL E 109 -19.41 32.20 -9.66
CA VAL E 109 -18.92 31.65 -10.93
C VAL E 109 -17.96 30.46 -10.78
N ALA E 110 -18.14 29.47 -11.64
CA ALA E 110 -17.25 28.32 -11.71
C ALA E 110 -17.14 27.98 -13.19
N ILE E 111 -16.06 28.45 -13.82
CA ILE E 111 -15.94 28.46 -15.28
C ILE E 111 -14.73 27.67 -15.72
N GLY E 112 -14.87 26.88 -16.79
CA GLY E 112 -13.76 26.16 -17.40
C GLY E 112 -13.11 25.26 -16.36
N ILE E 113 -11.86 25.60 -16.00
CA ILE E 113 -11.19 24.85 -14.92
C ILE E 113 -12.03 24.85 -13.63
N GLY E 114 -12.91 25.86 -13.48
CA GLY E 114 -13.83 25.88 -12.34
C GLY E 114 -14.75 24.66 -12.27
N VAL E 115 -15.08 24.10 -13.43
CA VAL E 115 -15.92 22.90 -13.52
C VAL E 115 -15.02 21.67 -13.56
N THR E 116 -13.98 21.71 -14.38
CA THR E 116 -13.19 20.50 -14.61
C THR E 116 -12.44 20.04 -13.37
N ILE E 117 -12.06 20.97 -12.52
CA ILE E 117 -11.43 20.59 -11.27
C ILE E 117 -12.43 19.83 -10.33
N LEU E 118 -13.72 20.08 -10.48
CA LEU E 118 -14.74 19.38 -9.67
C LEU E 118 -14.70 17.86 -9.92
N LEU E 119 -14.29 17.47 -11.11
CA LEU E 119 -14.15 16.05 -11.43
C LEU E 119 -12.95 15.38 -10.68
N GLN E 120 -12.11 16.19 -10.05
CA GLN E 120 -11.03 15.65 -9.20
C GLN E 120 -11.36 15.69 -7.74
N ALA E 121 -12.47 16.35 -7.38
CA ALA E 121 -12.92 16.44 -5.99
C ALA E 121 -13.74 15.18 -5.65
N ASP E 122 -13.57 14.66 -4.45
CA ASP E 122 -14.39 13.56 -3.98
C ASP E 122 -15.81 14.02 -3.67
N LEU E 123 -15.96 15.24 -3.12
CA LEU E 123 -17.28 15.76 -2.77
C LEU E 123 -17.36 17.24 -3.11
N VAL E 124 -18.51 17.64 -3.66
CA VAL E 124 -18.72 19.00 -4.12
C VAL E 124 -20.05 19.51 -3.60
N PHE E 125 -20.01 20.73 -3.08
CA PHE E 125 -21.21 21.35 -2.53
C PHE E 125 -21.36 22.69 -3.21
N ALA E 126 -22.60 23.04 -3.56
CA ALA E 126 -22.85 24.32 -4.19
C ALA E 126 -24.12 24.95 -3.66
N ASP E 127 -24.17 26.27 -3.68
CA ASP E 127 -25.47 26.90 -3.44
C ASP E 127 -26.10 27.31 -4.75
N ASN E 128 -27.26 27.94 -4.68
CA ASN E 128 -27.99 28.27 -5.90
C ASN E 128 -27.58 29.57 -6.58
N THR E 129 -26.63 30.28 -6.00
CA THR E 129 -25.96 31.35 -6.74
C THR E 129 -25.06 30.73 -7.84
N ALA E 130 -24.75 29.44 -7.70
CA ALA E 130 -23.73 28.84 -8.54
C ALA E 130 -24.02 28.96 -10.02
N LEU E 131 -23.05 29.47 -10.78
CA LEU E 131 -23.15 29.49 -12.24
C LEU E 131 -21.91 28.81 -12.87
N PHE E 132 -22.16 27.75 -13.63
CA PHE E 132 -21.13 26.89 -14.19
C PHE E 132 -21.09 27.09 -15.66
N GLN E 133 -19.95 26.83 -16.29
CA GLN E 133 -19.86 26.78 -17.76
C GLN E 133 -18.56 26.11 -18.16
N ILE E 134 -18.54 25.42 -19.30
CA ILE E 134 -17.30 24.83 -19.81
C ILE E 134 -17.04 25.39 -21.20
N PRO E 135 -16.35 26.55 -21.26
CA PRO E 135 -16.30 27.38 -22.47
C PRO E 135 -15.36 26.98 -23.56
N PHE E 136 -14.65 25.85 -23.40
CA PHE E 136 -13.54 25.47 -24.29
C PHE E 136 -13.93 25.52 -25.78
N VAL E 137 -15.02 24.83 -26.10
CA VAL E 137 -15.46 24.76 -27.49
C VAL E 137 -15.66 26.18 -28.05
N SER E 138 -16.28 27.06 -27.28
CA SER E 138 -16.57 28.40 -27.77
C SER E 138 -15.26 29.20 -27.93
N LEU E 139 -14.18 28.73 -27.33
CA LEU E 139 -12.91 29.45 -27.43
C LEU E 139 -12.03 28.93 -28.53
N GLY E 140 -12.50 27.96 -29.28
CA GLY E 140 -11.64 27.31 -30.25
C GLY E 140 -10.65 26.34 -29.64
N LEU E 141 -10.89 25.92 -28.40
CA LEU E 141 -9.95 25.01 -27.71
C LEU E 141 -10.55 23.60 -27.61
N SER E 142 -10.21 22.84 -26.57
CA SER E 142 -10.63 21.44 -26.49
C SER E 142 -10.65 21.05 -25.02
N PRO E 143 -11.08 19.82 -24.69
CA PRO E 143 -11.23 19.48 -23.26
C PRO E 143 -9.91 19.52 -22.49
N GLU E 144 -9.97 19.74 -21.17
CA GLU E 144 -8.80 19.64 -20.28
C GLU E 144 -9.29 18.97 -18.99
N GLY E 145 -8.37 18.65 -18.10
CA GLY E 145 -8.73 18.04 -16.84
C GLY E 145 -9.13 16.57 -16.91
N GLY E 146 -8.98 15.96 -18.08
CA GLY E 146 -9.47 14.62 -18.28
C GLY E 146 -10.99 14.60 -18.42
N ALA E 147 -11.58 15.75 -18.72
CA ALA E 147 -13.04 15.86 -18.77
C ALA E 147 -13.64 14.98 -19.88
N SER E 148 -12.88 14.73 -20.96
CA SER E 148 -13.40 13.98 -22.08
C SER E 148 -13.72 12.56 -21.66
N GLN E 149 -13.08 12.11 -20.59
CA GLN E 149 -13.38 10.79 -20.03
C GLN E 149 -14.14 10.88 -18.74
N LEU E 150 -13.73 11.77 -17.83
CA LEU E 150 -14.36 11.85 -16.52
C LEU E 150 -15.76 12.43 -16.48
N LEU E 151 -16.07 13.40 -17.35
CA LEU E 151 -17.44 13.92 -17.43
C LEU E 151 -18.35 12.90 -18.08
N VAL E 152 -17.85 12.14 -19.05
CA VAL E 152 -18.69 11.08 -19.66
C VAL E 152 -19.05 10.06 -18.61
N LYS E 153 -18.09 9.67 -17.78
CA LYS E 153 -18.44 8.70 -16.73
C LYS E 153 -19.40 9.26 -15.65
N GLN E 154 -19.18 10.52 -15.26
CA GLN E 154 -19.91 11.09 -14.16
C GLN E 154 -21.35 11.46 -14.58
N ALA E 155 -21.49 12.01 -15.78
CA ALA E 155 -22.73 12.57 -16.24
C ALA E 155 -23.43 11.68 -17.25
N GLY E 156 -22.73 10.68 -17.80
CA GLY E 156 -23.25 9.90 -18.91
C GLY E 156 -22.94 10.61 -20.21
N TYR E 157 -22.91 9.83 -21.29
CA TYR E 157 -22.42 10.37 -22.55
C TYR E 157 -23.29 11.54 -23.06
N HIS E 158 -24.61 11.36 -23.05
CA HIS E 158 -25.52 12.38 -23.62
C HIS E 158 -25.39 13.72 -22.91
N LYS E 159 -25.44 13.72 -21.58
CA LYS E 159 -25.35 14.99 -20.85
C LYS E 159 -23.96 15.65 -20.98
N ALA E 160 -22.92 14.84 -20.88
CA ALA E 160 -21.52 15.34 -21.10
C ALA E 160 -21.41 16.07 -22.46
N ALA E 161 -21.83 15.40 -23.51
CA ALA E 161 -21.83 16.01 -24.85
C ALA E 161 -22.61 17.33 -24.89
N GLU E 162 -23.78 17.35 -24.25
CA GLU E 162 -24.56 18.57 -24.16
C GLU E 162 -23.75 19.70 -23.51
N LEU E 163 -23.06 19.42 -22.40
CA LEU E 163 -22.37 20.49 -21.70
C LEU E 163 -21.08 20.95 -22.38
N LEU E 164 -20.40 20.02 -23.05
CA LEU E 164 -19.13 20.32 -23.71
C LEU E 164 -19.33 20.88 -25.12
N PHE E 165 -20.22 20.26 -25.91
CA PHE E 165 -20.48 20.73 -27.30
C PHE E 165 -21.11 22.13 -27.35
N THR E 166 -22.08 22.43 -26.50
CA THR E 166 -22.73 23.76 -26.52
C THR E 166 -21.94 24.86 -25.77
N ALA E 167 -21.03 24.46 -24.86
CA ALA E 167 -20.30 25.43 -24.07
C ALA E 167 -21.23 26.39 -23.34
N LYS E 168 -22.46 25.95 -23.04
CA LYS E 168 -23.44 26.81 -22.39
C LYS E 168 -23.28 27.05 -20.88
N LYS E 169 -23.76 28.18 -20.42
CA LYS E 169 -23.92 28.40 -18.98
C LYS E 169 -24.98 27.45 -18.42
N PHE E 170 -24.76 26.94 -17.22
CA PHE E 170 -25.76 26.07 -16.58
C PHE E 170 -25.86 26.33 -15.09
N ASN E 171 -27.00 26.03 -14.48
CA ASN E 171 -27.20 26.34 -13.06
C ASN E 171 -26.91 25.15 -12.12
N ALA E 172 -27.07 25.38 -10.81
CA ALA E 172 -26.78 24.36 -9.82
C ALA E 172 -27.56 23.06 -9.96
N GLU E 173 -28.85 23.17 -10.31
CA GLU E 173 -29.71 21.99 -10.45
C GLU E 173 -29.27 21.15 -11.61
N THR E 174 -28.81 21.81 -12.68
CA THR E 174 -28.24 21.09 -13.79
C THR E 174 -26.91 20.37 -13.42
N ALA E 175 -26.07 21.06 -12.66
CA ALA E 175 -24.83 20.48 -12.15
C ALA E 175 -25.10 19.28 -11.22
N LEU E 176 -26.14 19.41 -10.41
CA LEU E 176 -26.60 18.31 -9.53
C LEU E 176 -27.00 17.04 -10.30
N GLN E 177 -27.90 17.18 -11.25
CA GLN E 177 -28.37 16.02 -12.02
C GLN E 177 -27.28 15.41 -12.90
N ALA E 178 -26.25 16.19 -13.20
CA ALA E 178 -25.15 15.72 -13.99
C ALA E 178 -24.12 15.04 -13.07
N GLY E 179 -24.31 15.10 -11.75
CA GLY E 179 -23.34 14.48 -10.82
C GLY E 179 -22.08 15.30 -10.56
N LEU E 180 -22.05 16.52 -11.05
CA LEU E 180 -20.96 17.44 -10.73
C LEU E 180 -20.97 17.99 -9.29
N VAL E 181 -22.16 18.18 -8.72
CA VAL E 181 -22.39 18.63 -7.36
C VAL E 181 -23.07 17.51 -6.57
N ASN E 182 -22.63 17.22 -5.35
CA ASN E 182 -23.30 16.23 -4.50
C ASN E 182 -24.65 16.68 -3.91
N GLU E 183 -24.66 17.93 -3.42
CA GLU E 183 -25.85 18.50 -2.83
C GLU E 183 -25.85 20.01 -3.03
N ILE E 184 -27.03 20.54 -3.27
CA ILE E 184 -27.25 21.98 -3.27
C ILE E 184 -27.70 22.37 -1.90
N VAL E 185 -26.97 23.27 -1.24
CA VAL E 185 -27.19 23.55 0.18
C VAL E 185 -27.37 25.07 0.43
N GLU E 186 -27.69 25.45 1.67
CA GLU E 186 -27.91 26.87 2.01
C GLU E 186 -26.61 27.60 2.15
N ASP E 187 -25.63 26.95 2.78
CA ASP E 187 -24.35 27.60 2.95
C ASP E 187 -23.24 26.61 2.59
N ALA E 188 -22.80 26.69 1.33
CA ALA E 188 -21.82 25.72 0.79
C ALA E 188 -20.59 25.66 1.65
N TYR E 189 -20.13 26.83 2.12
CA TYR E 189 -18.91 26.85 2.92
C TYR E 189 -19.07 26.15 4.29
N ALA E 190 -20.22 26.32 4.94
CA ALA E 190 -20.43 25.66 6.25
C ALA E 190 -20.63 24.16 6.09
N THR E 191 -21.30 23.76 5.02
CA THR E 191 -21.47 22.34 4.74
C THR E 191 -20.12 21.64 4.49
N ALA E 192 -19.29 22.26 3.65
CA ALA E 192 -17.97 21.71 3.39
C ALA E 192 -17.21 21.53 4.69
N GLN E 193 -17.25 22.54 5.55
CA GLN E 193 -16.48 22.47 6.78
C GLN E 193 -17.04 21.40 7.72
N ALA E 194 -18.36 21.36 7.81
CA ALA E 194 -19.03 20.36 8.63
C ALA E 194 -18.68 18.96 8.12
N THR E 195 -18.74 18.79 6.80
CA THR E 195 -18.41 17.50 6.18
C THR E 195 -16.96 17.11 6.41
N ALA E 196 -16.06 18.09 6.22
CA ALA E 196 -14.65 17.91 6.53
C ALA E 196 -14.40 17.45 7.98
N GLN E 197 -15.05 18.11 8.94
CA GLN E 197 -14.89 17.73 10.34
C GLN E 197 -15.37 16.32 10.55
N HIS E 198 -16.49 15.92 9.92
CA HIS E 198 -16.99 14.56 10.16
C HIS E 198 -15.99 13.58 9.60
N LEU E 199 -15.41 13.90 8.47
CA LEU E 199 -14.42 13.00 7.90
C LEU E 199 -13.14 12.94 8.74
N THR E 200 -12.66 14.09 9.28
CA THR E 200 -11.41 14.05 10.07
C THR E 200 -11.57 13.15 11.30
N ALA E 201 -12.80 12.81 11.65
CA ALA E 201 -13.02 12.00 12.84
C ALA E 201 -13.01 10.50 12.52
N LEU E 202 -13.02 10.15 11.24
CA LEU E 202 -12.94 8.75 10.84
C LEU E 202 -11.49 8.34 10.64
N PRO E 203 -11.22 7.04 10.50
CA PRO E 203 -9.84 6.62 10.25
C PRO E 203 -9.29 7.10 8.90
N LEU E 204 -8.24 7.94 8.95
CA LEU E 204 -7.62 8.44 7.72
C LEU E 204 -7.14 7.29 6.86
N ALA E 205 -6.47 6.29 7.45
CA ALA E 205 -5.95 5.18 6.65
C ALA E 205 -7.01 4.52 5.78
N SER E 206 -8.24 4.45 6.28
CA SER E 206 -9.28 3.71 5.59
C SER E 206 -9.85 4.58 4.50
N LEU E 207 -9.93 5.89 4.77
CA LEU E 207 -10.39 6.85 3.76
C LEU E 207 -9.40 6.84 2.57
N LYS E 208 -8.10 6.86 2.88
CA LYS E 208 -7.09 6.89 1.82
C LYS E 208 -7.14 5.62 0.98
N GLN E 209 -7.24 4.47 1.65
CA GLN E 209 -7.25 3.17 0.95
C GLN E 209 -8.54 3.03 0.09
N THR E 210 -9.64 3.52 0.63
CA THR E 210 -10.90 3.53 -0.07
C THR E 210 -10.79 4.38 -1.35
N LYS E 211 -10.23 5.58 -1.23
CA LYS E 211 -10.07 6.45 -2.39
C LYS E 211 -9.13 5.80 -3.42
N ALA E 212 -8.08 5.12 -2.93
CA ALA E 212 -7.07 4.58 -3.83
C ALA E 212 -7.73 3.48 -4.65
N LEU E 213 -8.59 2.69 -4.02
CA LEU E 213 -9.36 1.68 -4.77
C LEU E 213 -10.39 2.29 -5.75
N MET E 214 -11.12 3.32 -5.32
CA MET E 214 -12.08 3.99 -6.24
C MET E 214 -11.36 4.59 -7.42
N LYS E 215 -10.13 5.06 -7.18
CA LYS E 215 -9.34 5.66 -8.27
C LYS E 215 -8.29 4.68 -8.82
N HIS E 216 -8.66 3.40 -8.93
CA HIS E 216 -7.74 2.36 -9.40
C HIS E 216 -7.18 2.69 -10.77
N ASP E 217 -7.94 3.42 -11.57
CA ASP E 217 -7.53 3.82 -12.90
C ASP E 217 -6.84 5.17 -12.98
N LEU E 218 -6.22 5.60 -11.88
CA LEU E 218 -5.50 6.88 -11.89
C LEU E 218 -4.40 6.98 -12.96
N ASP E 219 -3.73 5.87 -13.26
CA ASP E 219 -2.71 5.91 -14.30
C ASP E 219 -3.32 6.36 -15.64
N GLN E 220 -4.42 5.73 -16.02
CA GLN E 220 -5.16 6.12 -17.24
C GLN E 220 -5.70 7.56 -17.23
N ILE E 221 -6.15 8.04 -16.08
CA ILE E 221 -6.66 9.39 -15.95
C ILE E 221 -5.52 10.40 -16.14
N ILE E 222 -4.35 10.15 -15.52
CA ILE E 222 -3.19 11.04 -15.72
C ILE E 222 -2.77 11.04 -17.19
N GLU E 223 -2.68 9.87 -17.80
CA GLU E 223 -2.38 9.79 -19.22
C GLU E 223 -3.36 10.60 -20.06
N CYS E 224 -4.67 10.45 -19.81
CA CYS E 224 -5.71 11.27 -20.49
C CYS E 224 -5.48 12.78 -20.27
N ILE E 225 -5.22 13.19 -19.04
CA ILE E 225 -4.93 14.60 -18.82
C ILE E 225 -3.73 15.10 -19.68
N ASP E 226 -2.66 14.32 -19.74
CA ASP E 226 -1.48 14.72 -20.48
C ASP E 226 -1.77 14.76 -21.95
N HIS E 227 -2.46 13.74 -22.46
CA HIS E 227 -2.88 13.67 -23.84
C HIS E 227 -3.84 14.82 -24.24
N GLU E 228 -4.87 15.09 -23.43
CA GLU E 228 -5.68 16.30 -23.68
C GLU E 228 -4.79 17.54 -23.72
N ALA E 229 -3.81 17.59 -22.83
CA ALA E 229 -2.97 18.78 -22.73
C ALA E 229 -2.22 19.08 -24.04
N GLU E 230 -1.71 18.05 -24.69
CA GLU E 230 -1.00 18.20 -25.98
C GLU E 230 -1.91 18.78 -27.07
N ILE E 231 -3.08 18.15 -27.23
CA ILE E 231 -4.11 18.63 -28.16
C ILE E 231 -4.50 20.08 -27.86
N PHE E 232 -4.67 20.34 -26.57
CA PHE E 232 -5.05 21.64 -26.11
C PHE E 232 -4.02 22.72 -26.47
N MET E 233 -2.74 22.44 -26.23
CA MET E 233 -1.70 23.39 -26.58
C MET E 233 -1.54 23.54 -28.10
N GLN E 234 -1.84 22.51 -28.89
CA GLN E 234 -1.97 22.74 -30.34
C GLN E 234 -3.07 23.79 -30.63
N ARG E 235 -4.25 23.60 -30.04
CA ARG E 235 -5.37 24.53 -30.23
C ARG E 235 -5.03 25.99 -29.89
N VAL E 236 -4.10 26.22 -28.96
CA VAL E 236 -3.84 27.61 -28.55
C VAL E 236 -3.15 28.37 -29.67
N GLN E 237 -2.77 27.64 -30.71
CA GLN E 237 -2.09 28.24 -31.85
C GLN E 237 -2.96 28.21 -33.13
N SER E 238 -4.26 27.99 -32.95
CA SER E 238 -5.18 27.93 -34.07
C SER E 238 -5.76 29.30 -34.41
N PRO E 239 -6.22 29.46 -35.66
CA PRO E 239 -6.96 30.62 -36.16
C PRO E 239 -8.22 30.86 -35.33
N GLU E 240 -8.93 29.79 -35.00
CA GLU E 240 -10.05 29.90 -34.10
C GLU E 240 -9.70 30.48 -32.73
N MET E 241 -8.69 29.96 -32.04
CA MET E 241 -8.32 30.56 -30.75
C MET E 241 -8.01 32.05 -30.95
N LEU E 242 -7.08 32.31 -31.85
CA LEU E 242 -6.62 33.68 -32.12
C LEU E 242 -7.79 34.65 -32.22
N GLU E 243 -8.90 34.19 -32.79
CA GLU E 243 -10.08 35.03 -32.91
C GLU E 243 -10.80 35.30 -31.57
N ALA E 244 -10.68 34.39 -30.60
CA ALA E 244 -11.40 34.56 -29.34
C ALA E 244 -10.86 35.74 -28.52
N HIS F 6 -38.69 7.42 -49.10
CA HIS F 6 -38.80 7.13 -47.65
C HIS F 6 -37.71 7.78 -46.80
N LEU F 7 -36.86 8.61 -47.42
CA LEU F 7 -35.84 9.37 -46.72
C LEU F 7 -35.67 10.80 -47.26
N ASN F 8 -36.25 11.78 -46.57
CA ASN F 8 -36.02 13.16 -46.95
C ASN F 8 -34.66 13.63 -46.42
N ALA F 9 -33.91 14.36 -47.24
CA ALA F 9 -32.66 14.97 -46.82
C ALA F 9 -32.67 16.43 -47.25
N ASN F 10 -32.13 17.28 -46.38
CA ASN F 10 -32.24 18.71 -46.57
C ASN F 10 -31.23 19.54 -45.74
N LEU F 11 -30.67 20.58 -46.34
CA LEU F 11 -29.57 21.35 -45.76
C LEU F 11 -29.86 22.84 -45.57
N GLU F 12 -29.85 23.32 -44.32
CA GLU F 12 -29.93 24.78 -44.07
C GLU F 12 -28.80 25.19 -43.16
N GLY F 13 -28.02 26.18 -43.57
CA GLY F 13 -27.00 26.80 -42.71
C GLY F 13 -26.07 25.85 -41.94
N GLY F 14 -25.65 24.78 -42.60
CA GLY F 14 -24.67 23.82 -42.06
C GLY F 14 -25.31 22.61 -41.38
N VAL F 15 -26.61 22.69 -41.15
CA VAL F 15 -27.39 21.62 -40.59
C VAL F 15 -28.06 20.74 -41.62
N LEU F 16 -27.66 19.47 -41.68
CA LEU F 16 -28.32 18.48 -42.54
C LEU F 16 -29.40 17.74 -41.73
N THR F 17 -30.65 17.81 -42.19
CA THR F 17 -31.74 17.12 -41.50
C THR F 17 -32.18 15.93 -42.32
N LEU F 18 -32.20 14.76 -41.68
CA LEU F 18 -32.58 13.51 -42.34
C LEU F 18 -33.86 13.01 -41.70
N ALA F 19 -34.91 12.81 -42.52
CA ALA F 19 -36.21 12.43 -41.96
C ALA F 19 -36.75 11.17 -42.62
N ILE F 20 -36.90 10.13 -41.81
CA ILE F 20 -37.48 8.89 -42.25
C ILE F 20 -38.96 9.12 -42.56
N ASN F 21 -39.38 8.74 -43.76
CA ASN F 21 -40.73 9.06 -44.23
C ASN F 21 -41.43 7.82 -44.79
N ARG F 22 -42.06 7.05 -43.91
CA ARG F 22 -42.71 5.81 -44.33
C ARG F 22 -43.81 5.47 -43.35
N PRO F 23 -44.71 6.44 -43.11
CA PRO F 23 -45.76 6.47 -42.11
C PRO F 23 -46.84 5.43 -42.36
N GLU F 24 -46.86 4.85 -43.56
CA GLU F 24 -47.74 3.73 -43.86
C GLU F 24 -47.35 2.50 -43.05
N ALA F 25 -46.31 2.62 -42.25
CA ALA F 25 -45.83 1.48 -41.46
C ALA F 25 -45.11 1.99 -40.24
N LYS F 26 -45.71 3.00 -39.60
CA LYS F 26 -45.04 3.88 -38.62
C LYS F 26 -43.50 3.78 -38.61
N ASN F 27 -42.92 3.87 -39.81
CA ASN F 27 -41.47 4.02 -40.01
C ASN F 27 -40.59 2.77 -39.88
N ALA F 28 -41.19 1.59 -39.94
CA ALA F 28 -40.44 0.35 -39.94
C ALA F 28 -39.33 0.40 -40.97
N LEU F 29 -38.19 -0.16 -40.61
CA LEU F 29 -37.05 -0.11 -41.50
C LEU F 29 -36.85 -1.46 -42.15
N TYR F 30 -36.32 -1.44 -43.37
CA TYR F 30 -36.03 -2.65 -44.11
C TYR F 30 -34.67 -2.51 -44.81
N GLY F 31 -34.12 -3.64 -45.25
CA GLY F 31 -32.82 -3.70 -45.90
C GLY F 31 -32.26 -2.46 -46.57
N GLU F 32 -32.87 -2.07 -47.70
CA GLU F 32 -32.38 -0.94 -48.49
C GLU F 32 -32.42 0.40 -47.76
N LEU F 33 -33.48 0.61 -46.97
CA LEU F 33 -33.66 1.85 -46.22
C LEU F 33 -32.58 2.05 -45.11
N TYR F 34 -32.20 0.98 -44.42
CA TYR F 34 -31.04 1.02 -43.51
C TYR F 34 -29.82 1.55 -44.27
N LEU F 35 -29.60 0.97 -45.46
CA LEU F 35 -28.42 1.25 -46.25
C LEU F 35 -28.37 2.67 -46.78
N TRP F 36 -29.52 3.23 -47.12
CA TRP F 36 -29.55 4.61 -47.60
C TRP F 36 -29.26 5.60 -46.49
N ILE F 37 -29.74 5.30 -45.29
CA ILE F 37 -29.44 6.21 -44.16
C ILE F 37 -27.98 6.16 -43.79
N ALA F 38 -27.42 4.95 -43.68
CA ALA F 38 -25.99 4.79 -43.45
C ALA F 38 -25.21 5.58 -44.49
N LYS F 39 -25.53 5.41 -45.76
CA LYS F 39 -24.75 6.08 -46.80
C LYS F 39 -24.85 7.59 -46.65
N ALA F 40 -26.04 8.06 -46.29
CA ALA F 40 -26.28 9.47 -46.09
C ALA F 40 -25.41 10.04 -44.96
N LEU F 41 -25.28 9.27 -43.89
CA LEU F 41 -24.38 9.66 -42.81
C LEU F 41 -22.90 9.61 -43.24
N ASP F 42 -22.48 8.58 -43.99
CA ASP F 42 -21.08 8.59 -44.45
C ASP F 42 -20.76 9.82 -45.31
N GLU F 43 -21.65 10.14 -46.24
CA GLU F 43 -21.44 11.29 -47.12
C GLU F 43 -21.46 12.61 -46.40
N ALA F 44 -22.33 12.75 -45.42
CA ALA F 44 -22.40 13.99 -44.66
C ALA F 44 -21.07 14.26 -43.97
N ASP F 45 -20.46 13.17 -43.49
CA ASP F 45 -19.22 13.30 -42.74
C ASP F 45 -18.13 13.82 -43.70
N GLN F 46 -18.18 13.39 -44.96
CA GLN F 46 -17.22 13.87 -45.99
C GLN F 46 -17.61 15.20 -46.70
N ASN F 47 -18.77 15.76 -46.36
CA ASN F 47 -19.27 17.00 -46.96
C ASN F 47 -18.90 18.24 -46.18
N LYS F 48 -18.02 19.08 -46.73
CA LYS F 48 -17.56 20.23 -45.98
C LYS F 48 -18.65 21.26 -45.70
N ASP F 49 -19.79 21.18 -46.39
CA ASP F 49 -20.87 22.12 -46.14
C ASP F 49 -21.77 21.66 -45.00
N VAL F 50 -21.59 20.42 -44.57
CA VAL F 50 -22.34 19.90 -43.43
C VAL F 50 -21.50 20.00 -42.15
N ARG F 51 -22.06 20.65 -41.14
CA ARG F 51 -21.42 20.79 -39.84
C ARG F 51 -22.13 19.98 -38.72
N VAL F 52 -23.41 19.71 -38.90
CA VAL F 52 -24.23 19.03 -37.90
C VAL F 52 -25.29 18.17 -38.60
N VAL F 53 -25.53 16.98 -38.08
CA VAL F 53 -26.63 16.15 -38.63
C VAL F 53 -27.74 15.97 -37.61
N VAL F 54 -28.98 16.15 -38.07
CA VAL F 54 -30.16 15.91 -37.27
C VAL F 54 -30.90 14.75 -37.91
N LEU F 55 -31.16 13.68 -37.14
CA LEU F 55 -31.87 12.52 -37.65
C LEU F 55 -33.21 12.33 -36.92
N ARG F 56 -34.28 12.07 -37.67
CA ARG F 56 -35.62 12.03 -37.10
C ARG F 56 -36.67 11.40 -38.03
N GLY F 57 -37.87 11.26 -37.49
CA GLY F 57 -39.01 10.82 -38.28
C GLY F 57 -39.53 12.02 -39.07
N ALA F 58 -40.13 11.76 -40.22
CA ALA F 58 -40.65 12.87 -41.03
C ALA F 58 -41.82 13.50 -40.31
N GLU F 59 -42.71 12.66 -39.79
CA GLU F 59 -43.93 13.13 -39.15
C GLU F 59 -43.95 12.75 -37.68
N HIS F 60 -45.01 12.07 -37.24
CA HIS F 60 -45.20 11.82 -35.79
C HIS F 60 -44.59 10.56 -35.18
N ASP F 61 -43.81 9.79 -35.94
CA ASP F 61 -43.15 8.60 -35.40
C ASP F 61 -41.66 8.66 -35.72
N PHE F 62 -40.81 8.16 -34.82
CA PHE F 62 -39.39 7.97 -35.15
C PHE F 62 -39.22 6.68 -35.94
N THR F 63 -39.50 5.53 -35.31
CA THR F 63 -39.46 4.27 -36.07
C THR F 63 -40.04 3.07 -35.33
N ALA F 64 -40.99 2.40 -35.98
CA ALA F 64 -41.59 1.20 -35.43
C ALA F 64 -40.60 0.05 -35.35
N GLY F 65 -39.36 0.29 -35.77
CA GLY F 65 -38.33 -0.74 -35.71
C GLY F 65 -38.17 -1.60 -36.95
N ASN F 66 -37.54 -2.77 -36.79
CA ASN F 66 -37.27 -3.64 -37.94
C ASN F 66 -38.58 -4.08 -38.60
N ASP F 67 -38.65 -3.96 -39.92
CA ASP F 67 -39.90 -4.22 -40.63
C ASP F 67 -40.45 -5.61 -40.32
N ALA F 83 -22.18 -11.26 -40.57
CA ALA F 83 -23.00 -10.63 -39.54
C ALA F 83 -22.89 -9.10 -39.57
N GLY F 84 -21.67 -8.58 -39.60
CA GLY F 84 -21.43 -7.15 -39.52
C GLY F 84 -21.79 -6.32 -40.75
N GLN F 85 -22.20 -7.00 -41.83
CA GLN F 85 -22.61 -6.32 -43.08
C GLN F 85 -24.11 -6.45 -43.30
N VAL F 86 -24.79 -7.08 -42.34
CA VAL F 86 -26.24 -7.02 -42.25
C VAL F 86 -26.66 -5.59 -41.95
N PRO F 87 -27.57 -5.06 -42.80
CA PRO F 87 -27.99 -3.65 -42.93
C PRO F 87 -28.12 -2.84 -41.63
N PRO F 88 -28.94 -3.31 -40.67
CA PRO F 88 -29.12 -2.49 -39.46
C PRO F 88 -27.79 -2.28 -38.72
N PHE F 89 -26.91 -3.26 -38.78
CA PHE F 89 -25.61 -3.09 -38.15
C PHE F 89 -24.72 -2.14 -38.94
N VAL F 90 -24.92 -2.12 -40.26
CA VAL F 90 -24.25 -1.13 -41.10
C VAL F 90 -24.62 0.27 -40.69
N LEU F 91 -25.91 0.49 -40.43
CA LEU F 91 -26.40 1.79 -40.02
C LEU F 91 -25.86 2.17 -38.63
N LEU F 92 -25.93 1.23 -37.70
CA LEU F 92 -25.47 1.53 -36.35
C LEU F 92 -24.00 1.94 -36.36
N LYS F 93 -23.20 1.24 -37.15
CA LYS F 93 -21.80 1.57 -37.29
C LYS F 93 -21.53 2.94 -37.97
N SER F 94 -22.31 3.29 -39.00
CA SER F 94 -22.20 4.64 -39.62
C SER F 94 -22.49 5.76 -38.67
N ALA F 95 -23.48 5.54 -37.84
CA ALA F 95 -23.83 6.55 -36.87
C ALA F 95 -22.68 6.72 -35.85
N ALA F 96 -22.09 5.60 -35.39
CA ALA F 96 -21.03 5.61 -34.37
C ALA F 96 -19.82 6.38 -34.83
N ARG F 97 -19.49 6.21 -36.12
CA ARG F 97 -18.26 6.71 -36.72
C ARG F 97 -18.42 8.13 -37.25
N LEU F 98 -19.64 8.67 -37.24
CA LEU F 98 -19.83 10.05 -37.72
C LEU F 98 -19.01 11.03 -36.87
N SER F 99 -18.10 11.79 -37.48
CA SER F 99 -17.17 12.61 -36.69
C SER F 99 -17.82 13.91 -36.25
N LYS F 100 -18.93 14.25 -36.90
CA LYS F 100 -19.61 15.50 -36.60
C LYS F 100 -20.74 15.27 -35.62
N PRO F 101 -21.25 16.33 -34.99
CA PRO F 101 -22.32 16.12 -33.99
C PRO F 101 -23.61 15.50 -34.58
N LEU F 102 -24.16 14.51 -33.90
CA LEU F 102 -25.40 13.88 -34.36
C LEU F 102 -26.50 14.08 -33.32
N ILE F 103 -27.64 14.66 -33.76
CA ILE F 103 -28.76 14.95 -32.88
C ILE F 103 -29.96 14.14 -33.38
N ILE F 104 -30.67 13.48 -32.45
CA ILE F 104 -31.85 12.71 -32.86
C ILE F 104 -33.05 13.31 -32.16
N ALA F 105 -34.17 13.45 -32.89
CA ALA F 105 -35.40 13.98 -32.29
C ALA F 105 -36.47 12.92 -32.44
N VAL F 106 -37.13 12.59 -31.34
CA VAL F 106 -38.09 11.49 -31.30
C VAL F 106 -39.51 11.95 -30.94
N LYS F 107 -40.47 11.56 -31.76
CA LYS F 107 -41.90 11.65 -31.43
C LYS F 107 -42.45 10.28 -31.68
N GLY F 108 -43.48 9.92 -30.94
CA GLY F 108 -44.09 8.63 -31.17
C GLY F 108 -43.19 7.44 -30.82
N VAL F 109 -43.34 6.37 -31.59
CA VAL F 109 -42.65 5.13 -31.32
C VAL F 109 -41.18 5.18 -31.71
N ALA F 110 -40.35 4.58 -30.85
CA ALA F 110 -38.97 4.33 -31.17
C ALA F 110 -38.68 2.97 -30.57
N ILE F 111 -38.63 1.95 -31.43
CA ILE F 111 -38.68 0.55 -31.04
C ILE F 111 -37.45 -0.17 -31.56
N GLY F 112 -36.77 -0.91 -30.67
CA GLY F 112 -35.63 -1.74 -31.07
C GLY F 112 -34.46 -0.86 -31.46
N ILE F 113 -34.07 -0.92 -32.73
CA ILE F 113 -33.05 -0.04 -33.29
C ILE F 113 -33.42 1.42 -33.07
N GLY F 114 -34.71 1.69 -32.94
CA GLY F 114 -35.14 3.05 -32.67
C GLY F 114 -34.58 3.51 -31.35
N VAL F 115 -34.37 2.57 -30.42
CA VAL F 115 -33.72 2.87 -29.13
C VAL F 115 -32.19 2.76 -29.24
N THR F 116 -31.68 1.73 -29.91
CA THR F 116 -30.22 1.50 -29.84
C THR F 116 -29.42 2.56 -30.64
N ILE F 117 -30.02 3.11 -31.69
CA ILE F 117 -29.38 4.19 -32.45
C ILE F 117 -29.25 5.46 -31.59
N LEU F 118 -30.11 5.62 -30.58
CA LEU F 118 -29.95 6.76 -29.70
C LEU F 118 -28.58 6.73 -28.98
N LEU F 119 -28.03 5.52 -28.77
CA LEU F 119 -26.73 5.40 -28.06
C LEU F 119 -25.56 5.74 -28.98
N GLN F 120 -25.84 5.95 -30.26
CA GLN F 120 -24.84 6.46 -31.19
C GLN F 120 -24.94 7.98 -31.41
N ALA F 121 -26.06 8.59 -30.99
CA ALA F 121 -26.23 10.05 -31.14
C ALA F 121 -25.59 10.79 -29.96
N ASP F 122 -25.13 12.02 -30.19
CA ASP F 122 -24.60 12.89 -29.15
C ASP F 122 -25.67 13.58 -28.29
N LEU F 123 -26.77 14.02 -28.90
CA LEU F 123 -27.84 14.62 -28.11
C LEU F 123 -29.17 14.03 -28.63
N VAL F 124 -30.12 13.87 -27.73
CA VAL F 124 -31.42 13.32 -28.12
C VAL F 124 -32.52 14.17 -27.51
N PHE F 125 -33.47 14.61 -28.34
CA PHE F 125 -34.61 15.37 -27.82
C PHE F 125 -35.90 14.57 -28.08
N ALA F 126 -36.83 14.63 -27.15
CA ALA F 126 -38.11 13.95 -27.35
C ALA F 126 -39.24 14.73 -26.73
N ASP F 127 -40.45 14.44 -27.13
CA ASP F 127 -41.57 15.03 -26.43
C ASP F 127 -42.31 13.94 -25.66
N ASN F 128 -43.35 14.33 -24.94
CA ASN F 128 -44.04 13.43 -24.01
C ASN F 128 -44.89 12.36 -24.68
N THR F 129 -44.89 12.32 -26.00
CA THR F 129 -45.64 11.32 -26.73
C THR F 129 -44.78 10.11 -27.11
N ALA F 130 -43.46 10.29 -27.12
CA ALA F 130 -42.54 9.19 -27.46
C ALA F 130 -42.86 7.90 -26.73
N LEU F 131 -42.67 6.78 -27.39
CA LEU F 131 -42.82 5.48 -26.74
C LEU F 131 -41.66 4.57 -27.17
N PHE F 132 -40.82 4.18 -26.20
CA PHE F 132 -39.67 3.35 -26.51
C PHE F 132 -39.90 1.88 -26.11
N GLN F 133 -39.20 0.99 -26.79
CA GLN F 133 -39.12 -0.41 -26.37
C GLN F 133 -37.89 -1.07 -26.97
N ILE F 134 -37.33 -2.01 -26.23
CA ILE F 134 -36.25 -2.84 -26.71
C ILE F 134 -36.69 -4.30 -26.60
N PRO F 135 -37.25 -4.86 -27.68
CA PRO F 135 -38.00 -6.12 -27.62
C PRO F 135 -37.19 -7.38 -27.88
N PHE F 136 -35.91 -7.24 -28.14
CA PHE F 136 -35.13 -8.38 -28.64
C PHE F 136 -35.28 -9.66 -27.82
N VAL F 137 -35.20 -9.54 -26.50
CA VAL F 137 -35.34 -10.71 -25.63
C VAL F 137 -36.72 -11.39 -25.79
N SER F 138 -37.78 -10.60 -25.94
CA SER F 138 -39.10 -11.19 -26.00
C SER F 138 -39.31 -11.86 -27.35
N LEU F 139 -38.27 -11.83 -28.19
CA LEU F 139 -38.29 -12.41 -29.52
C LEU F 139 -37.27 -13.54 -29.63
N GLY F 140 -36.65 -13.89 -28.51
CA GLY F 140 -35.66 -14.94 -28.52
C GLY F 140 -34.35 -14.46 -29.11
N LEU F 141 -34.20 -13.14 -29.23
CA LEU F 141 -32.99 -12.57 -29.81
C LEU F 141 -32.08 -12.04 -28.70
N SER F 142 -30.99 -11.37 -29.06
CA SER F 142 -30.04 -10.82 -28.10
C SER F 142 -29.83 -9.33 -28.40
N PRO F 143 -28.92 -8.65 -27.68
CA PRO F 143 -28.79 -7.17 -27.87
C PRO F 143 -28.14 -6.78 -29.20
N GLU F 144 -28.39 -5.55 -29.66
CA GLU F 144 -27.77 -5.04 -30.88
C GLU F 144 -27.24 -3.64 -30.62
N GLY F 145 -26.49 -3.08 -31.57
CA GLY F 145 -26.04 -1.70 -31.48
C GLY F 145 -25.07 -1.39 -30.33
N GLY F 146 -24.45 -2.43 -29.78
CA GLY F 146 -23.55 -2.25 -28.63
C GLY F 146 -24.28 -1.89 -27.33
N ALA F 147 -25.60 -2.08 -27.31
CA ALA F 147 -26.39 -1.74 -26.13
C ALA F 147 -25.90 -2.49 -24.87
N SER F 148 -25.38 -3.71 -25.04
CA SER F 148 -24.86 -4.50 -23.89
C SER F 148 -23.77 -3.77 -23.07
N GLN F 149 -23.01 -2.88 -23.71
CA GLN F 149 -22.07 -2.04 -23.02
C GLN F 149 -22.53 -0.57 -22.96
N LEU F 150 -23.02 -0.04 -24.08
CA LEU F 150 -23.35 1.39 -24.10
C LEU F 150 -24.53 1.69 -23.22
N LEU F 151 -25.53 0.81 -23.22
CA LEU F 151 -26.70 1.13 -22.38
C LEU F 151 -26.39 0.99 -20.90
N VAL F 152 -25.54 0.01 -20.54
CA VAL F 152 -25.12 -0.10 -19.16
C VAL F 152 -24.36 1.16 -18.75
N LYS F 153 -23.55 1.70 -19.67
CA LYS F 153 -22.75 2.90 -19.33
C LYS F 153 -23.62 4.14 -19.22
N GLN F 154 -24.66 4.24 -20.06
CA GLN F 154 -25.47 5.44 -20.10
C GLN F 154 -26.57 5.47 -19.01
N ALA F 155 -27.23 4.31 -18.82
CA ALA F 155 -28.31 4.14 -17.83
C ALA F 155 -27.89 3.58 -16.48
N GLY F 156 -26.70 3.00 -16.35
CA GLY F 156 -26.36 2.28 -15.11
C GLY F 156 -26.76 0.80 -15.26
N TYR F 157 -26.08 -0.11 -14.57
CA TYR F 157 -26.38 -1.56 -14.76
C TYR F 157 -27.85 -1.90 -14.46
N HIS F 158 -28.33 -1.52 -13.30
CA HIS F 158 -29.69 -1.92 -12.89
C HIS F 158 -30.79 -1.49 -13.87
N LYS F 159 -30.79 -0.22 -14.29
CA LYS F 159 -31.80 0.24 -15.27
C LYS F 159 -31.63 -0.40 -16.65
N ALA F 160 -30.38 -0.57 -17.10
CA ALA F 160 -30.15 -1.28 -18.35
C ALA F 160 -30.70 -2.73 -18.28
N ALA F 161 -30.44 -3.43 -17.18
CA ALA F 161 -30.91 -4.80 -17.08
C ALA F 161 -32.45 -4.76 -17.12
N GLU F 162 -33.06 -3.89 -16.34
CA GLU F 162 -34.53 -3.71 -16.35
C GLU F 162 -35.10 -3.56 -17.77
N LEU F 163 -34.59 -2.58 -18.54
CA LEU F 163 -35.11 -2.38 -19.91
C LEU F 163 -34.79 -3.49 -20.89
N LEU F 164 -33.63 -4.10 -20.74
CA LEU F 164 -33.22 -5.18 -21.66
C LEU F 164 -33.85 -6.56 -21.31
N PHE F 165 -33.83 -6.94 -20.03
CA PHE F 165 -34.40 -8.26 -19.64
C PHE F 165 -35.93 -8.25 -19.82
N THR F 166 -36.58 -7.21 -19.31
CA THR F 166 -38.04 -7.23 -19.32
C THR F 166 -38.59 -6.96 -20.72
N ALA F 167 -37.85 -6.25 -21.57
CA ALA F 167 -38.35 -5.93 -22.94
C ALA F 167 -39.62 -5.08 -22.94
N LYS F 168 -39.85 -4.38 -21.83
CA LYS F 168 -41.05 -3.60 -21.62
C LYS F 168 -41.06 -2.25 -22.37
N LYS F 169 -42.26 -1.68 -22.54
CA LYS F 169 -42.43 -0.40 -23.20
C LYS F 169 -42.23 0.68 -22.18
N PHE F 170 -41.67 1.80 -22.59
CA PHE F 170 -41.44 2.85 -21.64
C PHE F 170 -41.58 4.24 -22.26
N ASN F 171 -41.75 5.24 -21.40
CA ASN F 171 -42.11 6.57 -21.83
C ASN F 171 -40.94 7.54 -21.77
N ALA F 172 -41.17 8.77 -22.22
CA ALA F 172 -40.14 9.81 -22.23
C ALA F 172 -39.51 10.02 -20.86
N GLU F 173 -40.33 10.02 -19.82
CA GLU F 173 -39.82 10.30 -18.48
C GLU F 173 -38.80 9.23 -18.04
N THR F 174 -39.11 7.97 -18.35
CA THR F 174 -38.17 6.85 -18.11
C THR F 174 -36.91 6.95 -19.00
N ALA F 175 -37.06 7.30 -20.27
CA ALA F 175 -35.89 7.45 -21.15
C ALA F 175 -34.97 8.60 -20.67
N LEU F 176 -35.58 9.69 -20.22
CA LEU F 176 -34.83 10.78 -19.64
C LEU F 176 -34.06 10.40 -18.39
N GLN F 177 -34.69 9.62 -17.53
CA GLN F 177 -34.03 9.20 -16.28
C GLN F 177 -32.94 8.17 -16.60
N ALA F 178 -33.07 7.47 -17.72
CA ALA F 178 -32.07 6.50 -18.09
C ALA F 178 -30.92 7.17 -18.87
N GLY F 179 -31.04 8.48 -19.11
CA GLY F 179 -30.07 9.23 -19.94
C GLY F 179 -30.09 8.97 -21.44
N LEU F 180 -31.12 8.28 -21.90
CA LEU F 180 -31.26 8.06 -23.33
C LEU F 180 -31.76 9.32 -24.05
N VAL F 181 -32.46 10.17 -23.31
CA VAL F 181 -32.98 11.47 -23.80
C VAL F 181 -32.36 12.58 -23.01
N ASN F 182 -31.86 13.62 -23.70
CA ASN F 182 -31.33 14.80 -23.04
C ASN F 182 -32.35 15.71 -22.36
N GLU F 183 -33.44 15.95 -23.06
CA GLU F 183 -34.48 16.89 -22.59
C GLU F 183 -35.83 16.50 -23.19
N ILE F 184 -36.89 16.59 -22.38
CA ILE F 184 -38.24 16.40 -22.92
C ILE F 184 -38.74 17.80 -23.16
N VAL F 185 -39.07 18.16 -24.38
CA VAL F 185 -39.52 19.53 -24.64
C VAL F 185 -40.87 19.50 -25.33
N GLU F 186 -41.42 20.67 -25.63
CA GLU F 186 -42.74 20.78 -26.27
C GLU F 186 -42.66 20.49 -27.76
N ASP F 187 -41.65 21.04 -28.42
CA ASP F 187 -41.48 20.84 -29.85
C ASP F 187 -40.07 20.32 -30.06
N ALA F 188 -39.97 19.03 -30.36
CA ALA F 188 -38.69 18.35 -30.39
C ALA F 188 -37.93 18.62 -31.69
N TYR F 189 -38.64 18.76 -32.81
CA TYR F 189 -37.97 19.09 -34.07
C TYR F 189 -37.45 20.53 -34.09
N ALA F 190 -38.08 21.41 -33.29
CA ALA F 190 -37.63 22.79 -33.15
C ALA F 190 -36.42 22.95 -32.21
N THR F 191 -36.44 22.23 -31.10
CA THR F 191 -35.32 22.24 -30.19
C THR F 191 -34.12 21.64 -30.93
N ALA F 192 -34.35 20.53 -31.62
CA ALA F 192 -33.31 19.85 -32.38
C ALA F 192 -32.70 20.75 -33.43
N GLN F 193 -33.56 21.42 -34.20
CA GLN F 193 -33.09 22.30 -35.25
C GLN F 193 -32.31 23.50 -34.68
N ALA F 194 -32.81 24.06 -33.58
CA ALA F 194 -32.17 25.21 -32.95
C ALA F 194 -30.81 24.86 -32.32
N THR F 195 -30.75 23.71 -31.66
CA THR F 195 -29.50 23.23 -31.06
C THR F 195 -28.45 23.03 -32.12
N ALA F 196 -28.79 22.35 -33.21
CA ALA F 196 -27.92 22.22 -34.39
C ALA F 196 -27.39 23.57 -34.88
N GLN F 197 -28.29 24.56 -34.97
CA GLN F 197 -27.93 25.94 -35.43
C GLN F 197 -26.86 26.54 -34.57
N HIS F 198 -27.00 26.40 -33.25
CA HIS F 198 -26.03 26.88 -32.28
C HIS F 198 -24.65 26.21 -32.46
N LEU F 199 -24.64 24.88 -32.67
CA LEU F 199 -23.36 24.14 -32.86
C LEU F 199 -22.67 24.52 -34.18
N THR F 200 -23.43 24.78 -35.25
CA THR F 200 -22.83 25.27 -36.51
C THR F 200 -22.10 26.59 -36.34
N ALA F 201 -22.51 27.40 -35.37
CA ALA F 201 -21.85 28.69 -35.07
C ALA F 201 -20.52 28.55 -34.30
N LEU F 202 -20.23 27.36 -33.80
CA LEU F 202 -19.03 27.09 -32.99
C LEU F 202 -17.93 26.52 -33.85
N PRO F 203 -16.66 26.59 -33.41
CA PRO F 203 -15.63 26.16 -34.34
C PRO F 203 -15.69 24.67 -34.66
N LEU F 204 -15.60 24.31 -35.94
CA LEU F 204 -15.73 22.91 -36.29
C LEU F 204 -14.61 22.02 -35.72
N ALA F 205 -13.38 22.52 -35.73
CA ALA F 205 -12.24 21.72 -35.31
C ALA F 205 -12.29 21.43 -33.78
N SER F 206 -12.80 22.38 -33.00
CA SER F 206 -13.08 22.10 -31.58
C SER F 206 -14.11 21.00 -31.38
N LEU F 207 -15.20 21.03 -32.15
CA LEU F 207 -16.26 20.02 -32.02
C LEU F 207 -15.73 18.66 -32.40
N LYS F 208 -14.96 18.62 -33.49
CA LYS F 208 -14.50 17.37 -34.00
C LYS F 208 -13.51 16.75 -33.00
N GLN F 209 -12.57 17.55 -32.55
CA GLN F 209 -11.56 17.09 -31.64
C GLN F 209 -12.14 16.68 -30.25
N THR F 210 -13.18 17.40 -29.82
CA THR F 210 -13.83 17.13 -28.54
C THR F 210 -14.54 15.76 -28.61
N LYS F 211 -15.30 15.56 -29.70
CA LYS F 211 -16.01 14.30 -29.89
C LYS F 211 -15.04 13.10 -30.04
N ALA F 212 -13.96 13.28 -30.81
CA ALA F 212 -12.95 12.21 -30.94
C ALA F 212 -12.35 11.79 -29.58
N LEU F 213 -12.11 12.75 -28.70
CA LEU F 213 -11.53 12.47 -27.38
C LEU F 213 -12.59 11.78 -26.53
N MET F 214 -13.85 12.18 -26.70
CA MET F 214 -14.93 11.54 -25.94
C MET F 214 -15.14 10.13 -26.44
N LYS F 215 -14.92 9.92 -27.74
CA LYS F 215 -15.03 8.60 -28.37
C LYS F 215 -13.66 7.98 -28.70
N HIS F 216 -12.73 8.15 -27.76
CA HIS F 216 -11.40 7.58 -27.91
C HIS F 216 -11.49 6.07 -28.06
N ASP F 217 -12.55 5.47 -27.54
CA ASP F 217 -12.74 4.02 -27.59
C ASP F 217 -13.60 3.57 -28.74
N LEU F 218 -13.64 4.35 -29.81
CA LEU F 218 -14.49 3.99 -30.95
C LEU F 218 -14.18 2.58 -31.54
N ASP F 219 -12.92 2.20 -31.60
CA ASP F 219 -12.57 0.87 -32.10
C ASP F 219 -13.25 -0.24 -31.31
N GLN F 220 -13.25 -0.09 -29.98
CA GLN F 220 -13.96 -1.02 -29.08
C GLN F 220 -15.47 -0.99 -29.25
N ILE F 221 -16.02 0.21 -29.43
CA ILE F 221 -17.44 0.35 -29.73
C ILE F 221 -17.77 -0.45 -30.99
N ILE F 222 -16.97 -0.29 -32.06
CA ILE F 222 -17.23 -1.08 -33.30
C ILE F 222 -17.14 -2.60 -33.09
N GLU F 223 -16.11 -3.07 -32.39
CA GLU F 223 -15.96 -4.51 -32.07
C GLU F 223 -17.18 -5.03 -31.33
N CYS F 224 -17.70 -4.26 -30.37
CA CYS F 224 -18.86 -4.70 -29.60
C CYS F 224 -20.11 -4.82 -30.48
N ILE F 225 -20.32 -3.84 -31.35
CA ILE F 225 -21.39 -4.00 -32.36
C ILE F 225 -21.21 -5.27 -33.23
N ASP F 226 -20.01 -5.49 -33.74
CA ASP F 226 -19.72 -6.68 -34.57
C ASP F 226 -19.90 -7.99 -33.77
N HIS F 227 -19.41 -8.03 -32.54
CA HIS F 227 -19.56 -9.25 -31.72
C HIS F 227 -21.05 -9.54 -31.41
N GLU F 228 -21.83 -8.51 -31.07
CA GLU F 228 -23.25 -8.69 -30.80
C GLU F 228 -23.97 -9.18 -32.09
N ALA F 229 -23.57 -8.62 -33.23
CA ALA F 229 -24.12 -8.98 -34.53
C ALA F 229 -23.95 -10.47 -34.85
N GLU F 230 -22.78 -11.03 -34.56
CA GLU F 230 -22.60 -12.46 -34.83
C GLU F 230 -23.38 -13.35 -33.87
N ILE F 231 -23.49 -12.94 -32.61
CA ILE F 231 -24.41 -13.60 -31.67
C ILE F 231 -25.88 -13.41 -32.10
N PHE F 232 -26.21 -12.22 -32.55
CA PHE F 232 -27.57 -11.93 -32.93
C PHE F 232 -27.98 -12.79 -34.14
N MET F 233 -27.09 -12.89 -35.13
CA MET F 233 -27.41 -13.63 -36.35
C MET F 233 -27.34 -15.16 -36.16
N GLN F 234 -26.73 -15.63 -35.07
CA GLN F 234 -26.80 -17.03 -34.68
C GLN F 234 -28.21 -17.34 -34.17
N ARG F 235 -28.77 -16.41 -33.40
CA ARG F 235 -30.17 -16.51 -33.01
C ARG F 235 -31.02 -16.67 -34.26
S SO4 G . 28.89 -31.82 19.44
O1 SO4 G . 29.43 -30.91 18.42
O2 SO4 G . 29.89 -32.81 19.82
O3 SO4 G . 28.41 -31.10 20.61
O4 SO4 G . 27.69 -32.47 18.88
C1 GOL H . 26.51 -25.79 35.27
O1 GOL H . 25.52 -24.93 34.74
C2 GOL H . 25.79 -27.04 35.75
O2 GOL H . 25.14 -26.69 36.97
C3 GOL H . 24.76 -27.42 34.68
O3 GOL H . 24.55 -28.83 34.58
S SO4 I . 0.47 -6.67 -20.97
O1 SO4 I . -0.68 -6.23 -21.77
O2 SO4 I . 1.69 -6.36 -21.73
O3 SO4 I . 0.46 -5.97 -19.67
O4 SO4 I . 0.37 -8.10 -20.71
S SO4 J . 3.63 14.50 -14.29
O1 SO4 J . 2.96 13.19 -14.51
O2 SO4 J . 3.69 15.26 -15.55
O3 SO4 J . 2.91 15.29 -13.30
O4 SO4 J . 5.00 14.20 -13.83
S SO4 K . -5.63 7.42 11.40
O1 SO4 K . -6.04 6.40 10.40
O2 SO4 K . -4.38 8.06 10.98
O3 SO4 K . -6.75 8.39 11.60
O4 SO4 K . -5.35 6.75 12.68
#